data_2M32
#
_entry.id   2M32
#
loop_
_entity.id
_entity.type
_entity.pdbx_description
1 polymer 'Integrin alpha-1'
2 polymer 'GLOGEN peptide'
3 non-polymer 'MAGNESIUM ION'
#
loop_
_entity_poly.entity_id
_entity_poly.type
_entity_poly.pdbx_seq_one_letter_code
_entity_poly.pdbx_strand_id
1 'polypeptide(L)'
;STQLDIVIVLDGSNSIYPWDSVTAFLNDLLERMDIGPKQTQVGIVQYGENVTHEFNLNKYSSTEEVLVAAKKIVQRGGRQ
TMTALGIDTARKEAFTEARGARRGVKKVMVIVTDGESHDNHRLKKVIQDCEDENIQRFSIAILGSYNRGNLSTEKFVEEI
KSIASEPTEKHFFNVSDELALVTIVKTLGERI
;
A
2 'polypeptide(L)' (ACE)GP(HYP)GP(HYP)GL(HYP)GENGP(HYP)GP(HYP)GP(HYP)(NH2) B,C,D
#
# COMPACT_ATOMS: atom_id res chain seq x y z
N SER A 1 -7.14 -15.59 -22.95
CA SER A 1 -6.03 -15.58 -22.00
C SER A 1 -6.42 -14.73 -20.78
N THR A 2 -6.70 -15.37 -19.64
CA THR A 2 -7.15 -14.68 -18.43
C THR A 2 -5.96 -14.25 -17.56
N GLN A 3 -4.86 -13.84 -18.20
CA GLN A 3 -3.67 -13.34 -17.53
C GLN A 3 -3.67 -11.81 -17.54
N LEU A 4 -2.94 -11.24 -16.58
CA LEU A 4 -2.88 -9.82 -16.35
C LEU A 4 -1.70 -9.45 -15.46
N ASP A 5 -1.18 -8.24 -15.65
CA ASP A 5 -0.04 -7.70 -14.93
C ASP A 5 -0.54 -6.93 -13.70
N ILE A 6 -0.38 -7.51 -12.51
CA ILE A 6 -0.81 -6.91 -11.25
C ILE A 6 0.41 -6.63 -10.38
N VAL A 7 0.42 -5.45 -9.75
CA VAL A 7 1.44 -5.05 -8.80
C VAL A 7 0.77 -4.53 -7.53
N ILE A 8 1.30 -4.96 -6.38
CA ILE A 8 0.83 -4.54 -5.07
C ILE A 8 1.98 -3.82 -4.37
N VAL A 9 1.78 -2.56 -4.00
CA VAL A 9 2.78 -1.75 -3.34
C VAL A 9 2.31 -1.46 -1.91
N LEU A 10 3.06 -1.97 -0.93
CA LEU A 10 2.74 -1.85 0.49
C LEU A 10 3.77 -0.99 1.20
N ASP A 11 3.38 -0.40 2.32
CA ASP A 11 4.26 0.39 3.18
C ASP A 11 4.27 -0.24 4.55
N GLY A 12 5.44 -0.27 5.19
CA GLY A 12 5.63 -0.74 6.54
C GLY A 12 6.37 0.27 7.38
N SER A 13 5.95 1.53 7.29
CA SER A 13 6.52 2.60 8.08
C SER A 13 5.92 2.63 9.49
N ASN A 14 6.28 3.68 10.24
CA ASN A 14 5.86 3.88 11.61
C ASN A 14 4.35 4.14 11.69
N SER A 15 3.75 4.69 10.62
CA SER A 15 2.31 4.89 10.54
C SER A 15 1.52 3.59 10.36
N ILE A 16 2.21 2.48 10.10
CA ILE A 16 1.61 1.17 9.94
C ILE A 16 1.90 0.33 11.17
N TYR A 17 0.88 -0.38 11.62
CA TYR A 17 0.97 -1.29 12.76
C TYR A 17 1.35 -2.69 12.31
N PRO A 18 1.57 -3.64 13.25
CA PRO A 18 1.90 -5.05 13.00
C PRO A 18 1.65 -5.60 11.61
N TRP A 19 2.72 -6.02 10.93
CA TRP A 19 2.72 -6.49 9.55
C TRP A 19 1.78 -7.68 9.32
N ASP A 20 1.38 -8.37 10.39
CA ASP A 20 0.37 -9.43 10.37
C ASP A 20 -0.98 -8.97 9.82
N SER A 21 -1.30 -7.68 9.93
CA SER A 21 -2.54 -7.11 9.43
C SER A 21 -2.57 -7.09 7.90
N VAL A 22 -1.53 -6.53 7.27
CA VAL A 22 -1.46 -6.45 5.82
C VAL A 22 -1.21 -7.83 5.20
N THR A 23 -0.43 -8.69 5.85
CA THR A 23 -0.19 -10.04 5.34
C THR A 23 -1.47 -10.88 5.36
N ALA A 24 -2.36 -10.63 6.33
CA ALA A 24 -3.65 -11.28 6.41
C ALA A 24 -4.57 -10.77 5.28
N PHE A 25 -4.53 -9.46 5.02
CA PHE A 25 -5.29 -8.86 3.93
C PHE A 25 -4.81 -9.36 2.57
N LEU A 26 -3.49 -9.43 2.39
CA LEU A 26 -2.86 -9.97 1.19
C LEU A 26 -3.16 -11.45 1.06
N ASN A 27 -3.20 -12.18 2.18
CA ASN A 27 -3.55 -13.59 2.22
C ASN A 27 -4.92 -13.82 1.61
N ASP A 28 -5.91 -13.06 2.07
CA ASP A 28 -7.28 -13.16 1.58
C ASP A 28 -7.40 -12.70 0.12
N LEU A 29 -6.59 -11.72 -0.27
CA LEU A 29 -6.52 -11.24 -1.64
C LEU A 29 -6.01 -12.33 -2.57
N LEU A 30 -4.82 -12.88 -2.27
CA LEU A 30 -4.22 -13.93 -3.08
C LEU A 30 -5.05 -15.20 -3.09
N GLU A 31 -5.72 -15.53 -1.98
CA GLU A 31 -6.60 -16.69 -1.87
C GLU A 31 -7.75 -16.60 -2.88
N ARG A 32 -8.38 -15.42 -3.00
CA ARG A 32 -9.47 -15.20 -3.93
C ARG A 32 -8.97 -15.05 -5.37
N MET A 33 -7.72 -14.63 -5.56
CA MET A 33 -7.11 -14.48 -6.88
C MET A 33 -6.89 -15.84 -7.54
N ASP A 34 -7.23 -15.92 -8.82
CA ASP A 34 -7.13 -17.13 -9.62
C ASP A 34 -5.74 -17.18 -10.26
N ILE A 35 -4.72 -17.50 -9.47
CA ILE A 35 -3.34 -17.58 -9.95
C ILE A 35 -3.11 -19.00 -10.41
N GLY A 36 -3.33 -19.21 -11.70
CA GLY A 36 -3.12 -20.47 -12.35
C GLY A 36 -1.67 -20.62 -12.82
N PRO A 37 -1.42 -21.63 -13.70
CA PRO A 37 -0.09 -21.96 -14.19
C PRO A 37 0.53 -20.84 -15.06
N LYS A 38 -0.30 -19.93 -15.59
CA LYS A 38 0.13 -18.85 -16.47
C LYS A 38 -0.83 -17.66 -16.48
N GLN A 39 -1.61 -17.50 -15.42
CA GLN A 39 -2.56 -16.41 -15.30
C GLN A 39 -2.46 -15.72 -13.96
N THR A 40 -2.80 -14.43 -13.95
CA THR A 40 -2.85 -13.55 -12.79
C THR A 40 -1.47 -13.43 -12.13
N GLN A 41 -0.61 -12.58 -12.67
CA GLN A 41 0.74 -12.42 -12.14
C GLN A 41 0.68 -11.22 -11.19
N VAL A 42 1.01 -11.46 -9.92
CA VAL A 42 0.99 -10.43 -8.89
C VAL A 42 2.40 -10.24 -8.33
N GLY A 43 2.92 -9.02 -8.39
CA GLY A 43 4.20 -8.68 -7.81
C GLY A 43 4.03 -7.84 -6.57
N ILE A 44 4.69 -8.22 -5.48
CA ILE A 44 4.63 -7.50 -4.23
C ILE A 44 5.89 -6.64 -4.10
N VAL A 45 5.67 -5.35 -3.85
CA VAL A 45 6.70 -4.35 -3.69
C VAL A 45 6.44 -3.63 -2.37
N GLN A 46 7.51 -3.33 -1.63
CA GLN A 46 7.43 -2.58 -0.40
C GLN A 46 8.11 -1.23 -0.59
N TYR A 47 7.56 -0.19 0.03
CA TYR A 47 8.10 1.16 -0.02
C TYR A 47 8.11 1.84 1.34
N GLY A 48 8.79 2.97 1.38
CA GLY A 48 8.87 3.79 2.57
C GLY A 48 9.93 4.85 2.38
N GLU A 49 11.10 4.63 2.98
CA GLU A 49 12.26 5.51 2.84
C GLU A 49 12.94 5.29 1.48
N ASN A 50 12.60 4.18 0.83
CA ASN A 50 13.06 3.75 -0.47
C ASN A 50 12.07 2.70 -0.96
N VAL A 51 12.30 2.15 -2.16
CA VAL A 51 11.47 1.10 -2.72
C VAL A 51 12.33 -0.16 -2.83
N THR A 52 11.92 -1.19 -2.10
CA THR A 52 12.61 -2.47 -2.10
C THR A 52 11.81 -3.49 -2.90
N HIS A 53 12.51 -4.36 -3.61
CA HIS A 53 11.92 -5.44 -4.40
C HIS A 53 12.49 -6.77 -3.93
N GLU A 54 11.61 -7.68 -3.52
CA GLU A 54 12.03 -9.01 -3.08
C GLU A 54 11.72 -10.06 -4.14
N PHE A 55 10.56 -9.96 -4.80
CA PHE A 55 10.14 -10.88 -5.84
C PHE A 55 9.80 -10.12 -7.11
N ASN A 56 9.84 -10.83 -8.22
CA ASN A 56 9.50 -10.33 -9.55
C ASN A 56 8.10 -10.79 -9.94
N LEU A 57 7.51 -10.15 -10.95
CA LEU A 57 6.15 -10.43 -11.41
C LEU A 57 6.00 -11.88 -11.90
N ASN A 58 6.90 -12.32 -12.79
CA ASN A 58 6.84 -13.68 -13.35
C ASN A 58 7.88 -14.57 -12.65
N LYS A 59 7.96 -14.47 -11.33
CA LYS A 59 8.83 -15.32 -10.53
C LYS A 59 8.10 -16.54 -9.98
N TYR A 60 6.78 -16.60 -10.17
CA TYR A 60 5.90 -17.63 -9.67
C TYR A 60 4.80 -17.92 -10.67
N SER A 61 4.11 -19.04 -10.47
CA SER A 61 3.05 -19.50 -11.36
C SER A 61 2.00 -20.29 -10.58
N SER A 62 1.64 -19.84 -9.38
CA SER A 62 0.68 -20.52 -8.53
C SER A 62 0.30 -19.60 -7.38
N THR A 63 -0.95 -19.69 -6.94
CA THR A 63 -1.47 -18.96 -5.79
C THR A 63 -0.61 -19.13 -4.55
N GLU A 64 -0.19 -20.38 -4.30
CA GLU A 64 0.61 -20.75 -3.16
C GLU A 64 1.96 -20.00 -3.18
N GLU A 65 2.62 -19.93 -4.33
CA GLU A 65 3.88 -19.24 -4.48
C GLU A 65 3.75 -17.74 -4.17
N VAL A 66 2.76 -17.08 -4.77
CA VAL A 66 2.53 -15.66 -4.56
C VAL A 66 2.09 -15.37 -3.13
N LEU A 67 1.29 -16.26 -2.55
CA LEU A 67 0.82 -16.14 -1.18
C LEU A 67 1.99 -16.19 -0.20
N VAL A 68 2.89 -17.17 -0.39
CA VAL A 68 4.09 -17.29 0.40
C VAL A 68 4.99 -16.08 0.21
N ALA A 69 5.14 -15.62 -1.04
CA ALA A 69 5.96 -14.47 -1.36
C ALA A 69 5.42 -13.21 -0.68
N ALA A 70 4.10 -13.03 -0.67
CA ALA A 70 3.44 -11.89 -0.04
C ALA A 70 3.72 -11.81 1.47
N LYS A 71 3.63 -12.94 2.17
CA LYS A 71 3.93 -12.98 3.60
C LYS A 71 5.42 -13.10 3.89
N LYS A 72 6.25 -13.38 2.88
CA LYS A 72 7.69 -13.48 3.02
C LYS A 72 8.30 -12.07 3.03
N ILE A 73 7.73 -11.14 2.26
CA ILE A 73 8.21 -9.78 2.19
C ILE A 73 7.63 -9.03 3.39
N VAL A 74 8.40 -9.00 4.47
CA VAL A 74 8.06 -8.31 5.70
C VAL A 74 8.92 -7.07 5.82
N GLN A 75 8.27 -5.93 6.04
CA GLN A 75 8.96 -4.68 6.23
C GLN A 75 9.13 -4.48 7.74
N ARG A 76 10.38 -4.34 8.18
CA ARG A 76 10.71 -4.13 9.58
C ARG A 76 10.56 -2.67 10.01
N GLY A 77 10.42 -1.75 9.05
CA GLY A 77 10.22 -0.35 9.36
C GLY A 77 10.48 0.53 8.15
N GLY A 78 10.03 1.77 8.24
CA GLY A 78 10.19 2.75 7.20
C GLY A 78 10.20 4.14 7.82
N ARG A 79 11.21 4.95 7.48
CA ARG A 79 11.38 6.30 8.03
C ARG A 79 10.21 7.22 7.70
N GLN A 80 9.62 7.05 6.51
CA GLN A 80 8.50 7.82 6.05
C GLN A 80 7.72 7.02 5.02
N THR A 81 6.54 7.50 4.67
CA THR A 81 5.73 6.92 3.61
C THR A 81 5.65 7.96 2.50
N MET A 82 6.03 7.55 1.30
CA MET A 82 5.93 8.37 0.11
C MET A 82 5.06 7.64 -0.89
N THR A 83 3.75 7.84 -0.79
CA THR A 83 2.74 7.32 -1.69
C THR A 83 3.09 7.58 -3.16
N ALA A 84 3.47 8.82 -3.48
CA ALA A 84 3.82 9.24 -4.84
C ALA A 84 4.98 8.44 -5.43
N LEU A 85 5.96 8.09 -4.59
CA LEU A 85 7.08 7.26 -5.03
C LEU A 85 6.67 5.82 -5.24
N GLY A 86 5.69 5.31 -4.48
CA GLY A 86 5.17 3.97 -4.63
C GLY A 86 4.53 3.76 -6.00
N ILE A 87 3.68 4.71 -6.43
CA ILE A 87 3.01 4.65 -7.72
C ILE A 87 4.03 4.80 -8.85
N ASP A 88 4.98 5.75 -8.70
CA ASP A 88 6.01 6.03 -9.69
C ASP A 88 6.90 4.81 -9.93
N THR A 89 7.43 4.24 -8.86
CA THR A 89 8.37 3.13 -8.94
C THR A 89 7.66 1.85 -9.38
N ALA A 90 6.35 1.74 -9.14
CA ALA A 90 5.61 0.56 -9.55
C ALA A 90 5.41 0.54 -11.07
N ARG A 91 4.92 1.62 -11.67
CA ARG A 91 4.65 1.61 -13.11
C ARG A 91 5.90 1.52 -13.99
N LYS A 92 7.08 1.89 -13.46
CA LYS A 92 8.31 1.80 -14.22
C LYS A 92 9.14 0.59 -13.77
N GLU A 93 9.56 0.54 -12.50
CA GLU A 93 10.48 -0.46 -12.00
C GLU A 93 9.78 -1.78 -11.64
N ALA A 94 8.45 -1.82 -11.52
CA ALA A 94 7.75 -3.09 -11.31
C ALA A 94 7.07 -3.57 -12.59
N PHE A 95 6.54 -2.66 -13.40
CA PHE A 95 5.93 -2.99 -14.68
C PHE A 95 6.92 -2.95 -15.83
N THR A 96 8.13 -3.43 -15.58
CA THR A 96 9.16 -3.55 -16.59
C THR A 96 9.29 -5.03 -16.96
N GLU A 97 9.54 -5.28 -18.25
CA GLU A 97 9.69 -6.61 -18.82
C GLU A 97 10.77 -7.45 -18.14
N ALA A 98 11.91 -6.82 -17.83
CA ALA A 98 13.02 -7.46 -17.12
C ALA A 98 12.65 -7.91 -15.71
N ARG A 99 11.61 -7.29 -15.11
CA ARG A 99 11.09 -7.66 -13.80
C ARG A 99 9.94 -8.67 -13.88
N GLY A 100 9.69 -9.24 -15.05
CA GLY A 100 8.70 -10.28 -15.22
C GLY A 100 7.36 -9.76 -15.74
N ALA A 101 7.24 -8.47 -16.06
CA ALA A 101 6.01 -7.93 -16.62
C ALA A 101 5.82 -8.42 -18.06
N ARG A 102 4.56 -8.61 -18.45
CA ARG A 102 4.21 -9.08 -19.78
C ARG A 102 4.32 -7.93 -20.80
N ARG A 103 3.64 -8.08 -21.93
CA ARG A 103 3.63 -7.10 -23.00
C ARG A 103 2.63 -5.97 -22.73
N GLY A 104 2.07 -5.89 -21.52
CA GLY A 104 1.13 -4.86 -21.12
C GLY A 104 -0.29 -5.38 -21.26
N VAL A 105 -0.63 -6.45 -20.56
CA VAL A 105 -1.98 -7.00 -20.56
C VAL A 105 -2.61 -6.68 -19.21
N LYS A 106 -3.50 -5.68 -19.18
CA LYS A 106 -4.24 -5.25 -18.00
C LYS A 106 -3.29 -4.86 -16.86
N LYS A 107 -2.83 -3.61 -16.87
CA LYS A 107 -1.93 -3.11 -15.85
C LYS A 107 -2.76 -2.74 -14.61
N VAL A 108 -2.68 -3.57 -13.57
CA VAL A 108 -3.40 -3.38 -12.32
C VAL A 108 -2.40 -2.93 -11.25
N MET A 109 -2.67 -1.79 -10.64
CA MET A 109 -1.83 -1.23 -9.59
C MET A 109 -2.64 -1.10 -8.31
N VAL A 110 -2.31 -1.91 -7.31
CA VAL A 110 -2.92 -1.85 -5.99
C VAL A 110 -1.92 -1.28 -5.00
N ILE A 111 -2.26 -0.20 -4.33
CA ILE A 111 -1.39 0.46 -3.36
C ILE A 111 -2.16 0.70 -2.06
N VAL A 112 -1.47 0.55 -0.93
CA VAL A 112 -2.02 0.87 0.38
C VAL A 112 -1.45 2.21 0.89
N THR A 113 -2.21 2.90 1.73
CA THR A 113 -1.85 4.17 2.34
C THR A 113 -2.62 4.36 3.64
N ASP A 114 -2.11 5.23 4.50
CA ASP A 114 -2.74 5.61 5.76
C ASP A 114 -3.14 7.07 5.79
N GLY A 115 -2.54 7.95 4.99
CA GLY A 115 -2.86 9.36 4.98
C GLY A 115 -1.66 10.20 5.39
N GLU A 116 -0.80 10.52 4.42
CA GLU A 116 0.47 11.19 4.64
C GLU A 116 0.99 11.91 3.39
N SER A 117 0.10 12.38 2.52
CA SER A 117 0.49 13.02 1.27
C SER A 117 1.15 14.37 1.57
N HIS A 118 2.48 14.38 1.60
CA HIS A 118 3.28 15.57 1.87
C HIS A 118 3.51 16.36 0.59
N ASP A 119 3.33 15.73 -0.57
CA ASP A 119 3.44 16.36 -1.86
C ASP A 119 2.40 15.78 -2.79
N ASN A 120 1.41 16.60 -3.16
CA ASN A 120 0.38 16.19 -4.10
C ASN A 120 0.82 16.35 -5.55
N HIS A 121 1.93 17.05 -5.80
CA HIS A 121 2.42 17.31 -7.15
C HIS A 121 2.95 16.05 -7.81
N ARG A 122 3.83 15.31 -7.11
CA ARG A 122 4.40 14.08 -7.64
C ARG A 122 3.32 13.04 -7.92
N LEU A 123 2.39 12.81 -6.99
CA LEU A 123 1.32 11.84 -7.19
C LEU A 123 0.38 12.23 -8.32
N LYS A 124 0.09 13.53 -8.52
CA LYS A 124 -0.78 13.96 -9.61
C LYS A 124 -0.15 13.76 -10.98
N LYS A 125 1.17 13.90 -11.07
CA LYS A 125 1.91 13.64 -12.28
C LYS A 125 1.86 12.15 -12.63
N VAL A 126 2.06 11.28 -11.66
CA VAL A 126 2.00 9.85 -11.91
C VAL A 126 0.56 9.43 -12.24
N ILE A 127 -0.41 10.06 -11.58
CA ILE A 127 -1.82 9.82 -11.81
C ILE A 127 -2.21 10.16 -13.24
N GLN A 128 -1.85 11.34 -13.74
CA GLN A 128 -2.20 11.75 -15.09
C GLN A 128 -1.52 10.85 -16.12
N ASP A 129 -0.33 10.34 -15.79
CA ASP A 129 0.44 9.44 -16.64
C ASP A 129 -0.28 8.11 -16.79
N CYS A 130 -0.62 7.47 -15.65
CA CYS A 130 -1.33 6.21 -15.63
C CYS A 130 -2.76 6.35 -16.14
N GLU A 131 -3.33 7.56 -16.08
CA GLU A 131 -4.68 7.84 -16.55
C GLU A 131 -4.69 7.86 -18.08
N ASP A 132 -3.64 8.40 -18.69
CA ASP A 132 -3.49 8.45 -20.13
C ASP A 132 -3.16 7.07 -20.69
N GLU A 133 -2.42 6.27 -19.91
CA GLU A 133 -2.07 4.89 -20.25
C GLU A 133 -3.16 3.93 -19.79
N ASN A 134 -4.30 4.45 -19.30
CA ASN A 134 -5.49 3.69 -18.85
C ASN A 134 -5.14 2.50 -17.98
N ILE A 135 -4.35 2.76 -16.93
CA ILE A 135 -3.98 1.75 -15.96
C ILE A 135 -5.08 1.69 -14.90
N GLN A 136 -5.39 0.46 -14.48
CA GLN A 136 -6.38 0.18 -13.47
C GLN A 136 -5.72 0.36 -12.09
N ARG A 137 -5.97 1.52 -11.46
CA ARG A 137 -5.40 1.87 -10.17
C ARG A 137 -6.42 1.60 -9.07
N PHE A 138 -5.95 1.01 -7.97
CA PHE A 138 -6.75 0.70 -6.80
C PHE A 138 -5.99 1.15 -5.57
N SER A 139 -6.62 1.95 -4.73
CA SER A 139 -6.01 2.48 -3.52
C SER A 139 -6.77 1.93 -2.32
N ILE A 140 -6.05 1.29 -1.40
CA ILE A 140 -6.62 0.73 -0.19
C ILE A 140 -6.14 1.56 0.99
N ALA A 141 -7.05 1.90 1.90
CA ALA A 141 -6.72 2.60 3.11
C ALA A 141 -6.70 1.65 4.29
N ILE A 142 -5.68 1.79 5.12
CA ILE A 142 -5.49 1.02 6.33
C ILE A 142 -5.70 1.93 7.54
N LEU A 143 -6.55 1.49 8.46
CA LEU A 143 -6.82 2.21 9.69
C LEU A 143 -6.09 1.50 10.84
N GLY A 144 -5.16 2.22 11.47
CA GLY A 144 -4.38 1.69 12.57
C GLY A 144 -3.78 2.81 13.41
N SER A 145 -4.57 3.84 13.69
CA SER A 145 -4.12 5.00 14.46
C SER A 145 -4.82 5.03 15.82
N TYR A 146 -5.53 3.96 16.19
CA TYR A 146 -6.29 3.78 17.43
C TYR A 146 -7.57 4.61 17.45
N ASN A 147 -7.48 5.89 17.08
CA ASN A 147 -8.57 6.85 17.00
C ASN A 147 -9.05 7.20 18.42
N ARG A 148 -8.52 8.29 18.98
CA ARG A 148 -8.88 8.78 20.31
C ARG A 148 -10.08 9.75 20.26
N GLY A 149 -10.99 9.55 19.31
CA GLY A 149 -12.17 10.38 19.18
C GLY A 149 -12.45 10.67 17.71
N ASN A 150 -13.56 11.37 17.44
CA ASN A 150 -13.93 11.73 16.08
C ASN A 150 -13.05 12.90 15.61
N LEU A 151 -11.86 12.56 15.14
CA LEU A 151 -10.91 13.49 14.56
C LEU A 151 -11.14 13.64 13.06
N SER A 152 -12.09 12.88 12.51
CA SER A 152 -12.51 12.91 11.11
C SER A 152 -11.39 12.36 10.23
N THR A 153 -11.16 11.04 10.33
CA THR A 153 -10.17 10.33 9.54
C THR A 153 -10.45 10.47 8.05
N GLU A 154 -11.71 10.71 7.67
CA GLU A 154 -12.17 10.95 6.32
C GLU A 154 -11.41 12.13 5.70
N LYS A 155 -11.15 13.17 6.49
CA LYS A 155 -10.42 14.35 6.03
C LYS A 155 -8.91 14.13 5.97
N PHE A 156 -8.43 13.02 6.51
CA PHE A 156 -7.03 12.63 6.45
C PHE A 156 -6.75 11.79 5.21
N VAL A 157 -7.62 10.83 4.88
CA VAL A 157 -7.39 9.94 3.75
C VAL A 157 -7.98 10.52 2.46
N GLU A 158 -8.84 11.55 2.56
CA GLU A 158 -9.47 12.21 1.41
C GLU A 158 -8.50 12.60 0.29
N GLU A 159 -7.30 13.01 0.66
CA GLU A 159 -6.24 13.41 -0.24
C GLU A 159 -5.87 12.28 -1.20
N ILE A 160 -5.84 11.04 -0.71
CA ILE A 160 -5.53 9.89 -1.53
C ILE A 160 -6.76 9.43 -2.30
N LYS A 161 -7.96 9.44 -1.72
CA LYS A 161 -9.15 8.97 -2.44
C LYS A 161 -9.51 9.87 -3.62
N SER A 162 -9.04 11.13 -3.62
CA SER A 162 -9.26 12.07 -4.70
C SER A 162 -8.33 11.79 -5.89
N ILE A 163 -7.31 10.93 -5.74
CA ILE A 163 -6.41 10.49 -6.81
C ILE A 163 -7.18 10.03 -8.05
N ALA A 164 -8.26 9.27 -7.83
CA ALA A 164 -9.06 8.74 -8.90
C ALA A 164 -10.30 9.61 -9.04
N SER A 165 -10.55 10.09 -10.25
CA SER A 165 -11.72 10.87 -10.58
C SER A 165 -12.93 9.96 -10.87
N GLU A 166 -12.67 8.68 -11.16
CA GLU A 166 -13.67 7.66 -11.37
C GLU A 166 -14.33 7.30 -10.03
N PRO A 167 -15.50 6.63 -10.02
CA PRO A 167 -16.19 6.15 -8.83
C PRO A 167 -15.28 5.49 -7.80
N THR A 168 -15.29 6.02 -6.57
CA THR A 168 -14.50 5.52 -5.46
C THR A 168 -14.86 4.10 -5.07
N GLU A 169 -16.12 3.68 -5.32
CA GLU A 169 -16.62 2.34 -5.05
C GLU A 169 -15.87 1.26 -5.84
N LYS A 170 -15.16 1.64 -6.89
CA LYS A 170 -14.36 0.72 -7.68
C LYS A 170 -12.89 1.13 -7.73
N HIS A 171 -12.43 1.95 -6.78
CA HIS A 171 -11.05 2.43 -6.75
C HIS A 171 -10.50 2.56 -5.34
N PHE A 172 -11.33 2.98 -4.39
CA PHE A 172 -10.92 3.17 -3.02
C PHE A 172 -11.57 2.12 -2.15
N PHE A 173 -10.75 1.37 -1.42
CA PHE A 173 -11.21 0.31 -0.55
C PHE A 173 -10.55 0.38 0.82
N ASN A 174 -11.01 -0.47 1.73
CA ASN A 174 -10.48 -0.56 3.09
C ASN A 174 -9.90 -1.93 3.35
N VAL A 175 -8.91 -2.00 4.25
CA VAL A 175 -8.26 -3.25 4.65
C VAL A 175 -9.23 -4.17 5.40
N SER A 176 -10.23 -3.61 6.09
CA SER A 176 -11.18 -4.39 6.85
C SER A 176 -12.38 -4.80 5.98
N ASP A 177 -12.32 -4.57 4.67
CA ASP A 177 -13.38 -4.93 3.73
C ASP A 177 -12.90 -6.04 2.82
N GLU A 178 -13.48 -7.24 2.98
CA GLU A 178 -13.17 -8.38 2.10
C GLU A 178 -13.94 -8.27 0.79
N LEU A 179 -15.12 -7.63 0.80
CA LEU A 179 -15.95 -7.44 -0.38
C LEU A 179 -15.28 -6.49 -1.35
N ALA A 180 -14.42 -5.61 -0.81
CA ALA A 180 -13.60 -4.72 -1.58
C ALA A 180 -12.70 -5.49 -2.53
N LEU A 181 -12.06 -6.55 -2.04
CA LEU A 181 -11.21 -7.43 -2.83
C LEU A 181 -12.01 -8.12 -3.93
N VAL A 182 -13.23 -8.57 -3.61
CA VAL A 182 -14.13 -9.18 -4.57
C VAL A 182 -14.52 -8.18 -5.66
N THR A 183 -14.77 -6.92 -5.26
CA THR A 183 -15.10 -5.83 -6.16
C THR A 183 -13.97 -5.59 -7.15
N ILE A 184 -12.71 -5.70 -6.70
CA ILE A 184 -11.54 -5.55 -7.55
C ILE A 184 -11.59 -6.62 -8.65
N VAL A 185 -11.64 -7.90 -8.28
CA VAL A 185 -11.60 -9.01 -9.23
C VAL A 185 -12.76 -8.97 -10.22
N LYS A 186 -13.98 -8.72 -9.74
CA LYS A 186 -15.16 -8.68 -10.59
C LYS A 186 -15.05 -7.58 -11.66
N THR A 187 -14.45 -6.44 -11.31
CA THR A 187 -14.28 -5.34 -12.24
C THR A 187 -12.98 -5.52 -13.06
N LEU A 188 -12.04 -6.31 -12.57
CA LEU A 188 -10.81 -6.65 -13.29
C LEU A 188 -11.09 -7.61 -14.45
N GLY A 189 -12.25 -8.29 -14.41
CA GLY A 189 -12.72 -9.13 -15.48
C GLY A 189 -12.89 -8.38 -16.79
N GLU A 190 -13.27 -7.09 -16.72
CA GLU A 190 -13.37 -6.22 -17.88
C GLU A 190 -11.99 -5.80 -18.39
N ARG A 191 -11.96 -5.13 -19.54
CA ARG A 191 -10.72 -4.66 -20.15
C ARG A 191 -10.18 -3.38 -19.50
N ILE A 192 -10.99 -2.70 -18.68
CA ILE A 192 -10.64 -1.49 -17.97
C ILE A 192 -11.45 -1.39 -16.67
N GLY B 2 13.04 -12.97 34.43
CA GLY B 2 12.06 -13.10 33.36
C GLY B 2 12.55 -12.45 32.07
N PRO B 3 12.30 -13.08 30.91
CA PRO B 3 12.69 -12.54 29.61
C PRO B 3 11.83 -11.34 29.20
N GLY B 5 9.88 -8.44 26.89
CA GLY B 5 9.06 -8.53 25.70
C GLY B 5 9.65 -7.80 24.49
N PRO B 6 8.93 -7.82 23.36
CA PRO B 6 9.38 -7.19 22.13
C PRO B 6 9.02 -5.69 22.10
N GLY B 8 7.28 -2.14 21.43
CA GLY B 8 5.87 -1.77 21.37
C GLY B 8 5.45 -1.25 20.00
N LEU B 9 4.17 -0.93 19.89
CA LEU B 9 3.57 -0.42 18.65
C LEU B 9 4.19 0.94 18.29
N GLY B 11 4.46 4.87 16.55
CA GLY B 11 3.65 6.06 16.67
C GLY B 11 2.97 6.39 15.36
N GLU B 12 1.83 7.08 15.45
CA GLU B 12 1.06 7.52 14.29
C GLU B 12 1.68 8.78 13.68
N ASN B 13 1.20 9.16 12.50
CA ASN B 13 1.64 10.37 11.82
C ASN B 13 1.39 11.61 12.67
N GLY B 14 2.25 12.62 12.50
CA GLY B 14 2.18 13.83 13.27
C GLY B 14 0.94 14.67 12.95
N PRO B 15 0.66 15.69 13.77
CA PRO B 15 -0.48 16.57 13.56
C PRO B 15 -0.23 17.57 12.42
N GLY B 17 0.27 20.89 10.19
CA GLY B 17 1.01 22.12 10.44
C GLY B 17 0.08 23.31 10.68
N PRO B 18 0.63 24.39 11.26
CA PRO B 18 -0.14 25.60 11.54
C PRO B 18 -0.52 26.37 10.26
N GLY B 20 -0.88 29.25 7.43
CA GLY B 20 0.09 30.20 6.90
C GLY B 20 -0.20 31.65 7.30
N PRO B 21 0.73 32.56 7.03
CA PRO B 21 0.59 33.98 7.37
C PRO B 21 -0.33 34.72 6.37
N GLY C 2 8.18 -12.16 31.24
CA GLY C 2 8.76 -11.30 32.24
C GLY C 2 8.33 -9.84 32.04
N PRO C 3 9.28 -8.89 32.08
CA PRO C 3 9.00 -7.46 31.94
C PRO C 3 8.61 -7.08 30.50
N GLY C 5 8.58 -5.04 26.85
CA GLY C 5 9.65 -4.64 25.96
C GLY C 5 9.83 -3.13 25.88
N PRO C 6 10.76 -2.66 25.04
CA PRO C 6 11.03 -1.23 24.85
C PRO C 6 9.89 -0.52 24.09
N GLY C 8 7.80 1.69 21.32
CA GLY C 8 7.82 1.71 19.86
C GLY C 8 8.49 2.96 19.30
N LEU C 9 8.70 2.96 17.99
CA LEU C 9 9.37 4.07 17.31
C LEU C 9 8.36 5.17 16.97
N GLY C 11 6.24 8.23 15.16
CA GLY C 11 5.67 8.28 13.83
C GLY C 11 6.41 9.19 12.86
N GLU C 12 5.76 9.52 11.74
CA GLU C 12 6.34 10.35 10.69
C GLU C 12 5.82 11.77 10.80
N ASN C 13 6.45 12.72 10.11
CA ASN C 13 6.07 14.12 10.13
C ASN C 13 4.61 14.31 9.69
N GLY C 14 3.91 15.23 10.32
CA GLY C 14 2.52 15.51 10.03
C GLY C 14 2.30 16.22 8.69
N PRO C 15 1.03 16.34 8.25
CA PRO C 15 0.70 16.91 6.95
C PRO C 15 0.93 18.44 6.94
N GLY C 17 0.36 22.47 6.69
CA GLY C 17 -0.69 23.35 7.16
C GLY C 17 -1.50 23.98 6.03
N PRO C 18 -2.68 24.52 6.35
CA PRO C 18 -3.56 25.14 5.35
C PRO C 18 -3.09 26.56 4.99
N GLY C 20 -2.88 30.54 4.54
CA GLY C 20 -3.22 31.64 5.42
C GLY C 20 -4.29 32.57 4.86
N PRO C 21 -4.80 33.48 5.70
CA PRO C 21 -5.82 34.47 5.33
C PRO C 21 -5.38 35.43 4.21
N GLY D 2 8.34 -11.54 27.51
CA GLY D 2 7.28 -10.80 28.17
C GLY D 2 6.35 -10.10 27.18
N PRO D 3 5.49 -9.21 27.68
CA PRO D 3 4.52 -8.48 26.85
C PRO D 3 5.18 -7.36 26.03
N GLY D 5 6.18 -3.73 24.50
CA GLY D 5 6.37 -2.44 25.14
C GLY D 5 5.25 -1.44 24.84
N PRO D 6 5.31 -0.24 25.45
CA PRO D 6 4.32 0.81 25.23
C PRO D 6 4.40 1.42 23.82
N GLY D 8 4.80 4.00 20.71
CA GLY D 8 5.72 5.09 20.43
C GLY D 8 5.02 6.44 20.39
N LEU D 9 5.81 7.51 20.39
CA LEU D 9 5.29 8.86 20.39
C LEU D 9 4.81 9.26 19.00
N GLY D 11 4.19 11.46 15.50
CA GLY D 11 5.12 12.17 14.66
C GLY D 11 5.20 13.65 14.96
N GLU D 12 6.21 14.31 14.38
CA GLU D 12 6.46 15.72 14.57
C GLU D 12 5.41 16.55 13.83
N ASN D 13 5.19 17.78 14.31
CA ASN D 13 4.24 18.72 13.73
C ASN D 13 4.62 19.02 12.28
N GLY D 14 3.62 19.02 11.40
CA GLY D 14 3.81 19.30 10.00
C GLY D 14 4.27 20.74 9.74
N PRO D 15 4.72 21.03 8.50
CA PRO D 15 5.23 22.35 8.14
C PRO D 15 4.10 23.38 8.03
N GLY D 17 1.58 26.28 6.70
CA GLY D 17 0.94 26.46 5.40
C GLY D 17 1.47 27.66 4.63
N PRO D 18 1.08 27.78 3.35
CA PRO D 18 1.51 28.88 2.49
C PRO D 18 0.85 30.22 2.85
N GLY D 20 -1.25 33.65 2.61
CA GLY D 20 -2.47 34.02 1.92
C GLY D 20 -2.21 35.09 0.85
N PRO D 21 -2.45 34.81 -0.44
CA PRO D 21 -2.17 35.72 -1.55
C PRO D 21 -3.03 37.00 -1.45
N SER A 1 -5.70 -21.68 -16.48
CA SER A 1 -4.66 -21.23 -15.53
C SER A 1 -4.64 -19.71 -15.50
N THR A 2 -4.67 -19.11 -14.30
CA THR A 2 -4.70 -17.67 -14.10
C THR A 2 -3.27 -17.09 -14.22
N GLN A 3 -2.84 -16.85 -15.46
CA GLN A 3 -1.54 -16.26 -15.74
C GLN A 3 -1.67 -14.74 -15.75
N LEU A 4 -1.15 -14.11 -14.70
CA LEU A 4 -1.21 -12.67 -14.45
C LEU A 4 -0.10 -12.23 -13.52
N ASP A 5 0.44 -11.03 -13.76
CA ASP A 5 1.46 -10.44 -12.91
C ASP A 5 0.82 -9.44 -11.95
N ILE A 6 0.97 -9.72 -10.65
CA ILE A 6 0.43 -8.93 -9.56
C ILE A 6 1.59 -8.46 -8.70
N VAL A 7 1.68 -7.17 -8.41
CA VAL A 7 2.66 -6.63 -7.48
C VAL A 7 1.93 -6.07 -6.25
N ILE A 8 2.46 -6.37 -5.08
CA ILE A 8 1.92 -5.92 -3.81
C ILE A 8 2.93 -4.92 -3.22
N VAL A 9 2.50 -3.67 -3.08
CA VAL A 9 3.31 -2.60 -2.55
C VAL A 9 2.81 -2.26 -1.15
N LEU A 10 3.62 -2.58 -0.14
CA LEU A 10 3.31 -2.37 1.27
C LEU A 10 4.08 -1.17 1.80
N ASP A 11 3.43 -0.39 2.67
CA ASP A 11 4.08 0.74 3.32
C ASP A 11 4.82 0.21 4.54
N GLY A 12 6.05 0.68 4.73
CA GLY A 12 6.86 0.32 5.85
C GLY A 12 7.18 1.49 6.74
N SER A 13 6.20 2.36 6.99
CA SER A 13 6.41 3.50 7.84
C SER A 13 6.36 3.09 9.32
N ASN A 14 6.74 4.05 10.17
CA ASN A 14 6.60 4.00 11.61
C ASN A 14 5.34 4.76 12.01
N SER A 15 4.42 4.94 11.07
CA SER A 15 3.12 5.55 11.25
C SER A 15 2.01 4.49 11.29
N ILE A 16 2.36 3.24 10.97
CA ILE A 16 1.44 2.13 10.91
C ILE A 16 1.60 1.29 12.19
N TYR A 17 0.85 0.20 12.29
CA TYR A 17 0.86 -0.75 13.38
C TYR A 17 1.88 -1.88 13.11
N PRO A 18 2.00 -2.88 14.01
CA PRO A 18 2.86 -4.06 13.79
C PRO A 18 2.73 -4.73 12.44
N TRP A 19 3.83 -5.33 11.98
CA TRP A 19 3.89 -6.01 10.68
C TRP A 19 3.01 -7.24 10.65
N ASP A 20 2.62 -7.76 11.82
CA ASP A 20 1.72 -8.89 11.99
C ASP A 20 0.37 -8.70 11.29
N SER A 21 -0.10 -7.46 11.17
CA SER A 21 -1.35 -7.14 10.52
C SER A 21 -1.25 -7.36 9.00
N VAL A 22 -0.16 -6.91 8.37
CA VAL A 22 0.01 -7.07 6.92
C VAL A 22 0.43 -8.50 6.56
N THR A 23 1.21 -9.19 7.41
CA THR A 23 1.59 -10.58 7.15
C THR A 23 0.38 -11.50 7.18
N ALA A 24 -0.54 -11.27 8.13
CA ALA A 24 -1.77 -12.03 8.24
C ALA A 24 -2.68 -11.77 7.03
N PHE A 25 -2.75 -10.50 6.59
CA PHE A 25 -3.51 -10.11 5.41
C PHE A 25 -2.97 -10.79 4.15
N LEU A 26 -1.66 -10.70 3.93
CA LEU A 26 -1.00 -11.33 2.79
C LEU A 26 -1.13 -12.85 2.87
N ASN A 27 -1.03 -13.42 4.06
CA ASN A 27 -1.25 -14.85 4.32
C ASN A 27 -2.61 -15.30 3.79
N ASP A 28 -3.66 -14.59 4.20
CA ASP A 28 -5.03 -14.88 3.81
C ASP A 28 -5.25 -14.70 2.31
N LEU A 29 -4.50 -13.81 1.68
CA LEU A 29 -4.55 -13.57 0.25
C LEU A 29 -3.83 -14.68 -0.51
N LEU A 30 -2.57 -14.96 -0.15
CA LEU A 30 -1.76 -15.97 -0.82
C LEU A 30 -2.31 -17.38 -0.65
N GLU A 31 -2.88 -17.68 0.52
CA GLU A 31 -3.48 -18.99 0.76
C GLU A 31 -4.77 -19.17 -0.04
N ARG A 32 -5.43 -18.06 -0.43
CA ARG A 32 -6.61 -18.11 -1.28
C ARG A 32 -6.22 -18.16 -2.76
N MET A 33 -5.05 -17.64 -3.12
CA MET A 33 -4.55 -17.68 -4.49
C MET A 33 -3.96 -19.06 -4.78
N ASP A 34 -4.20 -19.54 -6.00
CA ASP A 34 -3.76 -20.87 -6.42
C ASP A 34 -2.44 -20.71 -7.16
N ILE A 35 -1.33 -20.96 -6.45
CA ILE A 35 0.00 -20.87 -7.03
C ILE A 35 0.44 -22.29 -7.37
N GLY A 36 0.21 -22.69 -8.61
CA GLY A 36 0.57 -24.00 -9.11
C GLY A 36 1.98 -24.03 -9.69
N PRO A 37 2.14 -24.51 -10.93
CA PRO A 37 3.45 -24.61 -11.60
C PRO A 37 4.03 -23.24 -11.95
N LYS A 38 3.21 -22.35 -12.55
CA LYS A 38 3.63 -21.04 -12.98
C LYS A 38 2.42 -20.16 -13.27
N GLN A 39 1.53 -19.98 -12.29
CA GLN A 39 0.41 -19.08 -12.40
C GLN A 39 0.32 -18.21 -11.17
N THR A 40 -0.33 -17.06 -11.31
CA THR A 40 -0.53 -16.07 -10.26
C THR A 40 0.83 -15.56 -9.76
N GLN A 41 1.46 -14.69 -10.55
CA GLN A 41 2.78 -14.18 -10.19
C GLN A 41 2.57 -13.02 -9.23
N VAL A 42 3.15 -13.13 -8.04
CA VAL A 42 3.02 -12.14 -6.98
C VAL A 42 4.41 -11.67 -6.55
N GLY A 43 4.64 -10.36 -6.58
CA GLY A 43 5.85 -9.76 -6.07
C GLY A 43 5.58 -8.85 -4.90
N ILE A 44 6.50 -8.83 -3.93
CA ILE A 44 6.37 -8.01 -2.73
C ILE A 44 7.37 -6.87 -2.82
N VAL A 45 6.84 -5.65 -2.76
CA VAL A 45 7.60 -4.42 -2.77
C VAL A 45 7.22 -3.61 -1.53
N GLN A 46 8.20 -2.96 -0.92
CA GLN A 46 8.01 -2.07 0.19
C GLN A 46 8.37 -0.66 -0.24
N TYR A 47 7.54 0.32 0.14
CA TYR A 47 7.80 1.74 -0.12
C TYR A 47 7.95 2.55 1.16
N GLY A 48 8.74 3.61 1.05
CA GLY A 48 9.00 4.55 2.11
C GLY A 48 9.89 5.66 1.59
N GLU A 49 10.99 5.94 2.29
CA GLU A 49 12.02 6.89 1.84
C GLU A 49 12.79 6.32 0.64
N ASN A 50 12.62 5.03 0.40
CA ASN A 50 13.19 4.26 -0.68
C ASN A 50 12.22 3.18 -1.12
N VAL A 51 12.60 2.44 -2.16
CA VAL A 51 11.82 1.31 -2.66
C VAL A 51 12.66 0.04 -2.49
N THR A 52 12.15 -0.88 -1.68
CA THR A 52 12.80 -2.15 -1.42
C THR A 52 11.99 -3.26 -2.09
N HIS A 53 12.70 -4.12 -2.83
CA HIS A 53 12.16 -5.29 -3.51
C HIS A 53 13.05 -6.50 -3.25
N GLU A 54 12.75 -7.24 -2.18
CA GLU A 54 13.53 -8.43 -1.83
C GLU A 54 13.00 -9.68 -2.58
N PHE A 55 11.79 -9.60 -3.13
CA PHE A 55 11.19 -10.67 -3.91
C PHE A 55 10.65 -10.11 -5.20
N ASN A 56 11.17 -10.63 -6.31
CA ASN A 56 10.73 -10.24 -7.64
C ASN A 56 9.46 -11.02 -8.02
N LEU A 57 8.81 -10.58 -9.10
CA LEU A 57 7.57 -11.17 -9.58
C LEU A 57 7.77 -12.61 -10.04
N ASN A 58 8.88 -12.92 -10.71
CA ASN A 58 9.20 -14.29 -11.13
C ASN A 58 10.12 -14.97 -10.11
N LYS A 59 10.01 -14.60 -8.84
CA LYS A 59 10.79 -15.21 -7.77
C LYS A 59 9.97 -16.18 -6.94
N TYR A 60 8.71 -16.40 -7.33
CA TYR A 60 7.86 -17.35 -6.65
C TYR A 60 8.12 -18.77 -7.16
N SER A 61 7.57 -19.75 -6.43
CA SER A 61 7.72 -21.16 -6.75
C SER A 61 6.40 -21.91 -6.52
N SER A 62 5.83 -21.73 -5.34
CA SER A 62 4.60 -22.37 -4.88
C SER A 62 3.90 -21.46 -3.91
N THR A 63 2.67 -21.78 -3.51
CA THR A 63 1.86 -20.98 -2.59
C THR A 63 2.61 -20.69 -1.29
N GLU A 64 3.32 -21.71 -0.79
CA GLU A 64 4.14 -21.62 0.40
C GLU A 64 5.22 -20.56 0.24
N GLU A 65 5.97 -20.58 -0.87
CA GLU A 65 7.02 -19.62 -1.14
C GLU A 65 6.52 -18.19 -1.27
N VAL A 66 5.36 -17.97 -1.90
CA VAL A 66 4.80 -16.63 -2.04
C VAL A 66 4.32 -16.11 -0.68
N LEU A 67 3.65 -16.98 0.09
CA LEU A 67 3.16 -16.66 1.41
C LEU A 67 4.32 -16.37 2.35
N VAL A 68 5.30 -17.28 2.39
CA VAL A 68 6.48 -17.13 3.21
C VAL A 68 7.30 -15.92 2.77
N ALA A 69 7.26 -15.53 1.49
CA ALA A 69 7.95 -14.36 0.98
C ALA A 69 7.39 -13.08 1.57
N ALA A 70 6.06 -13.00 1.69
CA ALA A 70 5.39 -11.87 2.30
C ALA A 70 5.76 -11.72 3.78
N LYS A 71 5.86 -12.84 4.51
CA LYS A 71 6.30 -12.82 5.90
C LYS A 71 7.83 -12.87 6.06
N LYS A 72 8.58 -13.04 4.97
CA LYS A 72 10.03 -13.04 4.96
C LYS A 72 10.54 -11.60 4.99
N ILE A 73 9.86 -10.69 4.28
CA ILE A 73 10.24 -9.30 4.20
C ILE A 73 9.47 -8.55 5.28
N VAL A 74 10.17 -8.18 6.35
CA VAL A 74 9.64 -7.41 7.46
C VAL A 74 10.32 -6.06 7.50
N GLN A 75 9.53 -5.00 7.66
CA GLN A 75 10.05 -3.66 7.76
C GLN A 75 10.27 -3.28 9.22
N ARG A 76 11.43 -2.68 9.49
CA ARG A 76 11.81 -2.25 10.84
C ARG A 76 11.38 -0.82 11.12
N GLY A 77 11.21 0.03 10.10
CA GLY A 77 10.77 1.39 10.32
C GLY A 77 10.99 2.28 9.10
N GLY A 78 10.16 3.31 8.98
CA GLY A 78 10.20 4.26 7.89
C GLY A 78 9.54 5.56 8.31
N ARG A 79 9.89 6.68 7.70
CA ARG A 79 9.33 7.97 8.05
C ARG A 79 8.65 8.66 6.87
N GLN A 80 8.38 7.91 5.80
CA GLN A 80 7.71 8.42 4.62
C GLN A 80 6.72 7.42 4.08
N THR A 81 5.53 7.90 3.73
CA THR A 81 4.52 7.11 3.07
C THR A 81 4.17 7.84 1.78
N MET A 82 4.69 7.36 0.66
CA MET A 82 4.44 7.94 -0.64
C MET A 82 3.79 6.89 -1.53
N THR A 83 2.46 6.86 -1.57
CA THR A 83 1.71 5.91 -2.40
C THR A 83 2.04 6.14 -3.88
N ALA A 84 2.13 7.40 -4.32
CA ALA A 84 2.46 7.73 -5.71
C ALA A 84 3.85 7.23 -6.11
N LEU A 85 4.86 7.49 -5.27
CA LEU A 85 6.22 7.00 -5.50
C LEU A 85 6.27 5.46 -5.48
N GLY A 86 5.47 4.84 -4.59
CA GLY A 86 5.38 3.40 -4.48
C GLY A 86 4.88 2.76 -5.77
N ILE A 87 3.75 3.25 -6.30
CA ILE A 87 3.17 2.75 -7.54
C ILE A 87 4.09 3.06 -8.72
N ASP A 88 4.59 4.30 -8.80
CA ASP A 88 5.45 4.75 -9.89
C ASP A 88 6.74 3.96 -9.98
N THR A 89 7.36 3.66 -8.84
CA THR A 89 8.60 2.93 -8.87
C THR A 89 8.33 1.42 -8.96
N ALA A 90 7.21 0.90 -8.43
CA ALA A 90 6.88 -0.52 -8.54
C ALA A 90 6.66 -0.92 -9.99
N ARG A 91 6.04 -0.06 -10.80
CA ARG A 91 5.85 -0.31 -12.21
C ARG A 91 7.15 -0.19 -13.02
N LYS A 92 8.11 0.60 -12.53
CA LYS A 92 9.38 0.83 -13.20
C LYS A 92 10.49 -0.09 -12.68
N GLU A 93 10.23 -0.86 -11.62
CA GLU A 93 11.22 -1.75 -11.01
C GLU A 93 10.70 -3.18 -11.01
N ALA A 94 9.58 -3.45 -10.37
CA ALA A 94 9.06 -4.81 -10.27
C ALA A 94 8.43 -5.27 -11.59
N PHE A 95 7.71 -4.39 -12.29
CA PHE A 95 7.09 -4.69 -13.58
C PHE A 95 8.06 -4.57 -14.76
N THR A 96 9.27 -5.09 -14.60
CA THR A 96 10.28 -5.13 -15.64
C THR A 96 10.53 -6.58 -16.06
N GLU A 97 11.02 -6.74 -17.29
CA GLU A 97 11.34 -8.05 -17.85
C GLU A 97 12.47 -8.74 -17.08
N ALA A 98 13.42 -7.95 -16.57
CA ALA A 98 14.56 -8.46 -15.80
C ALA A 98 14.14 -8.99 -14.44
N ARG A 99 13.04 -8.46 -13.87
CA ARG A 99 12.51 -8.93 -12.60
C ARG A 99 11.50 -10.06 -12.83
N GLY A 100 11.16 -10.35 -14.08
CA GLY A 100 10.34 -11.49 -14.42
C GLY A 100 8.87 -11.15 -14.70
N ALA A 101 8.59 -9.89 -15.02
CA ALA A 101 7.24 -9.48 -15.38
C ALA A 101 6.99 -9.86 -16.85
N ARG A 102 5.84 -10.48 -17.10
CA ARG A 102 5.44 -10.92 -18.42
C ARG A 102 4.79 -9.77 -19.18
N ARG A 103 5.20 -9.62 -20.43
CA ARG A 103 4.65 -8.62 -21.34
C ARG A 103 3.39 -9.17 -21.98
N GLY A 104 2.30 -8.40 -21.87
CA GLY A 104 1.01 -8.75 -22.44
C GLY A 104 0.17 -9.58 -21.47
N VAL A 105 0.51 -9.59 -20.19
CA VAL A 105 -0.24 -10.29 -19.16
C VAL A 105 -1.09 -9.27 -18.39
N LYS A 106 -2.05 -9.75 -17.61
CA LYS A 106 -2.88 -8.89 -16.77
C LYS A 106 -2.03 -8.30 -15.65
N LYS A 107 -1.86 -6.99 -15.72
CA LYS A 107 -1.06 -6.19 -14.82
C LYS A 107 -1.93 -5.69 -13.67
N VAL A 108 -1.67 -6.22 -12.49
CA VAL A 108 -2.38 -5.89 -11.28
C VAL A 108 -1.41 -5.27 -10.29
N MET A 109 -1.80 -4.16 -9.68
CA MET A 109 -1.02 -3.46 -8.69
C MET A 109 -1.85 -3.26 -7.44
N VAL A 110 -1.43 -3.87 -6.33
CA VAL A 110 -2.08 -3.74 -5.05
C VAL A 110 -1.20 -2.89 -4.14
N ILE A 111 -1.72 -1.77 -3.63
CA ILE A 111 -0.99 -0.85 -2.78
C ILE A 111 -1.78 -0.56 -1.53
N VAL A 112 -1.15 -0.67 -0.36
CA VAL A 112 -1.78 -0.34 0.91
C VAL A 112 -1.16 0.95 1.48
N THR A 113 -2.00 1.80 2.05
CA THR A 113 -1.58 3.03 2.68
C THR A 113 -2.37 3.22 3.98
N ASP A 114 -1.71 3.83 4.98
CA ASP A 114 -2.30 4.15 6.27
C ASP A 114 -2.99 5.52 6.22
N GLY A 115 -2.27 6.58 5.89
CA GLY A 115 -2.85 7.92 5.89
C GLY A 115 -1.81 9.01 5.77
N GLU A 116 -1.04 9.00 4.68
CA GLU A 116 -0.05 10.04 4.41
C GLU A 116 0.11 10.20 2.91
N SER A 117 -0.04 11.42 2.42
CA SER A 117 0.12 11.77 1.02
C SER A 117 0.45 13.26 0.93
N HIS A 118 1.69 13.63 1.27
CA HIS A 118 2.13 15.03 1.23
C HIS A 118 2.07 15.64 -0.16
N ASP A 119 2.45 14.88 -1.20
CA ASP A 119 2.37 15.36 -2.58
C ASP A 119 1.25 14.64 -3.31
N ASN A 120 0.45 15.43 -4.02
CA ASN A 120 -0.62 14.95 -4.87
C ASN A 120 -0.25 15.12 -6.35
N HIS A 121 0.81 15.84 -6.68
CA HIS A 121 1.19 16.13 -8.07
C HIS A 121 1.66 14.86 -8.78
N ARG A 122 2.54 14.09 -8.13
CA ARG A 122 2.99 12.81 -8.69
C ARG A 122 1.84 11.81 -8.70
N LEU A 123 0.90 11.91 -7.76
CA LEU A 123 -0.27 11.05 -7.68
C LEU A 123 -1.11 11.15 -8.95
N LYS A 124 -1.39 12.37 -9.40
CA LYS A 124 -2.17 12.61 -10.61
C LYS A 124 -1.46 12.07 -11.86
N LYS A 125 -0.13 12.23 -11.89
CA LYS A 125 0.69 11.75 -12.99
C LYS A 125 0.71 10.22 -13.08
N VAL A 126 0.89 9.55 -11.94
CA VAL A 126 0.89 8.09 -11.88
C VAL A 126 -0.46 7.53 -12.32
N ILE A 127 -1.55 8.13 -11.84
CA ILE A 127 -2.90 7.72 -12.20
C ILE A 127 -3.12 7.83 -13.70
N GLN A 128 -2.71 8.96 -14.29
CA GLN A 128 -2.82 9.20 -15.72
C GLN A 128 -2.15 8.09 -16.53
N ASP A 129 -0.90 7.79 -16.17
CA ASP A 129 -0.10 6.77 -16.84
C ASP A 129 -0.74 5.41 -16.70
N CYS A 130 -1.27 5.10 -15.51
CA CYS A 130 -1.93 3.84 -15.24
C CYS A 130 -3.26 3.68 -16.00
N GLU A 131 -3.92 4.79 -16.35
CA GLU A 131 -5.15 4.76 -17.14
C GLU A 131 -4.83 4.47 -18.61
N ASP A 132 -3.80 5.12 -19.16
CA ASP A 132 -3.37 4.91 -20.54
C ASP A 132 -2.82 3.48 -20.73
N GLU A 133 -2.04 3.01 -19.75
CA GLU A 133 -1.46 1.68 -19.79
C GLU A 133 -2.52 0.63 -19.44
N ASN A 134 -3.66 1.04 -18.86
CA ASN A 134 -4.78 0.18 -18.51
C ASN A 134 -4.37 -0.83 -17.43
N ILE A 135 -3.84 -0.32 -16.32
CA ILE A 135 -3.37 -1.16 -15.22
C ILE A 135 -4.46 -1.24 -14.17
N GLN A 136 -4.63 -2.42 -13.57
CA GLN A 136 -5.57 -2.66 -12.49
C GLN A 136 -4.93 -2.23 -11.16
N ARG A 137 -5.32 -1.06 -10.66
CA ARG A 137 -4.81 -0.53 -9.39
C ARG A 137 -5.83 -0.81 -8.29
N PHE A 138 -5.38 -1.51 -7.26
CA PHE A 138 -6.17 -1.84 -6.08
C PHE A 138 -5.55 -1.14 -4.88
N SER A 139 -6.36 -0.35 -4.18
CA SER A 139 -5.91 0.40 -3.02
C SER A 139 -6.47 -0.24 -1.74
N ILE A 140 -5.64 -0.36 -0.72
CA ILE A 140 -6.01 -0.97 0.55
C ILE A 140 -5.80 0.07 1.64
N ALA A 141 -6.77 0.22 2.54
CA ALA A 141 -6.64 1.14 3.66
C ALA A 141 -6.39 0.35 4.94
N ILE A 142 -5.37 0.78 5.69
CA ILE A 142 -5.00 0.18 6.96
C ILE A 142 -5.13 1.23 8.07
N LEU A 143 -5.88 0.89 9.10
CA LEU A 143 -6.11 1.73 10.25
C LEU A 143 -6.15 0.87 11.50
N GLY A 144 -6.16 1.53 12.66
CA GLY A 144 -6.29 0.85 13.94
C GLY A 144 -7.28 1.53 14.86
N SER A 145 -7.24 1.17 16.14
CA SER A 145 -8.15 1.69 17.16
C SER A 145 -7.41 2.55 18.18
N TYR A 146 -6.14 2.90 17.93
CA TYR A 146 -5.34 3.72 18.83
C TYR A 146 -5.00 5.02 18.14
N ASN A 147 -5.62 6.11 18.60
CA ASN A 147 -5.42 7.44 18.09
C ASN A 147 -5.66 8.46 19.20
N ARG A 148 -4.65 9.26 19.53
CA ARG A 148 -4.75 10.31 20.53
C ARG A 148 -5.10 11.66 19.92
N GLY A 149 -5.04 11.80 18.59
CA GLY A 149 -5.36 13.04 17.91
C GLY A 149 -6.15 12.74 16.67
N ASN A 150 -7.49 12.84 16.75
CA ASN A 150 -8.36 12.62 15.61
C ASN A 150 -8.30 13.83 14.69
N LEU A 151 -7.63 13.64 13.56
CA LEU A 151 -7.47 14.65 12.53
C LEU A 151 -8.32 14.32 11.32
N SER A 152 -9.42 13.56 11.52
CA SER A 152 -10.36 13.12 10.49
C SER A 152 -9.65 12.15 9.54
N THR A 153 -9.57 10.87 9.93
CA THR A 153 -9.00 9.80 9.13
C THR A 153 -9.48 9.76 7.68
N GLU A 154 -10.76 10.03 7.48
CA GLU A 154 -11.45 10.05 6.21
C GLU A 154 -10.80 11.02 5.22
N LYS A 155 -10.24 12.12 5.74
CA LYS A 155 -9.52 13.12 4.95
C LYS A 155 -8.22 12.60 4.37
N PHE A 156 -7.63 11.59 5.00
CA PHE A 156 -6.42 10.96 4.50
C PHE A 156 -6.79 9.80 3.58
N VAL A 157 -7.86 9.06 3.89
CA VAL A 157 -8.32 7.93 3.10
C VAL A 157 -8.77 8.37 1.70
N GLU A 158 -9.49 9.50 1.62
CA GLU A 158 -9.99 10.03 0.35
C GLU A 158 -8.87 10.32 -0.65
N GLU A 159 -7.68 10.68 -0.17
CA GLU A 159 -6.52 10.96 -1.00
C GLU A 159 -6.02 9.69 -1.69
N ILE A 160 -6.08 8.56 -0.99
CA ILE A 160 -5.68 7.26 -1.50
C ILE A 160 -6.81 6.70 -2.35
N LYS A 161 -8.06 6.95 -1.95
CA LYS A 161 -9.27 6.55 -2.67
C LYS A 161 -9.34 7.23 -4.05
N SER A 162 -8.69 8.39 -4.20
CA SER A 162 -8.64 9.12 -5.45
C SER A 162 -7.82 8.40 -6.53
N ILE A 163 -7.02 7.39 -6.16
CA ILE A 163 -6.25 6.57 -7.10
C ILE A 163 -7.16 5.84 -8.09
N ALA A 164 -8.36 5.43 -7.66
CA ALA A 164 -9.28 4.72 -8.53
C ALA A 164 -10.11 5.72 -9.33
N SER A 165 -10.07 5.59 -10.65
CA SER A 165 -10.77 6.47 -11.57
C SER A 165 -12.26 6.14 -11.57
N GLU A 166 -12.59 4.84 -11.70
CA GLU A 166 -13.96 4.34 -11.68
C GLU A 166 -14.37 4.06 -10.22
N PRO A 167 -15.62 3.60 -9.96
CA PRO A 167 -16.12 3.24 -8.63
C PRO A 167 -15.09 2.53 -7.75
N THR A 168 -14.84 3.11 -6.58
CA THR A 168 -13.81 2.63 -5.67
C THR A 168 -14.22 1.30 -5.03
N GLU A 169 -15.51 0.95 -5.07
CA GLU A 169 -16.03 -0.31 -4.54
C GLU A 169 -15.41 -1.55 -5.19
N LYS A 170 -14.90 -1.41 -6.42
CA LYS A 170 -14.24 -2.50 -7.12
C LYS A 170 -12.72 -2.30 -7.22
N HIS A 171 -12.16 -1.35 -6.48
CA HIS A 171 -10.74 -1.03 -6.51
C HIS A 171 -10.16 -0.59 -5.18
N PHE A 172 -10.94 -0.70 -4.10
CA PHE A 172 -10.55 -0.25 -2.79
C PHE A 172 -11.30 -1.00 -1.70
N PHE A 173 -10.57 -1.38 -0.66
CA PHE A 173 -11.10 -2.06 0.49
C PHE A 173 -10.20 -1.90 1.71
N ASN A 174 -10.63 -2.45 2.84
CA ASN A 174 -9.89 -2.37 4.09
C ASN A 174 -9.21 -3.70 4.37
N VAL A 175 -8.05 -3.63 5.04
CA VAL A 175 -7.22 -4.78 5.39
C VAL A 175 -7.96 -5.79 6.29
N SER A 176 -8.95 -5.32 7.06
CA SER A 176 -9.70 -6.17 7.96
C SER A 176 -10.80 -6.96 7.25
N ASP A 177 -10.98 -6.80 5.93
CA ASP A 177 -11.97 -7.56 5.17
C ASP A 177 -11.29 -8.55 4.23
N GLU A 178 -11.60 -9.83 4.43
CA GLU A 178 -11.08 -10.92 3.62
C GLU A 178 -12.04 -11.30 2.49
N LEU A 179 -13.29 -10.84 2.54
CA LEU A 179 -14.26 -11.11 1.47
C LEU A 179 -13.93 -10.31 0.22
N ALA A 180 -13.39 -9.09 0.40
CA ALA A 180 -12.95 -8.23 -0.68
C ALA A 180 -11.88 -8.89 -1.52
N LEU A 181 -11.07 -9.78 -0.94
CA LEU A 181 -10.07 -10.55 -1.66
C LEU A 181 -10.71 -11.40 -2.74
N VAL A 182 -11.87 -12.00 -2.47
CA VAL A 182 -12.64 -12.77 -3.43
C VAL A 182 -13.17 -11.83 -4.51
N THR A 183 -13.69 -10.66 -4.13
CA THR A 183 -14.19 -9.65 -5.06
C THR A 183 -13.08 -9.14 -5.99
N ILE A 184 -11.85 -9.06 -5.47
CA ILE A 184 -10.66 -8.73 -6.24
C ILE A 184 -10.48 -9.75 -7.35
N VAL A 185 -10.53 -11.04 -7.02
CA VAL A 185 -10.37 -12.12 -7.99
C VAL A 185 -11.43 -12.02 -9.09
N LYS A 186 -12.65 -11.65 -8.73
CA LYS A 186 -13.74 -11.44 -9.66
C LYS A 186 -13.41 -10.34 -10.66
N THR A 187 -12.72 -9.30 -10.20
CA THR A 187 -12.27 -8.20 -11.05
C THR A 187 -11.08 -8.65 -11.91
N LEU A 188 -10.20 -9.50 -11.38
CA LEU A 188 -9.05 -10.05 -12.12
C LEU A 188 -9.49 -10.99 -13.24
N GLY A 189 -10.71 -11.52 -13.14
CA GLY A 189 -11.32 -12.36 -14.16
C GLY A 189 -11.61 -11.60 -15.45
N GLU A 190 -11.68 -10.27 -15.40
CA GLU A 190 -11.85 -9.42 -16.56
C GLU A 190 -10.54 -9.32 -17.35
N ARG A 191 -10.65 -8.83 -18.58
CA ARG A 191 -9.48 -8.63 -19.45
C ARG A 191 -8.79 -7.30 -19.17
N ILE A 192 -9.49 -6.37 -18.50
CA ILE A 192 -8.98 -5.06 -18.12
C ILE A 192 -9.92 -4.46 -17.08
N GLY B 2 11.93 -13.35 34.08
CA GLY B 2 11.20 -13.74 32.90
C GLY B 2 11.78 -13.10 31.64
N PRO B 3 11.34 -13.58 30.45
CA PRO B 3 11.82 -13.07 29.17
C PRO B 3 11.14 -11.75 28.80
N GLY B 5 9.34 -8.78 26.72
CA GLY B 5 8.36 -8.81 25.65
C GLY B 5 8.83 -8.15 24.36
N PRO B 6 8.00 -8.20 23.30
CA PRO B 6 8.35 -7.65 21.99
C PRO B 6 8.19 -6.11 22.02
N GLY B 8 6.96 -2.25 21.25
CA GLY B 8 5.64 -1.66 21.09
C GLY B 8 5.39 -1.22 19.66
N LEU B 9 4.12 -0.96 19.35
CA LEU B 9 3.72 -0.54 18.02
C LEU B 9 4.16 0.91 17.74
N GLY B 11 4.25 4.91 16.38
CA GLY B 11 3.37 6.02 16.68
C GLY B 11 2.52 6.42 15.49
N GLU B 12 1.53 7.27 15.72
CA GLU B 12 0.66 7.78 14.67
C GLU B 12 1.33 8.95 13.95
N ASN B 13 0.71 9.43 12.87
CA ASN B 13 1.20 10.54 12.07
C ASN B 13 1.23 11.83 12.89
N GLY B 14 2.00 12.80 12.42
CA GLY B 14 2.16 14.07 13.10
C GLY B 14 0.93 14.98 12.96
N PRO B 15 0.83 16.00 13.82
CA PRO B 15 -0.27 16.95 13.78
C PRO B 15 -0.14 17.94 12.61
N GLY B 17 0.13 21.37 10.39
CA GLY B 17 0.91 22.58 10.56
C GLY B 17 0.07 23.80 10.95
N PRO B 18 0.71 24.88 11.42
CA PRO B 18 0.03 26.09 11.82
C PRO B 18 -0.45 26.93 10.62
N GLY B 20 -0.92 29.73 7.82
CA GLY B 20 0.06 30.55 7.14
C GLY B 20 -0.11 32.04 7.41
N PRO B 21 0.87 32.86 6.98
CA PRO B 21 0.84 34.31 7.16
C PRO B 21 -0.29 35.00 6.37
N GLY C 2 7.58 -12.26 31.11
CA GLY C 2 8.26 -11.50 32.14
C GLY C 2 8.06 -10.01 31.95
N PRO C 3 9.15 -9.22 31.86
CA PRO C 3 9.09 -7.76 31.79
C PRO C 3 8.54 -7.30 30.42
N GLY C 5 8.17 -5.22 26.82
CA GLY C 5 9.14 -4.94 25.78
C GLY C 5 9.49 -3.46 25.64
N PRO C 6 10.39 -3.13 24.70
CA PRO C 6 10.86 -1.76 24.47
C PRO C 6 9.74 -0.87 23.89
N GLY C 8 7.69 1.70 21.45
CA GLY C 8 7.61 1.83 20.00
C GLY C 8 8.31 3.07 19.48
N LEU C 9 8.49 3.13 18.16
CA LEU C 9 9.18 4.24 17.52
C LEU C 9 8.18 5.34 17.11
N GLY C 11 6.18 8.45 15.04
CA GLY C 11 5.56 8.47 13.72
C GLY C 11 6.36 9.28 12.70
N GLU C 12 5.64 9.86 11.73
CA GLU C 12 6.22 10.66 10.66
C GLU C 12 5.67 12.07 10.64
N ASN C 13 6.16 12.89 9.71
CA ASN C 13 5.72 14.26 9.51
C ASN C 13 4.25 14.30 9.14
N GLY C 14 3.49 15.13 9.85
CA GLY C 14 2.07 15.30 9.60
C GLY C 14 1.78 16.23 8.43
N PRO C 15 0.49 16.44 8.11
CA PRO C 15 0.06 17.31 7.04
C PRO C 15 0.43 18.79 7.25
N GLY C 17 0.08 23.10 7.10
CA GLY C 17 -0.92 24.01 7.62
C GLY C 17 -1.81 24.60 6.54
N PRO C 18 -2.94 25.22 6.94
CA PRO C 18 -3.88 25.83 6.01
C PRO C 18 -3.38 27.19 5.49
N GLY C 20 -2.94 31.05 4.78
CA GLY C 20 -3.21 32.20 5.60
C GLY C 20 -4.40 33.02 5.09
N PRO C 21 -5.21 33.60 5.99
CA PRO C 21 -6.37 34.45 5.65
C PRO C 21 -6.04 35.58 4.67
N GLY D 2 7.57 -11.68 27.25
CA GLY D 2 6.51 -11.11 28.06
C GLY D 2 5.55 -10.22 27.27
N PRO D 3 4.90 -9.26 27.96
CA PRO D 3 3.95 -8.35 27.34
C PRO D 3 4.61 -7.35 26.38
N GLY D 5 5.72 -3.93 24.44
CA GLY D 5 6.07 -2.62 24.92
C GLY D 5 5.00 -1.58 24.64
N PRO D 6 5.08 -0.41 25.29
CA PRO D 6 4.12 0.67 25.09
C PRO D 6 4.24 1.30 23.70
N GLY D 8 4.65 3.87 20.52
CA GLY D 8 5.59 4.94 20.25
C GLY D 8 4.98 6.33 20.35
N LEU D 9 5.83 7.34 20.23
CA LEU D 9 5.39 8.72 20.33
C LEU D 9 4.79 9.21 19.00
N GLY D 11 3.99 11.57 15.58
CA GLY D 11 4.88 12.11 14.58
C GLY D 11 5.23 13.57 14.80
N GLU D 12 5.97 14.16 13.86
CA GLU D 12 6.39 15.54 13.95
C GLU D 12 5.38 16.46 13.25
N ASN D 13 5.28 17.69 13.74
CA ASN D 13 4.36 18.69 13.23
C ASN D 13 4.68 19.02 11.77
N GLY D 14 3.63 19.12 10.96
CA GLY D 14 3.76 19.44 9.56
C GLY D 14 4.19 20.89 9.32
N PRO D 15 4.65 21.22 8.11
CA PRO D 15 5.18 22.54 7.77
C PRO D 15 4.08 23.61 7.86
N GLY D 17 1.51 26.73 6.99
CA GLY D 17 0.69 26.99 5.84
C GLY D 17 1.27 28.08 4.93
N PRO D 18 0.81 28.14 3.67
CA PRO D 18 1.28 29.13 2.71
C PRO D 18 0.71 30.53 2.98
N GLY D 20 -1.25 34.02 2.58
CA GLY D 20 -2.55 34.35 2.01
C GLY D 20 -2.41 35.41 0.91
N PRO D 21 -2.82 35.12 -0.34
CA PRO D 21 -2.72 36.03 -1.49
C PRO D 21 -3.53 37.32 -1.26
N SER A 1 -10.67 -18.97 -16.96
CA SER A 1 -9.46 -18.76 -16.14
C SER A 1 -9.34 -17.27 -15.80
N THR A 2 -8.89 -16.93 -14.59
CA THR A 2 -8.80 -15.56 -14.07
C THR A 2 -7.46 -14.97 -14.55
N GLN A 3 -7.37 -14.67 -15.85
CA GLN A 3 -6.22 -14.06 -16.50
C GLN A 3 -6.32 -12.55 -16.26
N LEU A 4 -5.66 -12.08 -15.19
CA LEU A 4 -5.52 -10.69 -14.79
C LEU A 4 -4.24 -10.53 -13.97
N ASP A 5 -3.62 -9.34 -14.03
CA ASP A 5 -2.36 -9.01 -13.36
C ASP A 5 -2.69 -7.98 -12.29
N ILE A 6 -2.39 -8.31 -11.03
CA ILE A 6 -2.58 -7.45 -9.86
C ILE A 6 -1.19 -7.13 -9.28
N VAL A 7 -1.03 -5.92 -8.73
CA VAL A 7 0.11 -5.54 -7.89
C VAL A 7 -0.43 -4.92 -6.60
N ILE A 8 0.04 -5.42 -5.45
CA ILE A 8 -0.26 -4.91 -4.12
C ILE A 8 0.94 -4.06 -3.71
N VAL A 9 0.71 -2.75 -3.52
CA VAL A 9 1.71 -1.75 -3.19
C VAL A 9 1.49 -1.39 -1.70
N LEU A 10 2.31 -1.98 -0.82
CA LEU A 10 2.33 -1.73 0.62
C LEU A 10 3.33 -0.59 0.92
N ASP A 11 3.16 0.06 2.06
CA ASP A 11 4.08 1.04 2.63
C ASP A 11 4.86 0.29 3.73
N GLY A 12 6.19 0.43 3.74
CA GLY A 12 7.08 -0.15 4.74
C GLY A 12 7.17 0.67 6.03
N SER A 13 6.50 1.82 6.09
CA SER A 13 6.37 2.82 7.15
C SER A 13 6.50 2.43 8.62
N ASN A 14 7.01 3.38 9.42
CA ASN A 14 6.85 3.42 10.88
C ASN A 14 5.57 4.20 11.25
N SER A 15 4.94 4.92 10.32
CA SER A 15 3.59 5.50 10.48
C SER A 15 2.45 4.44 10.40
N ILE A 16 2.74 3.24 9.89
CA ILE A 16 1.82 2.11 9.78
C ILE A 16 1.85 1.35 11.12
N TYR A 17 0.68 0.75 11.48
CA TYR A 17 0.43 -0.11 12.65
C TYR A 17 1.13 -1.49 12.51
N PRO A 18 1.00 -2.47 13.44
CA PRO A 18 1.85 -3.68 13.43
C PRO A 18 1.58 -4.60 12.21
N TRP A 19 2.65 -5.23 11.70
CA TRP A 19 2.69 -5.94 10.42
C TRP A 19 1.74 -7.16 10.35
N ASP A 20 1.32 -7.68 11.51
CA ASP A 20 0.30 -8.70 11.71
C ASP A 20 -1.03 -8.41 10.99
N SER A 21 -1.46 -7.14 10.99
CA SER A 21 -2.75 -6.72 10.43
C SER A 21 -2.75 -6.75 8.89
N VAL A 22 -1.66 -6.30 8.24
CA VAL A 22 -1.54 -6.29 6.78
C VAL A 22 -1.23 -7.71 6.26
N THR A 23 -0.39 -8.49 6.95
CA THR A 23 -0.12 -9.89 6.58
C THR A 23 -1.36 -10.80 6.75
N ALA A 24 -2.25 -10.51 7.73
CA ALA A 24 -3.55 -11.16 7.87
C ALA A 24 -4.49 -10.79 6.69
N PHE A 25 -4.48 -9.53 6.26
CA PHE A 25 -5.24 -9.05 5.10
C PHE A 25 -4.78 -9.72 3.78
N LEU A 26 -3.46 -9.85 3.58
CA LEU A 26 -2.87 -10.60 2.46
C LEU A 26 -3.21 -12.10 2.54
N ASN A 27 -3.21 -12.70 3.74
CA ASN A 27 -3.62 -14.08 3.99
C ASN A 27 -5.11 -14.29 3.63
N ASP A 28 -5.99 -13.34 4.02
CA ASP A 28 -7.41 -13.33 3.68
C ASP A 28 -7.68 -13.10 2.19
N LEU A 29 -6.84 -12.32 1.49
CA LEU A 29 -6.92 -12.11 0.05
C LEU A 29 -6.50 -13.40 -0.70
N LEU A 30 -5.34 -13.96 -0.39
CA LEU A 30 -4.80 -15.15 -1.07
C LEU A 30 -5.48 -16.46 -0.62
N GLU A 31 -6.39 -16.43 0.36
CA GLU A 31 -7.31 -17.51 0.67
C GLU A 31 -8.48 -17.52 -0.34
N ARG A 32 -8.95 -16.34 -0.75
CA ARG A 32 -10.12 -16.16 -1.61
C ARG A 32 -9.72 -16.10 -3.10
N MET A 33 -8.53 -15.61 -3.43
CA MET A 33 -7.95 -15.64 -4.77
C MET A 33 -7.30 -17.02 -4.98
N ASP A 34 -7.84 -17.82 -5.90
CA ASP A 34 -7.30 -19.12 -6.30
C ASP A 34 -6.22 -18.87 -7.36
N ILE A 35 -4.94 -19.14 -7.03
CA ILE A 35 -3.82 -19.02 -7.95
C ILE A 35 -3.70 -20.38 -8.67
N GLY A 36 -3.91 -20.38 -9.98
CA GLY A 36 -3.75 -21.54 -10.86
C GLY A 36 -2.30 -21.63 -11.39
N PRO A 37 -2.04 -22.48 -12.41
CA PRO A 37 -0.68 -22.72 -12.91
C PRO A 37 -0.11 -21.57 -13.75
N LYS A 38 -0.96 -20.79 -14.43
CA LYS A 38 -0.58 -19.63 -15.24
C LYS A 38 -1.71 -18.58 -15.27
N GLN A 39 -2.35 -18.35 -14.11
CA GLN A 39 -3.47 -17.43 -13.92
C GLN A 39 -3.44 -16.82 -12.50
N THR A 40 -4.09 -15.66 -12.36
CA THR A 40 -4.43 -14.95 -11.13
C THR A 40 -3.22 -14.18 -10.53
N GLN A 41 -2.09 -14.06 -11.25
CA GLN A 41 -0.82 -13.46 -10.82
C GLN A 41 -0.90 -12.14 -10.01
N VAL A 42 -0.49 -12.22 -8.73
CA VAL A 42 -0.39 -11.10 -7.80
C VAL A 42 1.10 -10.81 -7.59
N GLY A 43 1.53 -9.58 -7.82
CA GLY A 43 2.81 -9.02 -7.39
C GLY A 43 2.66 -8.31 -6.06
N ILE A 44 3.73 -8.25 -5.25
CA ILE A 44 3.76 -7.59 -3.95
C ILE A 44 4.99 -6.66 -3.94
N VAL A 45 4.77 -5.37 -3.65
CA VAL A 45 5.75 -4.28 -3.66
C VAL A 45 5.65 -3.55 -2.30
N GLN A 46 6.78 -3.06 -1.80
CA GLN A 46 6.91 -2.23 -0.60
C GLN A 46 7.57 -0.91 -1.00
N TYR A 47 6.99 0.24 -0.64
CA TYR A 47 7.58 1.57 -0.78
C TYR A 47 7.95 2.14 0.61
N GLY A 48 8.64 3.28 0.63
CA GLY A 48 9.15 3.98 1.79
C GLY A 48 9.98 5.14 1.25
N GLU A 49 11.19 5.37 1.78
CA GLU A 49 12.20 6.27 1.21
C GLU A 49 12.68 5.80 -0.18
N ASN A 50 12.69 4.48 -0.40
CA ASN A 50 12.97 3.76 -1.63
C ASN A 50 11.91 2.66 -1.78
N VAL A 51 11.79 2.09 -2.98
CA VAL A 51 10.82 1.04 -3.31
C VAL A 51 11.58 -0.27 -3.53
N THR A 52 11.03 -1.38 -3.04
CA THR A 52 11.60 -2.72 -3.04
C THR A 52 10.49 -3.73 -3.39
N HIS A 53 10.86 -4.82 -4.08
CA HIS A 53 9.97 -5.87 -4.57
C HIS A 53 10.78 -7.13 -4.85
N GLU A 54 11.10 -7.90 -3.79
CA GLU A 54 11.97 -9.07 -3.80
C GLU A 54 11.37 -10.26 -4.57
N PHE A 55 10.04 -10.33 -4.64
CA PHE A 55 9.28 -11.27 -5.46
C PHE A 55 8.75 -10.50 -6.67
N ASN A 56 9.02 -11.05 -7.87
CA ASN A 56 8.55 -10.53 -9.16
C ASN A 56 7.19 -11.16 -9.48
N LEU A 57 6.44 -10.60 -10.43
CA LEU A 57 5.14 -11.11 -10.90
C LEU A 57 5.29 -12.44 -11.67
N ASN A 58 6.51 -12.75 -12.13
CA ASN A 58 6.94 -13.99 -12.77
C ASN A 58 7.14 -15.12 -11.74
N LYS A 59 7.28 -14.80 -10.45
CA LYS A 59 7.79 -15.70 -9.41
C LYS A 59 6.69 -16.58 -8.77
N TYR A 60 5.42 -16.41 -9.14
CA TYR A 60 4.28 -17.23 -8.70
C TYR A 60 4.35 -18.67 -9.23
N SER A 61 3.63 -19.60 -8.59
CA SER A 61 3.52 -21.00 -9.00
C SER A 61 2.21 -21.65 -8.51
N SER A 62 1.82 -21.40 -7.25
CA SER A 62 0.61 -21.90 -6.62
C SER A 62 0.22 -20.95 -5.48
N THR A 63 -0.99 -21.10 -4.92
CA THR A 63 -1.61 -20.26 -3.90
C THR A 63 -0.73 -20.17 -2.62
N GLU A 64 -0.12 -21.29 -2.23
CA GLU A 64 0.74 -21.41 -1.04
C GLU A 64 2.01 -20.54 -1.17
N GLU A 65 2.62 -20.51 -2.35
CA GLU A 65 3.88 -19.80 -2.61
C GLU A 65 3.66 -18.27 -2.55
N VAL A 66 2.57 -17.76 -3.13
CA VAL A 66 2.24 -16.33 -3.14
C VAL A 66 1.77 -15.87 -1.74
N LEU A 67 1.02 -16.73 -1.02
CA LEU A 67 0.58 -16.49 0.35
C LEU A 67 1.77 -16.40 1.33
N VAL A 68 2.74 -17.32 1.21
CA VAL A 68 3.98 -17.34 2.02
C VAL A 68 4.90 -16.16 1.63
N ALA A 69 5.00 -15.79 0.35
CA ALA A 69 5.77 -14.65 -0.14
C ALA A 69 5.34 -13.32 0.52
N ALA A 70 4.02 -13.13 0.65
CA ALA A 70 3.38 -11.96 1.25
C ALA A 70 3.62 -11.81 2.77
N LYS A 71 4.24 -12.80 3.43
CA LYS A 71 4.65 -12.76 4.85
C LYS A 71 6.16 -12.99 5.03
N LYS A 72 6.90 -13.28 3.96
CA LYS A 72 8.37 -13.24 3.92
C LYS A 72 8.84 -11.81 3.63
N ILE A 73 8.00 -10.97 3.01
CA ILE A 73 8.16 -9.53 2.88
C ILE A 73 7.79 -8.93 4.26
N VAL A 74 8.78 -8.31 4.92
CA VAL A 74 8.75 -7.74 6.26
C VAL A 74 9.52 -6.41 6.26
N GLN A 75 9.35 -5.61 7.32
CA GLN A 75 9.94 -4.28 7.48
C GLN A 75 10.24 -3.99 8.96
N ARG A 76 11.25 -3.17 9.21
CA ARG A 76 11.66 -2.63 10.51
C ARG A 76 11.02 -1.24 10.75
N GLY A 77 10.47 -0.61 9.70
CA GLY A 77 9.75 0.66 9.75
C GLY A 77 10.46 1.70 8.90
N GLY A 78 9.85 2.06 7.76
CA GLY A 78 10.26 3.11 6.83
C GLY A 78 10.15 4.51 7.43
N ARG A 79 10.97 5.44 6.94
CA ARG A 79 11.19 6.78 7.50
C ARG A 79 10.31 7.83 6.79
N GLN A 80 9.65 7.49 5.68
CA GLN A 80 8.79 8.37 4.90
C GLN A 80 7.69 7.57 4.18
N THR A 81 6.66 8.29 3.72
CA THR A 81 5.53 7.80 2.92
C THR A 81 5.43 8.72 1.69
N MET A 82 5.26 8.17 0.49
CA MET A 82 4.90 8.91 -0.71
C MET A 82 4.12 7.96 -1.63
N THR A 83 2.78 8.04 -1.61
CA THR A 83 1.87 7.13 -2.32
C THR A 83 2.02 7.20 -3.85
N ALA A 84 2.16 8.41 -4.41
CA ALA A 84 2.25 8.65 -5.86
C ALA A 84 3.55 8.08 -6.43
N LEU A 85 4.65 8.18 -5.67
CA LEU A 85 5.96 7.59 -5.98
C LEU A 85 5.88 6.05 -5.97
N GLY A 86 5.12 5.48 -5.02
CA GLY A 86 4.84 4.06 -4.90
C GLY A 86 4.11 3.50 -6.13
N ILE A 87 3.03 4.18 -6.57
CA ILE A 87 2.28 3.86 -7.79
C ILE A 87 3.20 4.05 -9.03
N ASP A 88 3.88 5.20 -9.14
CA ASP A 88 4.74 5.56 -10.26
C ASP A 88 5.90 4.56 -10.48
N THR A 89 6.55 4.12 -9.40
CA THR A 89 7.64 3.16 -9.47
C THR A 89 7.09 1.73 -9.72
N ALA A 90 5.90 1.37 -9.21
CA ALA A 90 5.27 0.08 -9.43
C ALA A 90 4.93 -0.16 -10.91
N ARG A 91 4.39 0.85 -11.62
CA ARG A 91 4.12 0.75 -13.06
C ARG A 91 5.40 0.74 -13.91
N LYS A 92 6.50 1.34 -13.43
CA LYS A 92 7.76 1.48 -14.15
C LYS A 92 8.75 0.33 -13.89
N GLU A 93 8.57 -0.45 -12.81
CA GLU A 93 9.43 -1.57 -12.44
C GLU A 93 8.64 -2.89 -12.39
N ALA A 94 7.68 -3.01 -11.46
CA ALA A 94 6.97 -4.26 -11.17
C ALA A 94 6.07 -4.69 -12.33
N PHE A 95 5.33 -3.73 -12.91
CA PHE A 95 4.38 -3.95 -14.01
C PHE A 95 5.08 -3.85 -15.38
N THR A 96 6.24 -4.50 -15.55
CA THR A 96 7.00 -4.60 -16.79
C THR A 96 7.14 -6.06 -17.23
N GLU A 97 7.39 -6.26 -18.54
CA GLU A 97 7.66 -7.52 -19.21
C GLU A 97 8.88 -8.27 -18.62
N ALA A 98 9.87 -7.51 -18.14
CA ALA A 98 11.10 -7.99 -17.50
C ALA A 98 10.83 -8.61 -16.13
N ARG A 99 9.81 -8.12 -15.41
CA ARG A 99 9.34 -8.64 -14.12
C ARG A 99 8.19 -9.64 -14.29
N GLY A 100 7.80 -9.96 -15.54
CA GLY A 100 6.84 -11.00 -15.88
C GLY A 100 5.38 -10.53 -15.95
N ALA A 101 5.14 -9.21 -16.00
CA ALA A 101 3.80 -8.64 -16.15
C ALA A 101 3.34 -8.77 -17.62
N ARG A 102 2.07 -9.12 -17.82
CA ARG A 102 1.46 -9.33 -19.13
C ARG A 102 0.85 -8.02 -19.65
N ARG A 103 0.89 -7.83 -20.97
CA ARG A 103 0.38 -6.65 -21.67
C ARG A 103 -1.00 -6.99 -22.29
N GLY A 104 -1.89 -5.99 -22.34
CA GLY A 104 -3.19 -6.06 -23.02
C GLY A 104 -4.31 -6.78 -22.24
N VAL A 105 -4.02 -7.22 -21.01
CA VAL A 105 -4.94 -7.90 -20.10
C VAL A 105 -5.49 -6.89 -19.08
N LYS A 106 -6.31 -7.37 -18.13
CA LYS A 106 -6.89 -6.58 -17.02
C LYS A 106 -5.76 -6.30 -16.01
N LYS A 107 -5.63 -5.03 -15.61
CA LYS A 107 -4.48 -4.45 -14.93
C LYS A 107 -4.98 -3.71 -13.67
N VAL A 108 -4.54 -4.18 -12.49
CA VAL A 108 -5.03 -3.77 -11.18
C VAL A 108 -3.86 -3.33 -10.30
N MET A 109 -4.02 -2.20 -9.60
CA MET A 109 -3.06 -1.65 -8.65
C MET A 109 -3.80 -1.41 -7.32
N VAL A 110 -3.49 -2.22 -6.30
CA VAL A 110 -4.04 -2.13 -4.95
C VAL A 110 -2.97 -1.42 -4.11
N ILE A 111 -3.30 -0.29 -3.49
CA ILE A 111 -2.39 0.61 -2.81
C ILE A 111 -2.90 0.82 -1.38
N VAL A 112 -2.04 0.64 -0.37
CA VAL A 112 -2.38 0.95 1.02
C VAL A 112 -2.36 2.49 1.21
N THR A 113 -3.38 3.01 1.89
CA THR A 113 -3.56 4.41 2.22
C THR A 113 -3.12 4.57 3.70
N ASP A 114 -1.86 5.00 3.89
CA ASP A 114 -1.26 5.30 5.19
C ASP A 114 -1.85 6.63 5.75
N GLY A 115 -1.92 7.66 4.90
CA GLY A 115 -2.41 8.99 5.25
C GLY A 115 -1.34 10.08 5.20
N GLU A 116 -0.51 10.14 4.14
CA GLU A 116 0.49 11.19 3.92
C GLU A 116 0.51 11.54 2.42
N SER A 117 0.46 12.84 2.12
CA SER A 117 0.46 13.44 0.80
C SER A 117 1.15 14.83 0.80
N HIS A 118 2.42 14.90 1.26
CA HIS A 118 3.31 16.08 1.21
C HIS A 118 3.49 16.72 -0.19
N ASP A 119 3.19 15.99 -1.27
CA ASP A 119 2.91 16.52 -2.60
C ASP A 119 1.68 15.80 -3.15
N ASN A 120 0.92 16.46 -4.03
CA ASN A 120 -0.23 15.91 -4.77
C ASN A 120 -0.20 16.30 -6.26
N HIS A 121 0.89 16.90 -6.75
CA HIS A 121 1.07 17.27 -8.16
C HIS A 121 1.49 16.03 -8.96
N ARG A 122 2.34 15.17 -8.37
CA ARG A 122 2.71 13.87 -8.92
C ARG A 122 1.49 12.92 -8.95
N LEU A 123 0.68 12.93 -7.89
CA LEU A 123 -0.54 12.13 -7.71
C LEU A 123 -1.54 12.40 -8.84
N LYS A 124 -1.88 13.68 -9.07
CA LYS A 124 -2.80 14.10 -10.12
C LYS A 124 -2.34 13.72 -11.55
N LYS A 125 -1.03 13.72 -11.81
CA LYS A 125 -0.46 13.33 -13.10
C LYS A 125 -0.55 11.80 -13.28
N VAL A 126 -0.16 11.03 -12.26
CA VAL A 126 -0.26 9.56 -12.22
C VAL A 126 -1.72 9.09 -12.43
N ILE A 127 -2.68 9.70 -11.72
CA ILE A 127 -4.12 9.43 -11.83
C ILE A 127 -4.65 9.74 -13.26
N GLN A 128 -4.19 10.83 -13.89
CA GLN A 128 -4.52 11.18 -15.27
C GLN A 128 -4.01 10.13 -16.27
N ASP A 129 -2.81 9.57 -16.03
CA ASP A 129 -2.22 8.50 -16.84
C ASP A 129 -2.97 7.18 -16.61
N CYS A 130 -3.28 6.84 -15.36
CA CYS A 130 -4.02 5.63 -14.96
C CYS A 130 -5.45 5.61 -15.50
N GLU A 131 -6.10 6.78 -15.61
CA GLU A 131 -7.41 6.98 -16.21
C GLU A 131 -7.36 6.85 -17.75
N ASP A 132 -6.27 7.33 -18.38
CA ASP A 132 -6.01 7.20 -19.82
C ASP A 132 -5.74 5.74 -20.21
N GLU A 133 -4.97 5.01 -19.37
CA GLU A 133 -4.68 3.59 -19.53
C GLU A 133 -5.90 2.71 -19.22
N ASN A 134 -6.75 3.12 -18.25
CA ASN A 134 -7.96 2.44 -17.76
C ASN A 134 -7.60 1.36 -16.72
N ILE A 135 -6.71 1.69 -15.78
CA ILE A 135 -6.25 0.82 -14.71
C ILE A 135 -7.28 0.84 -13.57
N GLN A 136 -7.50 -0.30 -12.90
CA GLN A 136 -8.31 -0.42 -11.70
C GLN A 136 -7.42 -0.06 -10.49
N ARG A 137 -7.70 1.07 -9.84
CA ARG A 137 -6.97 1.54 -8.65
C ARG A 137 -7.87 1.25 -7.43
N PHE A 138 -7.29 0.66 -6.38
CA PHE A 138 -7.96 0.37 -5.11
C PHE A 138 -7.13 0.96 -3.97
N SER A 139 -7.66 1.96 -3.26
CA SER A 139 -7.04 2.60 -2.10
C SER A 139 -7.54 1.87 -0.84
N ILE A 140 -6.67 1.11 -0.15
CA ILE A 140 -7.03 0.30 1.00
C ILE A 140 -6.66 1.07 2.28
N ALA A 141 -7.63 1.38 3.14
CA ALA A 141 -7.49 2.21 4.34
C ALA A 141 -6.98 1.40 5.54
N ILE A 142 -6.05 1.99 6.29
CA ILE A 142 -5.54 1.56 7.58
C ILE A 142 -5.31 2.83 8.42
N LEU A 143 -5.58 2.74 9.73
CA LEU A 143 -5.46 3.81 10.72
C LEU A 143 -5.28 3.16 12.09
N GLY A 144 -4.98 3.97 13.12
CA GLY A 144 -4.79 3.50 14.49
C GLY A 144 -6.11 3.15 15.18
N SER A 145 -6.05 2.22 16.13
CA SER A 145 -7.18 1.79 16.97
C SER A 145 -7.16 2.56 18.30
N TYR A 146 -5.96 2.79 18.86
CA TYR A 146 -5.72 3.47 20.13
C TYR A 146 -5.03 4.80 19.83
N ASN A 147 -5.78 5.73 19.20
CA ASN A 147 -5.30 7.06 18.79
C ASN A 147 -5.26 7.96 20.03
N ARG A 148 -4.13 8.62 20.27
CA ARG A 148 -3.88 9.46 21.45
C ARG A 148 -4.12 10.93 21.10
N GLY A 149 -3.49 11.45 20.03
CA GLY A 149 -3.62 12.82 19.57
C GLY A 149 -4.91 13.07 18.76
N ASN A 150 -5.36 14.32 18.69
CA ASN A 150 -6.49 14.78 17.88
C ASN A 150 -5.91 15.19 16.51
N LEU A 151 -5.51 14.20 15.71
CA LEU A 151 -4.76 14.38 14.47
C LEU A 151 -5.66 14.82 13.31
N SER A 152 -6.92 14.36 13.30
CA SER A 152 -7.91 14.50 12.22
C SER A 152 -7.66 13.44 11.12
N THR A 153 -7.59 12.16 11.52
CA THR A 153 -7.31 10.98 10.70
C THR A 153 -8.12 10.86 9.40
N GLU A 154 -9.35 11.38 9.39
CA GLU A 154 -10.27 11.30 8.26
C GLU A 154 -9.81 12.21 7.10
N LYS A 155 -9.22 13.37 7.43
CA LYS A 155 -8.66 14.30 6.44
C LYS A 155 -7.36 13.75 5.83
N PHE A 156 -6.62 12.91 6.55
CA PHE A 156 -5.38 12.28 6.06
C PHE A 156 -5.70 11.23 5.00
N VAL A 157 -6.83 10.52 5.13
CA VAL A 157 -7.30 9.50 4.20
C VAL A 157 -7.97 10.16 2.97
N GLU A 158 -8.76 11.24 3.15
CA GLU A 158 -9.57 11.87 2.09
C GLU A 158 -8.77 12.40 0.89
N GLU A 159 -7.49 12.78 1.08
CA GLU A 159 -6.58 13.17 -0.01
C GLU A 159 -6.13 11.97 -0.87
N ILE A 160 -6.37 10.73 -0.42
CA ILE A 160 -5.92 9.47 -1.01
C ILE A 160 -7.13 8.60 -1.42
N LYS A 161 -8.36 8.92 -0.97
CA LYS A 161 -9.63 8.41 -1.51
C LYS A 161 -9.78 8.81 -2.99
N SER A 162 -9.25 9.99 -3.31
CA SER A 162 -9.39 10.74 -4.55
C SER A 162 -8.51 10.18 -5.68
N ILE A 163 -7.83 9.04 -5.45
CA ILE A 163 -7.16 8.21 -6.44
C ILE A 163 -8.18 7.52 -7.37
N ALA A 164 -9.42 7.29 -6.91
CA ALA A 164 -10.52 6.79 -7.72
C ALA A 164 -11.28 7.98 -8.33
N SER A 165 -11.60 7.89 -9.62
CA SER A 165 -12.31 8.93 -10.39
C SER A 165 -13.84 8.80 -10.28
N GLU A 166 -14.33 7.71 -9.68
CA GLU A 166 -15.72 7.27 -9.59
C GLU A 166 -15.95 6.70 -8.16
N PRO A 167 -17.21 6.37 -7.74
CA PRO A 167 -17.63 6.12 -6.34
C PRO A 167 -16.69 5.27 -5.46
N THR A 168 -16.41 5.75 -4.23
CA THR A 168 -15.52 5.09 -3.27
C THR A 168 -16.07 3.75 -2.75
N GLU A 169 -17.38 3.52 -2.86
CA GLU A 169 -18.10 2.31 -2.41
C GLU A 169 -17.64 1.02 -3.12
N LYS A 170 -16.96 1.14 -4.25
CA LYS A 170 -16.52 0.07 -5.14
C LYS A 170 -15.03 0.17 -5.52
N HIS A 171 -14.28 1.10 -4.91
CA HIS A 171 -12.85 1.33 -5.18
C HIS A 171 -12.04 1.71 -3.93
N PHE A 172 -12.62 1.58 -2.73
CA PHE A 172 -12.03 1.89 -1.44
C PHE A 172 -12.67 1.01 -0.36
N PHE A 173 -11.87 0.43 0.54
CA PHE A 173 -12.27 -0.36 1.70
C PHE A 173 -11.13 -0.40 2.74
N ASN A 174 -11.37 -0.97 3.92
CA ASN A 174 -10.41 -1.04 5.03
C ASN A 174 -9.70 -2.40 5.09
N VAL A 175 -8.45 -2.40 5.59
CA VAL A 175 -7.65 -3.59 5.97
C VAL A 175 -8.38 -4.50 6.99
N SER A 176 -9.26 -3.93 7.82
CA SER A 176 -9.99 -4.61 8.89
C SER A 176 -11.17 -5.46 8.36
N ASP A 177 -11.60 -5.26 7.10
CA ASP A 177 -12.75 -5.94 6.50
C ASP A 177 -12.26 -7.09 5.62
N GLU A 178 -12.91 -8.26 5.73
CA GLU A 178 -12.67 -9.46 4.92
C GLU A 178 -13.87 -9.82 4.03
N LEU A 179 -15.02 -9.15 4.18
CA LEU A 179 -16.23 -9.39 3.40
C LEU A 179 -16.17 -8.53 2.13
N ALA A 180 -15.63 -7.31 2.23
CA ALA A 180 -15.41 -6.37 1.13
C ALA A 180 -14.46 -6.90 0.04
N LEU A 181 -13.64 -7.92 0.35
CA LEU A 181 -12.76 -8.62 -0.59
C LEU A 181 -13.56 -9.31 -1.71
N VAL A 182 -14.75 -9.83 -1.39
CA VAL A 182 -15.65 -10.50 -2.34
C VAL A 182 -16.22 -9.48 -3.35
N THR A 183 -16.43 -8.22 -2.92
CA THR A 183 -16.91 -7.13 -3.76
C THR A 183 -15.86 -6.74 -4.83
N ILE A 184 -14.56 -6.93 -4.56
CA ILE A 184 -13.46 -6.69 -5.51
C ILE A 184 -13.46 -7.80 -6.58
N VAL A 185 -13.62 -9.06 -6.17
CA VAL A 185 -13.76 -10.23 -7.04
C VAL A 185 -15.01 -10.09 -7.96
N LYS A 186 -16.11 -9.50 -7.45
CA LYS A 186 -17.30 -9.17 -8.23
C LYS A 186 -17.06 -7.98 -9.18
N THR A 187 -16.34 -6.94 -8.75
CA THR A 187 -15.99 -5.75 -9.55
C THR A 187 -15.05 -6.13 -10.71
N LEU A 188 -14.01 -6.94 -10.44
CA LEU A 188 -13.09 -7.48 -11.44
C LEU A 188 -13.72 -8.60 -12.28
N GLY A 189 -14.94 -9.04 -11.94
CA GLY A 189 -15.78 -9.95 -12.71
C GLY A 189 -16.53 -9.25 -13.86
N GLU A 190 -16.57 -7.92 -13.86
CA GLU A 190 -17.02 -7.06 -14.97
C GLU A 190 -15.76 -6.50 -15.67
N ARG A 191 -15.91 -6.10 -16.94
CA ARG A 191 -14.82 -5.80 -17.87
C ARG A 191 -14.13 -4.44 -17.61
N ILE A 192 -14.79 -3.49 -16.91
CA ILE A 192 -14.26 -2.20 -16.50
C ILE A 192 -15.00 -1.78 -15.22
N GLY B 2 11.60 -14.99 34.12
CA GLY B 2 10.90 -14.82 32.84
C GLY B 2 11.50 -13.67 32.01
N PRO B 3 11.83 -13.87 30.72
CA PRO B 3 12.52 -12.85 29.92
C PRO B 3 11.59 -11.70 29.47
N GLY B 5 9.46 -8.95 27.23
CA GLY B 5 8.69 -9.01 26.00
C GLY B 5 9.28 -8.21 24.82
N PRO B 6 8.71 -8.33 23.60
CA PRO B 6 9.20 -7.66 22.40
C PRO B 6 8.80 -6.17 22.35
N GLY B 8 7.13 -2.56 21.43
CA GLY B 8 5.75 -2.14 21.16
C GLY B 8 5.51 -1.71 19.70
N LEU B 9 4.23 -1.74 19.28
CA LEU B 9 3.74 -1.37 17.95
C LEU B 9 4.13 0.08 17.55
N GLY B 11 3.96 3.92 16.38
CA GLY B 11 3.02 4.95 16.78
C GLY B 11 2.25 5.61 15.63
N GLU B 12 1.25 6.41 16.02
CA GLU B 12 0.44 7.26 15.16
C GLU B 12 1.28 8.36 14.49
N ASN B 13 0.81 8.89 13.35
CA ASN B 13 1.51 9.90 12.55
C ASN B 13 1.44 11.27 13.23
N GLY B 14 2.33 12.20 12.85
CA GLY B 14 2.37 13.56 13.34
C GLY B 14 1.15 14.41 12.95
N PRO B 15 0.77 15.41 13.77
CA PRO B 15 -0.41 16.26 13.53
C PRO B 15 -0.19 17.25 12.36
N GLY B 17 -0.03 20.82 10.21
CA GLY B 17 0.65 22.09 10.48
C GLY B 17 -0.28 23.28 10.75
N PRO B 18 0.27 24.43 11.19
CA PRO B 18 -0.50 25.63 11.53
C PRO B 18 -0.99 26.41 10.29
N GLY B 20 -1.73 29.34 7.44
CA GLY B 20 -0.85 30.24 6.68
C GLY B 20 -1.05 31.74 6.98
N PRO B 21 -0.12 32.61 6.55
CA PRO B 21 -0.15 34.06 6.82
C PRO B 21 -1.19 34.83 5.95
N GLY C 2 6.93 -13.04 31.61
CA GLY C 2 7.98 -12.08 31.94
C GLY C 2 7.43 -10.65 31.88
N PRO C 3 8.27 -9.62 32.11
CA PRO C 3 7.82 -8.22 32.12
C PRO C 3 7.55 -7.67 30.70
N GLY C 5 7.64 -5.50 27.22
CA GLY C 5 8.70 -4.97 26.36
C GLY C 5 8.75 -3.44 26.30
N PRO C 6 9.77 -2.85 25.63
CA PRO C 6 9.97 -1.40 25.56
C PRO C 6 8.94 -0.70 24.65
N GLY C 8 7.03 1.50 21.69
CA GLY C 8 7.16 1.62 20.25
C GLY C 8 7.65 3.01 19.82
N LEU C 9 8.29 3.07 18.65
CA LEU C 9 8.80 4.30 18.04
C LEU C 9 7.63 5.14 17.45
N GLY C 11 5.42 7.85 14.86
CA GLY C 11 5.17 8.00 13.43
C GLY C 11 5.92 9.17 12.80
N GLU C 12 5.69 9.40 11.51
CA GLU C 12 6.43 10.34 10.66
C GLU C 12 5.83 11.77 10.76
N ASN C 13 6.51 12.72 10.11
CA ASN C 13 6.18 14.14 10.01
C ASN C 13 4.79 14.35 9.37
N GLY C 14 3.96 15.19 10.00
CA GLY C 14 2.57 15.44 9.62
C GLY C 14 2.40 16.24 8.32
N PRO C 15 1.18 16.27 7.74
CA PRO C 15 0.91 16.98 6.48
C PRO C 15 0.88 18.52 6.67
N GLY C 17 -0.17 22.57 6.76
CA GLY C 17 -1.31 23.30 7.33
C GLY C 17 -2.24 23.96 6.28
N PRO C 18 -3.41 24.48 6.72
CA PRO C 18 -4.42 25.09 5.83
C PRO C 18 -4.02 26.50 5.34
N GLY C 20 -3.96 30.57 4.47
CA GLY C 20 -4.27 31.80 5.19
C GLY C 20 -5.43 32.61 4.59
N PRO C 21 -5.90 33.69 5.27
CA PRO C 21 -7.04 34.51 4.83
C PRO C 21 -6.69 35.45 3.64
N GLY D 2 7.76 -12.14 27.64
CA GLY D 2 6.65 -11.34 28.19
C GLY D 2 5.79 -10.67 27.12
N PRO D 3 4.79 -9.84 27.51
CA PRO D 3 3.86 -9.21 26.57
C PRO D 3 4.50 -8.04 25.78
N GLY D 5 5.31 -4.31 24.25
CA GLY D 5 5.37 -2.97 24.86
C GLY D 5 4.25 -2.01 24.41
N PRO D 6 4.11 -0.83 25.05
CA PRO D 6 3.07 0.16 24.73
C PRO D 6 3.27 0.85 23.36
N GLY D 8 3.58 3.82 20.36
CA GLY D 8 4.37 5.04 20.19
C GLY D 8 3.52 6.32 20.14
N LEU D 9 4.17 7.45 20.46
CA LEU D 9 3.63 8.81 20.47
C LEU D 9 3.42 9.35 19.03
N GLY D 11 4.15 11.83 15.77
CA GLY D 11 5.34 12.36 15.13
C GLY D 11 5.39 13.89 15.14
N GLU D 12 6.28 14.48 14.32
CA GLU D 12 6.49 15.92 14.19
C GLU D 12 5.26 16.63 13.59
N ASN D 13 4.95 17.83 14.11
CA ASN D 13 3.91 18.73 13.61
C ASN D 13 4.31 19.23 12.20
N GLY D 14 3.37 19.20 11.25
CA GLY D 14 3.61 19.44 9.83
C GLY D 14 3.97 20.88 9.44
N PRO D 15 4.43 21.11 8.18
CA PRO D 15 4.78 22.44 7.64
C PRO D 15 3.66 23.50 7.77
N GLY D 17 1.02 26.43 6.60
CA GLY D 17 0.18 26.55 5.41
C GLY D 17 0.55 27.71 4.49
N PRO D 18 0.06 27.70 3.23
CA PRO D 18 0.40 28.73 2.23
C PRO D 18 -0.26 30.10 2.51
N GLY D 20 -2.50 33.46 2.08
CA GLY D 20 -3.80 33.74 1.47
C GLY D 20 -3.68 34.83 0.39
N PRO D 21 -4.40 34.73 -0.76
CA PRO D 21 -4.33 35.64 -1.91
C PRO D 21 -4.25 37.16 -1.61
N SER A 1 -7.95 -19.91 -17.80
CA SER A 1 -6.66 -19.45 -17.29
C SER A 1 -6.61 -17.93 -17.26
N THR A 2 -6.67 -17.30 -16.08
CA THR A 2 -6.67 -15.86 -15.93
C THR A 2 -5.21 -15.35 -15.97
N GLN A 3 -4.72 -15.09 -17.18
CA GLN A 3 -3.36 -14.63 -17.39
C GLN A 3 -3.34 -13.11 -17.25
N LEU A 4 -2.73 -12.63 -16.15
CA LEU A 4 -2.64 -11.22 -15.81
C LEU A 4 -1.54 -10.98 -14.81
N ASP A 5 -0.79 -9.90 -14.99
CA ASP A 5 0.30 -9.49 -14.13
C ASP A 5 -0.23 -8.46 -13.14
N ILE A 6 -0.15 -8.79 -11.86
CA ILE A 6 -0.61 -7.95 -10.77
C ILE A 6 0.55 -7.68 -9.83
N VAL A 7 0.70 -6.45 -9.36
CA VAL A 7 1.70 -6.10 -8.35
C VAL A 7 1.00 -5.48 -7.14
N ILE A 8 1.39 -5.92 -5.95
CA ILE A 8 0.85 -5.43 -4.70
C ILE A 8 1.93 -4.56 -4.06
N VAL A 9 1.61 -3.28 -3.85
CA VAL A 9 2.51 -2.31 -3.28
C VAL A 9 2.07 -2.08 -1.83
N LEU A 10 2.90 -2.53 -0.88
CA LEU A 10 2.64 -2.43 0.56
C LEU A 10 3.48 -1.33 1.18
N ASP A 11 2.89 -0.60 2.12
CA ASP A 11 3.59 0.44 2.87
C ASP A 11 3.84 -0.13 4.26
N GLY A 12 5.10 -0.26 4.63
CA GLY A 12 5.48 -0.68 5.97
C GLY A 12 5.95 0.45 6.82
N SER A 13 5.30 1.58 6.67
CA SER A 13 5.53 2.78 7.42
C SER A 13 5.41 2.57 8.93
N ASN A 14 6.06 3.44 9.69
CA ASN A 14 5.92 3.51 11.14
C ASN A 14 4.51 4.02 11.48
N SER A 15 3.85 4.70 10.54
CA SER A 15 2.48 5.15 10.66
C SER A 15 1.45 4.03 10.42
N ILE A 16 1.91 2.80 10.20
CA ILE A 16 1.07 1.65 9.95
C ILE A 16 0.97 0.82 11.22
N TYR A 17 -0.17 0.15 11.37
CA TYR A 17 -0.45 -0.80 12.42
C TYR A 17 0.33 -2.11 12.22
N PRO A 18 0.31 -3.04 13.19
CA PRO A 18 0.96 -4.35 13.08
C PRO A 18 0.75 -5.03 11.73
N TRP A 19 1.81 -5.65 11.21
CA TRP A 19 1.82 -6.33 9.92
C TRP A 19 0.79 -7.46 9.84
N ASP A 20 0.26 -7.89 10.98
CA ASP A 20 -0.82 -8.87 11.13
C ASP A 20 -2.01 -8.59 10.20
N SER A 21 -2.43 -7.33 10.11
CA SER A 21 -3.55 -6.93 9.28
C SER A 21 -3.21 -7.08 7.79
N VAL A 22 -1.95 -6.83 7.42
CA VAL A 22 -1.47 -6.96 6.05
C VAL A 22 -1.33 -8.44 5.67
N THR A 23 -0.72 -9.25 6.54
CA THR A 23 -0.55 -10.69 6.31
C THR A 23 -1.88 -11.41 6.19
N ALA A 24 -2.87 -11.01 6.99
CA ALA A 24 -4.20 -11.60 6.96
C ALA A 24 -4.93 -11.23 5.67
N PHE A 25 -4.84 -9.95 5.25
CA PHE A 25 -5.42 -9.45 4.01
C PHE A 25 -4.85 -10.19 2.80
N LEU A 26 -3.53 -10.26 2.72
CA LEU A 26 -2.84 -10.95 1.63
C LEU A 26 -3.16 -12.44 1.62
N ASN A 27 -3.22 -13.06 2.80
CA ASN A 27 -3.59 -14.47 2.95
C ASN A 27 -5.00 -14.73 2.39
N ASP A 28 -5.98 -13.95 2.83
CA ASP A 28 -7.37 -14.10 2.40
C ASP A 28 -7.54 -13.79 0.92
N LEU A 29 -6.73 -12.87 0.39
CA LEU A 29 -6.70 -12.50 -1.01
C LEU A 29 -6.10 -13.64 -1.83
N LEU A 30 -4.92 -14.12 -1.44
CA LEU A 30 -4.22 -15.19 -2.13
C LEU A 30 -5.02 -16.47 -2.15
N GLU A 31 -5.75 -16.76 -1.08
CA GLU A 31 -6.62 -17.93 -1.00
C GLU A 31 -7.69 -17.94 -2.10
N ARG A 32 -8.16 -16.75 -2.50
CA ARG A 32 -9.12 -16.59 -3.57
C ARG A 32 -8.45 -16.52 -4.94
N MET A 33 -7.16 -16.13 -4.99
CA MET A 33 -6.41 -16.07 -6.23
C MET A 33 -6.12 -17.47 -6.76
N ASP A 34 -6.60 -17.74 -7.96
CA ASP A 34 -6.50 -19.02 -8.62
C ASP A 34 -5.13 -19.09 -9.27
N ILE A 35 -4.12 -19.60 -8.56
CA ILE A 35 -2.77 -19.70 -9.07
C ILE A 35 -2.47 -21.20 -9.20
N GLY A 36 -2.85 -21.76 -10.33
CA GLY A 36 -2.61 -23.14 -10.65
C GLY A 36 -1.22 -23.32 -11.28
N PRO A 37 -1.15 -23.63 -12.58
CA PRO A 37 0.13 -23.94 -13.24
C PRO A 37 0.94 -22.66 -13.50
N LYS A 38 0.30 -21.61 -14.04
CA LYS A 38 0.97 -20.38 -14.45
C LYS A 38 -0.04 -19.27 -14.78
N GLN A 39 -0.97 -19.00 -13.88
CA GLN A 39 -1.93 -17.92 -14.04
C GLN A 39 -1.99 -17.08 -12.77
N THR A 40 -2.46 -15.85 -12.89
CA THR A 40 -2.64 -14.91 -11.79
C THR A 40 -1.31 -14.64 -11.09
N GLN A 41 -0.40 -13.93 -11.75
CA GLN A 41 0.90 -13.64 -11.19
C GLN A 41 0.82 -12.36 -10.37
N VAL A 42 1.15 -12.48 -9.09
CA VAL A 42 1.12 -11.43 -8.10
C VAL A 42 2.49 -11.28 -7.46
N GLY A 43 3.04 -10.07 -7.51
CA GLY A 43 4.31 -9.75 -6.88
C GLY A 43 4.09 -8.88 -5.64
N ILE A 44 4.92 -9.09 -4.62
CA ILE A 44 4.83 -8.35 -3.37
C ILE A 44 6.03 -7.40 -3.29
N VAL A 45 5.72 -6.10 -3.26
CA VAL A 45 6.70 -5.05 -3.16
C VAL A 45 6.33 -4.15 -1.99
N GLN A 46 7.30 -3.82 -1.15
CA GLN A 46 7.11 -2.89 -0.06
C GLN A 46 7.95 -1.63 -0.30
N TYR A 47 7.45 -0.49 0.19
CA TYR A 47 8.16 0.77 0.14
C TYR A 47 8.33 1.41 1.52
N GLY A 48 9.26 2.35 1.56
CA GLY A 48 9.62 3.12 2.73
C GLY A 48 10.70 4.10 2.34
N GLU A 49 11.85 4.05 3.01
CA GLU A 49 13.03 4.84 2.66
C GLU A 49 13.62 4.34 1.34
N ASN A 50 13.39 3.05 1.05
CA ASN A 50 13.81 2.34 -0.14
C ASN A 50 12.67 1.47 -0.61
N VAL A 51 12.85 0.78 -1.73
CA VAL A 51 11.88 -0.16 -2.28
C VAL A 51 12.49 -1.55 -2.26
N THR A 52 11.94 -2.45 -1.44
CA THR A 52 12.42 -3.82 -1.33
C THR A 52 11.36 -4.78 -1.87
N HIS A 53 11.83 -5.73 -2.69
CA HIS A 53 11.02 -6.77 -3.29
C HIS A 53 11.76 -8.10 -3.24
N GLU A 54 11.53 -8.86 -2.18
CA GLU A 54 12.16 -10.18 -2.04
C GLU A 54 11.53 -11.21 -2.97
N PHE A 55 10.28 -11.00 -3.39
CA PHE A 55 9.57 -11.89 -4.30
C PHE A 55 9.11 -11.10 -5.51
N ASN A 56 9.73 -11.40 -6.65
CA ASN A 56 9.40 -10.79 -7.93
C ASN A 56 8.22 -11.52 -8.56
N LEU A 57 7.69 -10.96 -9.66
CA LEU A 57 6.54 -11.51 -10.36
C LEU A 57 6.82 -12.91 -10.90
N ASN A 58 8.01 -13.16 -11.44
CA ASN A 58 8.36 -14.49 -11.96
C ASN A 58 8.78 -15.47 -10.87
N LYS A 59 8.71 -15.06 -9.61
CA LYS A 59 9.04 -15.92 -8.49
C LYS A 59 7.80 -16.68 -7.99
N TYR A 60 6.62 -16.41 -8.55
CA TYR A 60 5.40 -17.09 -8.17
C TYR A 60 5.38 -18.51 -8.77
N SER A 61 4.57 -19.39 -8.20
CA SER A 61 4.43 -20.77 -8.65
C SER A 61 3.02 -21.28 -8.43
N SER A 62 2.55 -21.22 -7.18
CA SER A 62 1.25 -21.69 -6.76
C SER A 62 0.64 -20.69 -5.80
N THR A 63 -0.65 -20.88 -5.49
CA THR A 63 -1.38 -20.07 -4.52
C THR A 63 -0.65 -20.06 -3.17
N GLU A 64 -0.23 -21.26 -2.74
CA GLU A 64 0.49 -21.45 -1.50
C GLU A 64 1.82 -20.68 -1.50
N GLU A 65 2.58 -20.78 -2.60
CA GLU A 65 3.88 -20.13 -2.74
C GLU A 65 3.77 -18.62 -2.62
N VAL A 66 2.78 -18.00 -3.26
CA VAL A 66 2.62 -16.56 -3.18
C VAL A 66 2.02 -16.15 -1.83
N LEU A 67 1.13 -16.97 -1.27
CA LEU A 67 0.53 -16.71 0.03
C LEU A 67 1.61 -16.65 1.10
N VAL A 68 2.48 -17.68 1.16
CA VAL A 68 3.58 -17.73 2.10
C VAL A 68 4.59 -16.62 1.81
N ALA A 69 4.78 -16.23 0.54
CA ALA A 69 5.70 -15.17 0.16
C ALA A 69 5.20 -13.81 0.66
N ALA A 70 3.89 -13.59 0.62
CA ALA A 70 3.27 -12.38 1.10
C ALA A 70 3.41 -12.24 2.62
N LYS A 71 3.27 -13.35 3.35
CA LYS A 71 3.49 -13.35 4.79
C LYS A 71 4.96 -13.43 5.20
N LYS A 72 5.84 -13.75 4.26
CA LYS A 72 7.27 -13.79 4.49
C LYS A 72 7.84 -12.36 4.53
N ILE A 73 7.41 -11.50 3.60
CA ILE A 73 7.89 -10.13 3.54
C ILE A 73 7.19 -9.32 4.63
N VAL A 74 7.90 -9.11 5.73
CA VAL A 74 7.46 -8.33 6.87
C VAL A 74 8.27 -7.04 6.95
N GLN A 75 7.60 -5.95 7.29
CA GLN A 75 8.22 -4.67 7.48
C GLN A 75 8.42 -4.38 8.96
N ARG A 76 9.65 -4.04 9.32
CA ARG A 76 10.00 -3.69 10.69
C ARG A 76 9.88 -2.20 10.96
N GLY A 77 9.68 -1.36 9.93
CA GLY A 77 9.46 0.07 10.13
C GLY A 77 9.90 0.88 8.93
N GLY A 78 9.06 1.84 8.54
CA GLY A 78 9.29 2.72 7.41
C GLY A 78 9.24 4.17 7.87
N ARG A 79 10.18 4.97 7.40
CA ARG A 79 10.31 6.36 7.84
C ARG A 79 9.22 7.25 7.27
N GLN A 80 8.79 7.05 6.02
CA GLN A 80 7.78 7.88 5.37
C GLN A 80 6.89 7.06 4.45
N THR A 81 5.64 7.48 4.29
CA THR A 81 4.71 6.87 3.36
C THR A 81 4.81 7.67 2.06
N MET A 82 5.32 7.04 1.00
CA MET A 82 5.38 7.65 -0.32
C MET A 82 4.65 6.78 -1.33
N THR A 83 3.33 7.00 -1.48
CA THR A 83 2.47 6.27 -2.40
C THR A 83 2.97 6.42 -3.84
N ALA A 84 3.23 7.65 -4.29
CA ALA A 84 3.70 7.94 -5.65
C ALA A 84 5.01 7.23 -5.96
N LEU A 85 5.95 7.23 -5.00
CA LEU A 85 7.23 6.55 -5.11
C LEU A 85 7.02 5.04 -5.27
N GLY A 86 6.14 4.45 -4.46
CA GLY A 86 5.85 3.04 -4.49
C GLY A 86 5.28 2.61 -5.84
N ILE A 87 4.30 3.35 -6.35
CA ILE A 87 3.67 3.07 -7.65
C ILE A 87 4.68 3.21 -8.79
N ASP A 88 5.40 4.34 -8.83
CA ASP A 88 6.36 4.65 -9.88
C ASP A 88 7.50 3.63 -9.93
N THR A 89 8.03 3.26 -8.77
CA THR A 89 9.12 2.31 -8.69
C THR A 89 8.62 0.89 -9.01
N ALA A 90 7.42 0.51 -8.54
CA ALA A 90 6.86 -0.82 -8.81
C ALA A 90 6.66 -1.05 -10.31
N ARG A 91 6.11 -0.07 -11.02
CA ARG A 91 5.87 -0.19 -12.46
C ARG A 91 7.15 -0.10 -13.30
N LYS A 92 8.21 0.55 -12.80
CA LYS A 92 9.46 0.70 -13.53
C LYS A 92 10.55 -0.27 -13.04
N GLU A 93 10.27 -1.08 -12.03
CA GLU A 93 11.23 -2.03 -11.49
C GLU A 93 10.64 -3.43 -11.37
N ALA A 94 9.53 -3.58 -10.65
CA ALA A 94 8.91 -4.89 -10.48
C ALA A 94 8.16 -5.31 -11.73
N PHE A 95 7.51 -4.36 -12.42
CA PHE A 95 6.78 -4.63 -13.65
C PHE A 95 7.71 -4.54 -14.88
N THR A 96 8.88 -5.14 -14.78
CA THR A 96 9.82 -5.24 -15.89
C THR A 96 9.97 -6.69 -16.32
N GLU A 97 10.27 -6.89 -17.60
CA GLU A 97 10.55 -8.16 -18.23
C GLU A 97 11.62 -8.97 -17.50
N ALA A 98 12.67 -8.27 -17.04
CA ALA A 98 13.77 -8.88 -16.28
C ALA A 98 13.33 -9.37 -14.90
N ARG A 99 12.20 -8.87 -14.38
CA ARG A 99 11.63 -9.32 -13.11
C ARG A 99 10.50 -10.34 -13.36
N GLY A 100 10.19 -10.63 -14.62
CA GLY A 100 9.19 -11.60 -15.02
C GLY A 100 7.85 -11.05 -15.37
N ALA A 101 7.80 -9.79 -15.75
CA ALA A 101 6.54 -9.18 -16.12
C ALA A 101 6.27 -9.44 -17.61
N ARG A 102 5.01 -9.72 -17.91
CA ARG A 102 4.54 -9.98 -19.25
C ARG A 102 4.08 -8.70 -19.93
N ARG A 103 4.65 -8.45 -21.11
CA ARG A 103 4.38 -7.26 -21.89
C ARG A 103 3.17 -7.54 -22.75
N GLY A 104 2.09 -6.80 -22.51
CA GLY A 104 0.86 -6.88 -23.28
C GLY A 104 -0.27 -7.59 -22.55
N VAL A 105 -0.04 -8.09 -21.33
CA VAL A 105 -1.08 -8.73 -20.55
C VAL A 105 -1.77 -7.67 -19.67
N LYS A 106 -2.88 -8.05 -19.04
CA LYS A 106 -3.62 -7.20 -18.11
C LYS A 106 -2.74 -6.84 -16.92
N LYS A 107 -2.47 -5.54 -16.79
CA LYS A 107 -1.64 -4.98 -15.74
C LYS A 107 -2.53 -4.40 -14.65
N VAL A 108 -2.40 -4.98 -13.46
CA VAL A 108 -3.16 -4.55 -12.29
C VAL A 108 -2.18 -4.14 -11.19
N MET A 109 -2.50 -3.05 -10.49
CA MET A 109 -1.69 -2.52 -9.41
C MET A 109 -2.56 -2.30 -8.18
N VAL A 110 -2.24 -2.96 -7.09
CA VAL A 110 -2.93 -2.79 -5.82
C VAL A 110 -2.01 -1.98 -4.92
N ILE A 111 -2.45 -0.80 -4.46
CA ILE A 111 -1.65 0.07 -3.62
C ILE A 111 -2.37 0.36 -2.32
N VAL A 112 -1.66 0.17 -1.21
CA VAL A 112 -2.17 0.48 0.11
C VAL A 112 -1.47 1.73 0.65
N THR A 113 -2.22 2.54 1.39
CA THR A 113 -1.71 3.74 2.05
C THR A 113 -2.52 4.02 3.30
N ASP A 114 -1.88 4.62 4.31
CA ASP A 114 -2.52 5.07 5.52
C ASP A 114 -3.06 6.47 5.35
N GLY A 115 -2.26 7.39 4.82
CA GLY A 115 -2.66 8.76 4.65
C GLY A 115 -1.51 9.74 4.87
N GLU A 116 -0.64 9.84 3.87
CA GLU A 116 0.49 10.74 3.91
C GLU A 116 0.94 11.01 2.47
N SER A 117 0.38 12.05 1.85
CA SER A 117 0.75 12.43 0.50
C SER A 117 1.62 13.69 0.59
N HIS A 118 2.87 13.51 1.03
CA HIS A 118 3.86 14.59 1.14
C HIS A 118 4.17 15.21 -0.23
N ASP A 119 4.12 14.40 -1.29
CA ASP A 119 4.31 14.84 -2.66
C ASP A 119 3.07 14.53 -3.47
N ASN A 120 2.21 15.53 -3.61
CA ASN A 120 1.02 15.45 -4.44
C ASN A 120 1.31 15.82 -5.90
N HIS A 121 2.45 16.47 -6.14
CA HIS A 121 2.89 16.92 -7.47
C HIS A 121 3.15 15.72 -8.37
N ARG A 122 3.95 14.76 -7.89
CA ARG A 122 4.23 13.54 -8.63
C ARG A 122 3.04 12.61 -8.58
N LEU A 123 2.22 12.66 -7.52
CA LEU A 123 1.03 11.82 -7.37
C LEU A 123 0.08 11.99 -8.57
N LYS A 124 -0.22 13.25 -8.91
CA LYS A 124 -1.06 13.55 -10.06
C LYS A 124 -0.43 13.15 -11.39
N LYS A 125 0.90 13.22 -11.48
CA LYS A 125 1.63 12.83 -12.66
C LYS A 125 1.61 11.31 -12.85
N VAL A 126 1.86 10.55 -11.78
CA VAL A 126 1.85 9.09 -11.82
C VAL A 126 0.44 8.57 -12.14
N ILE A 127 -0.60 9.21 -11.58
CA ILE A 127 -1.98 8.84 -11.86
C ILE A 127 -2.29 9.04 -13.34
N GLN A 128 -1.88 10.18 -13.91
CA GLN A 128 -2.10 10.50 -15.32
C GLN A 128 -1.33 9.52 -16.22
N ASP A 129 -0.14 9.11 -15.77
CA ASP A 129 0.72 8.16 -16.44
C ASP A 129 0.04 6.80 -16.55
N CYS A 130 -0.45 6.29 -15.41
CA CYS A 130 -1.13 5.01 -15.33
C CYS A 130 -2.50 5.07 -16.01
N GLU A 131 -3.07 6.27 -16.17
CA GLU A 131 -4.34 6.50 -16.84
C GLU A 131 -4.19 6.27 -18.34
N ASP A 132 -3.13 6.81 -18.95
CA ASP A 132 -2.83 6.61 -20.37
C ASP A 132 -2.47 5.15 -20.65
N GLU A 133 -1.78 4.51 -19.70
CA GLU A 133 -1.41 3.11 -19.79
C GLU A 133 -2.62 2.20 -19.55
N ASN A 134 -3.73 2.73 -19.02
CA ASN A 134 -4.99 2.02 -18.77
C ASN A 134 -4.79 0.92 -17.73
N ILE A 135 -3.92 1.17 -16.75
CA ILE A 135 -3.60 0.20 -15.70
C ILE A 135 -4.76 0.19 -14.72
N GLN A 136 -5.12 -0.99 -14.24
CA GLN A 136 -6.16 -1.17 -13.23
C GLN A 136 -5.54 -0.94 -11.86
N ARG A 137 -6.01 0.10 -11.15
CA ARG A 137 -5.53 0.45 -9.82
C ARG A 137 -6.64 0.34 -8.79
N PHE A 138 -6.30 -0.16 -7.61
CA PHE A 138 -7.19 -0.28 -6.47
C PHE A 138 -6.58 0.42 -5.27
N SER A 139 -7.42 1.12 -4.50
CA SER A 139 -6.97 1.91 -3.38
C SER A 139 -7.34 1.19 -2.08
N ILE A 140 -6.34 0.84 -1.29
CA ILE A 140 -6.52 0.13 -0.04
C ILE A 140 -6.11 1.08 1.09
N ALA A 141 -6.93 1.22 2.11
CA ALA A 141 -6.68 2.10 3.24
C ALA A 141 -6.37 1.30 4.49
N ILE A 142 -5.33 1.70 5.20
CA ILE A 142 -4.93 1.09 6.45
C ILE A 142 -4.90 2.17 7.53
N LEU A 143 -5.70 1.99 8.56
CA LEU A 143 -5.76 2.90 9.68
C LEU A 143 -6.18 2.14 10.92
N GLY A 144 -5.94 2.74 12.07
CA GLY A 144 -6.35 2.17 13.33
C GLY A 144 -7.28 3.08 14.10
N SER A 145 -7.97 2.49 15.06
CA SER A 145 -8.95 3.20 15.88
C SER A 145 -8.32 3.67 17.20
N TYR A 146 -7.18 3.11 17.59
CA TYR A 146 -6.47 3.50 18.81
C TYR A 146 -5.48 4.61 18.49
N ASN A 147 -5.98 5.84 18.56
CA ASN A 147 -5.21 7.06 18.37
C ASN A 147 -5.32 7.87 19.65
N ARG A 148 -4.32 8.69 19.93
CA ARG A 148 -4.28 9.55 21.12
C ARG A 148 -4.18 11.03 20.74
N GLY A 149 -3.62 11.35 19.60
CA GLY A 149 -3.49 12.70 19.10
C GLY A 149 -4.56 12.99 18.05
N ASN A 150 -4.75 14.27 17.74
CA ASN A 150 -5.71 14.69 16.72
C ASN A 150 -4.96 14.87 15.41
N LEU A 151 -4.62 13.75 14.79
CA LEU A 151 -4.00 13.72 13.48
C LEU A 151 -5.04 13.76 12.37
N SER A 152 -6.28 13.37 12.67
CA SER A 152 -7.40 13.32 11.74
C SER A 152 -7.10 12.36 10.58
N THR A 153 -7.16 11.07 10.89
CA THR A 153 -6.92 9.98 9.94
C THR A 153 -7.88 10.04 8.76
N GLU A 154 -9.12 10.50 8.96
CA GLU A 154 -10.10 10.63 7.89
C GLU A 154 -9.64 11.64 6.83
N LYS A 155 -9.03 12.75 7.27
CA LYS A 155 -8.50 13.78 6.39
C LYS A 155 -7.25 13.29 5.63
N PHE A 156 -6.58 12.28 6.19
CA PHE A 156 -5.39 11.71 5.61
C PHE A 156 -5.71 10.79 4.44
N VAL A 157 -6.73 9.94 4.56
CA VAL A 157 -7.08 9.03 3.49
C VAL A 157 -8.05 9.67 2.49
N GLU A 158 -8.77 10.73 2.86
CA GLU A 158 -9.71 11.37 1.95
C GLU A 158 -9.03 12.00 0.74
N GLU A 159 -7.82 12.55 0.89
CA GLU A 159 -7.08 13.12 -0.25
C GLU A 159 -6.63 12.02 -1.22
N ILE A 160 -6.51 10.79 -0.73
CA ILE A 160 -6.17 9.62 -1.54
C ILE A 160 -7.46 9.06 -2.15
N LYS A 161 -8.58 9.13 -1.43
CA LYS A 161 -9.87 8.65 -1.91
C LYS A 161 -10.37 9.52 -3.07
N SER A 162 -9.87 10.75 -3.20
CA SER A 162 -10.21 11.69 -4.26
C SER A 162 -9.89 11.13 -5.66
N ILE A 163 -9.04 10.08 -5.74
CA ILE A 163 -8.74 9.38 -6.98
C ILE A 163 -9.99 8.68 -7.54
N ALA A 164 -10.87 8.19 -6.66
CA ALA A 164 -12.09 7.52 -7.07
C ALA A 164 -13.19 8.55 -7.26
N SER A 165 -13.44 8.91 -8.52
CA SER A 165 -14.47 9.85 -8.93
C SER A 165 -15.86 9.20 -8.83
N GLU A 166 -15.92 7.89 -9.05
CA GLU A 166 -17.13 7.09 -8.87
C GLU A 166 -17.26 6.68 -7.39
N PRO A 167 -18.36 5.98 -6.99
CA PRO A 167 -18.55 5.49 -5.61
C PRO A 167 -17.29 4.89 -4.99
N THR A 168 -16.88 5.41 -3.85
CA THR A 168 -15.67 4.98 -3.16
C THR A 168 -15.79 3.53 -2.69
N GLU A 169 -16.99 3.09 -2.32
CA GLU A 169 -17.23 1.74 -1.82
C GLU A 169 -16.97 0.63 -2.85
N LYS A 170 -16.79 0.96 -4.14
CA LYS A 170 -16.48 -0.03 -5.17
C LYS A 170 -15.04 0.06 -5.68
N HIS A 171 -14.20 0.90 -5.08
CA HIS A 171 -12.81 1.07 -5.50
C HIS A 171 -11.84 1.37 -4.37
N PHE A 172 -12.36 1.66 -3.18
CA PHE A 172 -11.62 2.06 -2.01
C PHE A 172 -12.15 1.29 -0.82
N PHE A 173 -11.28 0.49 -0.19
CA PHE A 173 -11.63 -0.32 0.97
C PHE A 173 -10.48 -0.42 1.95
N ASN A 174 -10.74 -1.02 3.10
CA ASN A 174 -9.75 -1.19 4.15
C ASN A 174 -9.06 -2.55 4.08
N VAL A 175 -7.81 -2.59 4.52
CA VAL A 175 -6.98 -3.80 4.54
C VAL A 175 -7.51 -4.80 5.57
N SER A 176 -8.13 -4.30 6.64
CA SER A 176 -8.69 -5.10 7.70
C SER A 176 -10.04 -5.74 7.29
N ASP A 177 -10.57 -5.40 6.12
CA ASP A 177 -11.83 -5.96 5.64
C ASP A 177 -11.55 -7.01 4.56
N GLU A 178 -11.67 -8.27 4.93
CA GLU A 178 -11.50 -9.40 4.03
C GLU A 178 -12.75 -9.67 3.19
N LEU A 179 -13.87 -9.00 3.48
CA LEU A 179 -15.08 -9.13 2.67
C LEU A 179 -14.99 -8.20 1.47
N ALA A 180 -14.21 -7.11 1.58
CA ALA A 180 -13.99 -6.16 0.50
C ALA A 180 -13.32 -6.80 -0.72
N LEU A 181 -12.61 -7.91 -0.49
CA LEU A 181 -12.02 -8.73 -1.52
C LEU A 181 -13.10 -9.35 -2.41
N VAL A 182 -14.22 -9.77 -1.84
CA VAL A 182 -15.34 -10.28 -2.60
C VAL A 182 -16.00 -9.15 -3.37
N THR A 183 -16.17 -7.99 -2.73
CA THR A 183 -16.78 -6.81 -3.33
C THR A 183 -16.01 -6.35 -4.58
N ILE A 184 -14.67 -6.32 -4.50
CA ILE A 184 -13.85 -5.92 -5.64
C ILE A 184 -13.92 -6.96 -6.77
N VAL A 185 -13.98 -8.25 -6.43
CA VAL A 185 -14.11 -9.31 -7.42
C VAL A 185 -15.45 -9.19 -8.15
N LYS A 186 -16.53 -8.89 -7.42
CA LYS A 186 -17.85 -8.69 -7.98
C LYS A 186 -17.86 -7.55 -8.99
N THR A 187 -17.11 -6.49 -8.67
CA THR A 187 -16.97 -5.33 -9.54
C THR A 187 -16.08 -5.66 -10.76
N LEU A 188 -15.01 -6.43 -10.56
CA LEU A 188 -14.10 -6.84 -11.62
C LEU A 188 -14.73 -7.86 -12.58
N GLY A 189 -15.82 -8.50 -12.15
CA GLY A 189 -16.57 -9.43 -12.97
C GLY A 189 -17.42 -8.75 -14.03
N GLU A 190 -17.48 -7.42 -14.02
CA GLU A 190 -18.21 -6.65 -15.01
C GLU A 190 -17.34 -6.32 -16.21
N ARG A 191 -17.97 -5.74 -17.23
CA ARG A 191 -17.29 -5.35 -18.46
C ARG A 191 -16.50 -4.05 -18.27
N ILE A 192 -16.93 -3.19 -17.34
CA ILE A 192 -16.29 -1.95 -16.98
C ILE A 192 -16.88 -1.43 -15.65
N GLY B 2 11.99 -12.84 34.29
CA GLY B 2 11.33 -13.14 33.03
C GLY B 2 11.92 -12.36 31.86
N PRO B 3 11.93 -12.92 30.64
CA PRO B 3 12.49 -12.26 29.46
C PRO B 3 11.57 -11.12 29.02
N GLY B 5 9.45 -8.46 26.69
CA GLY B 5 8.65 -8.66 25.50
C GLY B 5 9.19 -7.96 24.26
N PRO B 6 8.47 -8.08 23.13
CA PRO B 6 8.89 -7.51 21.85
C PRO B 6 8.45 -6.04 21.73
N GLY B 8 6.65 -2.49 20.99
CA GLY B 8 5.26 -2.11 21.07
C GLY B 8 4.75 -1.47 19.78
N LEU B 9 3.56 -0.89 19.86
CA LEU B 9 2.93 -0.24 18.72
C LEU B 9 3.71 1.02 18.35
N GLY B 11 4.43 4.89 16.93
CA GLY B 11 3.79 6.16 17.17
C GLY B 11 2.87 6.56 16.04
N GLU B 12 1.78 7.25 16.39
CA GLU B 12 0.77 7.75 15.47
C GLU B 12 1.39 8.77 14.50
N ASN B 13 0.80 8.94 13.34
CA ASN B 13 1.29 9.89 12.34
C ASN B 13 1.21 11.33 12.85
N GLY B 14 2.03 12.21 12.29
CA GLY B 14 2.12 13.59 12.71
C GLY B 14 0.81 14.34 12.45
N PRO B 15 0.39 15.23 13.37
CA PRO B 15 -0.83 15.99 13.23
C PRO B 15 -0.72 17.08 12.15
N GLY B 17 -0.68 20.64 10.22
CA GLY B 17 -0.11 21.93 10.58
C GLY B 17 -1.17 23.04 10.74
N PRO B 18 -0.76 24.20 11.27
CA PRO B 18 -1.65 25.32 11.50
C PRO B 18 -1.78 26.21 10.24
N GLY B 20 -1.64 29.24 7.52
CA GLY B 20 -0.54 30.12 7.16
C GLY B 20 -0.80 31.58 7.53
N PRO B 21 0.14 32.47 7.19
CA PRO B 21 0.04 33.89 7.49
C PRO B 21 -0.87 34.62 6.49
N GLY C 2 6.76 -12.06 31.38
CA GLY C 2 7.39 -11.20 32.35
C GLY C 2 7.27 -9.73 31.95
N PRO C 3 8.39 -8.98 31.92
CA PRO C 3 8.38 -7.55 31.66
C PRO C 3 7.99 -7.26 30.20
N GLY C 5 7.94 -5.08 26.42
CA GLY C 5 9.00 -4.69 25.52
C GLY C 5 9.20 -3.18 25.44
N PRO C 6 10.01 -2.71 24.47
CA PRO C 6 10.31 -1.30 24.31
C PRO C 6 9.16 -0.56 23.60
N GLY C 8 7.13 1.92 20.96
CA GLY C 8 7.24 2.13 19.52
C GLY C 8 7.96 3.42 19.18
N LEU C 9 8.50 3.49 17.97
CA LEU C 9 9.23 4.66 17.51
C LEU C 9 8.26 5.77 17.11
N GLY C 11 6.11 8.64 15.28
CA GLY C 11 5.48 8.64 13.97
C GLY C 11 6.18 9.55 12.97
N GLU C 12 5.62 9.59 11.77
CA GLU C 12 6.19 10.33 10.66
C GLU C 12 5.71 11.78 10.68
N ASN C 13 6.35 12.62 9.87
CA ASN C 13 6.05 14.05 9.78
C ASN C 13 4.66 14.24 9.16
N GLY C 14 3.82 15.03 9.83
CA GLY C 14 2.47 15.30 9.39
C GLY C 14 2.41 16.29 8.22
N PRO C 15 1.20 16.51 7.67
CA PRO C 15 1.01 17.38 6.52
C PRO C 15 0.97 18.85 6.92
N GLY C 17 -0.11 22.94 7.11
CA GLY C 17 -1.40 23.55 7.38
C GLY C 17 -2.06 24.18 6.15
N PRO C 18 -3.32 24.65 6.31
CA PRO C 18 -4.10 25.21 5.21
C PRO C 18 -3.62 26.64 4.90
N GLY C 20 -3.28 30.63 4.56
CA GLY C 20 -3.63 31.70 5.47
C GLY C 20 -4.77 32.58 4.95
N PRO C 21 -5.32 33.47 5.80
CA PRO C 21 -6.44 34.32 5.44
C PRO C 21 -6.06 35.31 4.31
N GLY D 2 8.03 -11.60 27.30
CA GLY D 2 6.80 -11.10 27.89
C GLY D 2 5.92 -10.36 26.88
N PRO D 3 5.02 -9.48 27.37
CA PRO D 3 4.04 -8.77 26.54
C PRO D 3 4.71 -7.67 25.71
N GLY D 5 5.65 -3.96 24.09
CA GLY D 5 5.79 -2.66 24.73
C GLY D 5 4.62 -1.70 24.46
N PRO D 6 4.66 -0.50 25.04
CA PRO D 6 3.62 0.50 24.86
C PRO D 6 3.76 1.26 23.54
N GLY D 8 4.32 4.28 20.78
CA GLY D 8 5.25 5.39 20.68
C GLY D 8 4.53 6.74 20.65
N LEU D 9 5.32 7.81 20.57
CA LEU D 9 4.80 9.17 20.53
C LEU D 9 4.41 9.54 19.09
N GLY D 11 4.08 11.64 15.50
CA GLY D 11 5.03 12.27 14.62
C GLY D 11 5.05 13.78 14.78
N GLU D 12 5.92 14.42 14.00
CA GLU D 12 6.12 15.86 14.07
C GLU D 12 4.93 16.56 13.42
N ASN D 13 4.48 17.65 14.04
CA ASN D 13 3.39 18.46 13.53
C ASN D 13 3.83 19.11 12.22
N GLY D 14 2.92 19.14 11.25
CA GLY D 14 3.18 19.73 9.96
C GLY D 14 3.47 21.22 10.03
N PRO D 15 4.33 21.74 9.12
CA PRO D 15 4.70 23.16 9.11
C PRO D 15 3.48 24.05 8.80
N GLY D 17 0.86 26.56 7.04
CA GLY D 17 0.41 26.62 5.67
C GLY D 17 0.98 27.80 4.88
N PRO D 18 0.69 27.85 3.57
CA PRO D 18 1.17 28.93 2.71
C PRO D 18 0.47 30.27 2.99
N GLY D 20 -1.73 33.65 2.70
CA GLY D 20 -3.05 33.89 2.15
C GLY D 20 -2.99 34.80 0.92
N PRO D 21 -3.81 34.52 -0.11
CA PRO D 21 -3.85 35.28 -1.37
C PRO D 21 -4.10 36.78 -1.14
N SER A 1 -6.61 -22.36 -15.73
CA SER A 1 -5.36 -21.67 -15.40
C SER A 1 -5.51 -20.17 -15.62
N THR A 2 -5.26 -19.35 -14.59
CA THR A 2 -5.39 -17.89 -14.68
C THR A 2 -4.01 -17.24 -14.58
N GLN A 3 -3.38 -16.97 -15.72
CA GLN A 3 -2.11 -16.29 -15.77
C GLN A 3 -2.38 -14.78 -15.80
N LEU A 4 -1.73 -14.06 -14.88
CA LEU A 4 -1.88 -12.63 -14.70
C LEU A 4 -0.71 -12.05 -13.92
N ASP A 5 -0.36 -10.81 -14.24
CA ASP A 5 0.72 -10.07 -13.58
C ASP A 5 0.09 -9.27 -12.44
N ILE A 6 0.42 -9.64 -11.20
CA ILE A 6 -0.06 -8.99 -9.99
C ILE A 6 1.13 -8.56 -9.14
N VAL A 7 1.17 -7.29 -8.73
CA VAL A 7 2.17 -6.78 -7.81
C VAL A 7 1.49 -6.24 -6.55
N ILE A 8 2.11 -6.45 -5.40
CA ILE A 8 1.64 -5.99 -4.11
C ILE A 8 2.67 -5.02 -3.55
N VAL A 9 2.28 -3.76 -3.39
CA VAL A 9 3.12 -2.71 -2.87
C VAL A 9 2.71 -2.44 -1.42
N LEU A 10 3.60 -2.77 -0.47
CA LEU A 10 3.37 -2.60 0.95
C LEU A 10 4.27 -1.49 1.50
N ASP A 11 3.87 -0.91 2.61
CA ASP A 11 4.63 0.13 3.29
C ASP A 11 5.15 -0.48 4.59
N GLY A 12 6.44 -0.29 4.85
CA GLY A 12 7.09 -0.71 6.07
C GLY A 12 7.44 0.46 6.97
N SER A 13 6.73 1.56 6.79
CA SER A 13 6.87 2.77 7.54
C SER A 13 6.70 2.57 9.05
N ASN A 14 7.19 3.56 9.80
CA ASN A 14 6.97 3.68 11.23
C ASN A 14 5.51 4.09 11.47
N SER A 15 4.85 4.64 10.44
CA SER A 15 3.44 4.97 10.43
C SER A 15 2.55 3.72 10.30
N ILE A 16 3.13 2.58 9.93
CA ILE A 16 2.44 1.32 9.79
C ILE A 16 2.67 0.51 11.07
N TYR A 17 1.64 -0.22 11.46
CA TYR A 17 1.68 -1.14 12.61
C TYR A 17 2.56 -2.36 12.34
N PRO A 18 2.89 -3.14 13.39
CA PRO A 18 3.69 -4.37 13.30
C PRO A 18 3.45 -5.21 12.04
N TRP A 19 4.54 -5.70 11.45
CA TRP A 19 4.54 -6.50 10.22
C TRP A 19 3.76 -7.81 10.38
N ASP A 20 3.42 -8.19 11.61
CA ASP A 20 2.60 -9.36 11.94
C ASP A 20 1.23 -9.32 11.25
N SER A 21 0.63 -8.14 11.15
CA SER A 21 -0.66 -7.98 10.50
C SER A 21 -0.50 -8.03 8.98
N VAL A 22 0.60 -7.48 8.45
CA VAL A 22 0.91 -7.50 7.03
C VAL A 22 1.16 -8.94 6.55
N THR A 23 1.94 -9.71 7.31
CA THR A 23 2.23 -11.10 6.99
C THR A 23 0.97 -11.96 7.03
N ALA A 24 0.10 -11.74 8.02
CA ALA A 24 -1.16 -12.45 8.14
C ALA A 24 -2.07 -12.17 6.95
N PHE A 25 -2.10 -10.92 6.47
CA PHE A 25 -2.88 -10.52 5.31
C PHE A 25 -2.36 -11.20 4.04
N LEU A 26 -1.05 -11.12 3.80
CA LEU A 26 -0.42 -11.73 2.63
C LEU A 26 -0.56 -13.25 2.64
N ASN A 27 -0.45 -13.85 3.83
CA ASN A 27 -0.67 -15.28 4.03
C ASN A 27 -2.10 -15.66 3.63
N ASP A 28 -3.09 -14.91 4.12
CA ASP A 28 -4.50 -15.17 3.84
C ASP A 28 -4.84 -15.00 2.36
N LEU A 29 -4.16 -14.07 1.69
CA LEU A 29 -4.33 -13.82 0.28
C LEU A 29 -3.69 -14.94 -0.54
N LEU A 30 -2.41 -15.25 -0.26
CA LEU A 30 -1.68 -16.28 -0.98
C LEU A 30 -2.23 -17.67 -0.74
N GLU A 31 -2.87 -17.89 0.41
CA GLU A 31 -3.50 -19.16 0.74
C GLU A 31 -4.65 -19.48 -0.23
N ARG A 32 -5.38 -18.44 -0.66
CA ARG A 32 -6.47 -18.57 -1.60
C ARG A 32 -6.00 -18.44 -3.04
N MET A 33 -4.84 -17.82 -3.29
CA MET A 33 -4.29 -17.68 -4.62
C MET A 33 -3.67 -19.01 -5.06
N ASP A 34 -4.23 -19.59 -6.12
CA ASP A 34 -3.80 -20.87 -6.65
C ASP A 34 -2.59 -20.65 -7.56
N ILE A 35 -1.41 -20.81 -6.99
CA ILE A 35 -0.15 -20.67 -7.70
C ILE A 35 0.17 -22.05 -8.28
N GLY A 36 -0.29 -22.28 -9.51
CA GLY A 36 -0.06 -23.52 -10.23
C GLY A 36 1.34 -23.56 -10.84
N PRO A 37 1.48 -24.04 -12.08
CA PRO A 37 2.76 -24.13 -12.78
C PRO A 37 3.36 -22.75 -13.07
N LYS A 38 2.54 -21.86 -13.63
CA LYS A 38 2.92 -20.51 -14.02
C LYS A 38 1.78 -19.51 -13.87
N GLN A 39 0.66 -19.92 -13.30
CA GLN A 39 -0.46 -19.02 -13.14
C GLN A 39 -0.35 -18.27 -11.82
N THR A 40 -1.05 -17.13 -11.75
CA THR A 40 -1.15 -16.28 -10.58
C THR A 40 0.25 -15.76 -10.17
N GLN A 41 0.76 -14.77 -10.90
CA GLN A 41 2.09 -14.24 -10.60
C GLN A 41 1.92 -13.10 -9.59
N VAL A 42 2.62 -13.21 -8.47
CA VAL A 42 2.57 -12.24 -7.39
C VAL A 42 3.98 -11.78 -7.06
N GLY A 43 4.19 -10.47 -7.06
CA GLY A 43 5.44 -9.84 -6.68
C GLY A 43 5.24 -8.92 -5.49
N ILE A 44 6.23 -8.84 -4.60
CA ILE A 44 6.15 -8.02 -3.40
C ILE A 44 7.17 -6.88 -3.53
N VAL A 45 6.68 -5.66 -3.37
CA VAL A 45 7.47 -4.44 -3.40
C VAL A 45 7.15 -3.63 -2.15
N GLN A 46 8.17 -3.09 -1.50
CA GLN A 46 8.00 -2.17 -0.40
C GLN A 46 8.35 -0.76 -0.87
N TYR A 47 7.55 0.23 -0.48
CA TYR A 47 7.79 1.63 -0.80
C TYR A 47 8.05 2.44 0.45
N GLY A 48 8.96 3.41 0.33
CA GLY A 48 9.30 4.32 1.40
C GLY A 48 10.31 5.32 0.88
N GLU A 49 11.42 5.50 1.63
CA GLU A 49 12.53 6.35 1.21
C GLU A 49 13.21 5.78 -0.05
N ASN A 50 13.05 4.47 -0.26
CA ASN A 50 13.52 3.70 -1.39
C ASN A 50 12.46 2.68 -1.80
N VAL A 51 12.76 1.93 -2.87
CA VAL A 51 11.89 0.87 -3.37
C VAL A 51 12.60 -0.47 -3.22
N THR A 52 12.23 -1.21 -2.17
CA THR A 52 12.84 -2.50 -1.88
C THR A 52 11.92 -3.61 -2.40
N HIS A 53 12.43 -4.43 -3.32
CA HIS A 53 11.73 -5.59 -3.87
C HIS A 53 12.68 -6.76 -3.97
N GLU A 54 12.70 -7.61 -2.94
CA GLU A 54 13.53 -8.81 -2.92
C GLU A 54 12.99 -9.85 -3.90
N PHE A 55 11.69 -10.16 -3.80
CA PHE A 55 11.04 -11.14 -4.67
C PHE A 55 10.31 -10.41 -5.77
N ASN A 56 10.83 -10.57 -6.99
CA ASN A 56 10.25 -10.02 -8.20
C ASN A 56 9.14 -10.93 -8.71
N LEU A 57 8.48 -10.49 -9.78
CA LEU A 57 7.32 -11.16 -10.34
C LEU A 57 7.61 -12.59 -10.79
N ASN A 58 8.71 -12.82 -11.50
CA ASN A 58 9.06 -14.18 -11.95
C ASN A 58 10.08 -14.83 -11.03
N LYS A 59 9.99 -14.54 -9.74
CA LYS A 59 10.84 -15.20 -8.74
C LYS A 59 10.06 -16.27 -7.97
N TYR A 60 8.75 -16.33 -8.18
CA TYR A 60 7.88 -17.30 -7.56
C TYR A 60 8.02 -18.69 -8.19
N SER A 61 7.36 -19.67 -7.58
CA SER A 61 7.39 -21.06 -8.01
C SER A 61 6.09 -21.78 -7.64
N SER A 62 5.74 -21.74 -6.36
CA SER A 62 4.59 -22.41 -5.79
C SER A 62 3.97 -21.55 -4.71
N THR A 63 2.76 -21.90 -4.26
CA THR A 63 2.01 -21.18 -3.24
C THR A 63 2.85 -20.97 -1.98
N GLU A 64 3.54 -22.02 -1.54
CA GLU A 64 4.42 -22.00 -0.39
C GLU A 64 5.49 -20.93 -0.53
N GLU A 65 6.23 -20.93 -1.65
CA GLU A 65 7.31 -19.99 -1.90
C GLU A 65 6.80 -18.55 -1.99
N VAL A 66 5.66 -18.30 -2.63
CA VAL A 66 5.13 -16.94 -2.72
C VAL A 66 4.63 -16.45 -1.37
N LEU A 67 3.99 -17.32 -0.60
CA LEU A 67 3.48 -17.01 0.72
C LEU A 67 4.66 -16.73 1.67
N VAL A 68 5.65 -17.64 1.69
CA VAL A 68 6.84 -17.46 2.49
C VAL A 68 7.65 -16.26 2.00
N ALA A 69 7.63 -15.93 0.70
CA ALA A 69 8.33 -14.80 0.14
C ALA A 69 7.76 -13.48 0.68
N ALA A 70 6.44 -13.43 0.81
CA ALA A 70 5.75 -12.28 1.37
C ALA A 70 6.12 -12.08 2.83
N LYS A 71 6.28 -13.16 3.60
CA LYS A 71 6.73 -13.08 4.98
C LYS A 71 8.25 -13.04 5.13
N LYS A 72 8.99 -13.24 4.04
CA LYS A 72 10.45 -13.19 4.03
C LYS A 72 10.89 -11.73 3.98
N ILE A 73 10.18 -10.89 3.20
CA ILE A 73 10.49 -9.48 3.07
C ILE A 73 9.87 -8.75 4.26
N VAL A 74 10.69 -8.44 5.24
CA VAL A 74 10.31 -7.71 6.43
C VAL A 74 11.01 -6.36 6.46
N GLN A 75 10.29 -5.32 6.84
CA GLN A 75 10.82 -4.00 7.00
C GLN A 75 11.05 -3.72 8.48
N ARG A 76 12.18 -3.09 8.78
CA ARG A 76 12.54 -2.69 10.14
C ARG A 76 11.97 -1.31 10.51
N GLY A 77 11.62 -0.47 9.53
CA GLY A 77 11.02 0.81 9.81
C GLY A 77 11.36 1.84 8.74
N GLY A 78 10.34 2.28 8.02
CA GLY A 78 10.44 3.33 7.03
C GLY A 78 10.04 4.67 7.64
N ARG A 79 10.50 5.76 7.05
CA ARG A 79 10.20 7.11 7.52
C ARG A 79 9.43 7.91 6.48
N GLN A 80 9.38 7.46 5.23
CA GLN A 80 8.63 8.12 4.18
C GLN A 80 7.55 7.21 3.68
N THR A 81 6.39 7.79 3.35
CA THR A 81 5.28 7.10 2.74
C THR A 81 4.89 7.91 1.52
N MET A 82 5.17 7.38 0.34
CA MET A 82 4.77 7.96 -0.92
C MET A 82 4.03 6.93 -1.75
N THR A 83 2.70 6.85 -1.58
CA THR A 83 1.85 5.90 -2.29
C THR A 83 1.97 6.06 -3.80
N ALA A 84 1.94 7.30 -4.30
CA ALA A 84 2.07 7.59 -5.73
C ALA A 84 3.40 7.10 -6.31
N LEU A 85 4.49 7.34 -5.59
CA LEU A 85 5.81 6.86 -5.96
C LEU A 85 5.84 5.33 -5.95
N GLY A 86 5.23 4.69 -4.95
CA GLY A 86 5.16 3.25 -4.83
C GLY A 86 4.54 2.61 -6.06
N ILE A 87 3.40 3.15 -6.52
CA ILE A 87 2.71 2.68 -7.71
C ILE A 87 3.54 2.96 -8.96
N ASP A 88 3.99 4.21 -9.11
CA ASP A 88 4.73 4.66 -10.28
C ASP A 88 6.05 3.91 -10.45
N THR A 89 6.75 3.63 -9.35
CA THR A 89 8.01 2.92 -9.43
C THR A 89 7.76 1.41 -9.56
N ALA A 90 6.72 0.84 -8.94
CA ALA A 90 6.41 -0.57 -9.07
C ALA A 90 6.09 -0.95 -10.52
N ARG A 91 5.34 -0.08 -11.22
CA ARG A 91 5.01 -0.29 -12.62
C ARG A 91 6.23 -0.11 -13.56
N LYS A 92 7.22 0.67 -13.14
CA LYS A 92 8.41 0.94 -13.94
C LYS A 92 9.60 0.06 -13.52
N GLU A 93 9.48 -0.70 -12.43
CA GLU A 93 10.53 -1.59 -11.95
C GLU A 93 10.03 -3.03 -11.95
N ALA A 94 9.07 -3.37 -11.08
CA ALA A 94 8.60 -4.75 -10.96
C ALA A 94 7.74 -5.19 -12.14
N PHE A 95 6.95 -4.27 -12.71
CA PHE A 95 6.10 -4.56 -13.87
C PHE A 95 6.85 -4.40 -15.19
N THR A 96 8.08 -4.87 -15.24
CA THR A 96 8.89 -4.86 -16.45
C THR A 96 9.27 -6.29 -16.81
N GLU A 97 9.45 -6.52 -18.10
CA GLU A 97 9.85 -7.79 -18.69
C GLU A 97 11.13 -8.34 -18.06
N ALA A 98 12.04 -7.44 -17.67
CA ALA A 98 13.31 -7.78 -17.02
C ALA A 98 13.10 -8.35 -15.62
N ARG A 99 11.97 -8.05 -14.97
CA ARG A 99 11.62 -8.58 -13.66
C ARG A 99 10.64 -9.75 -13.78
N GLY A 100 10.37 -10.18 -15.02
CA GLY A 100 9.54 -11.32 -15.29
C GLY A 100 8.10 -11.01 -15.63
N ALA A 101 7.78 -9.73 -15.85
CA ALA A 101 6.46 -9.30 -16.28
C ALA A 101 6.16 -9.78 -17.69
N ARG A 102 4.88 -9.98 -17.96
CA ARG A 102 4.38 -10.46 -19.23
C ARG A 102 3.65 -9.33 -19.93
N ARG A 103 3.99 -9.14 -21.21
CA ARG A 103 3.40 -8.11 -22.03
C ARG A 103 2.17 -8.68 -22.72
N GLY A 104 0.99 -8.26 -22.26
CA GLY A 104 -0.29 -8.62 -22.86
C GLY A 104 -1.08 -9.60 -22.02
N VAL A 105 -1.20 -9.36 -20.72
CA VAL A 105 -2.00 -10.16 -19.80
C VAL A 105 -2.71 -9.23 -18.82
N LYS A 106 -3.55 -9.79 -17.94
CA LYS A 106 -4.22 -9.04 -16.89
C LYS A 106 -3.20 -8.43 -15.93
N LYS A 107 -3.24 -7.11 -15.83
CA LYS A 107 -2.33 -6.30 -15.05
C LYS A 107 -3.08 -5.78 -13.83
N VAL A 108 -2.70 -6.29 -12.66
CA VAL A 108 -3.29 -5.93 -11.39
C VAL A 108 -2.19 -5.35 -10.50
N MET A 109 -2.48 -4.20 -9.89
CA MET A 109 -1.59 -3.53 -8.97
C MET A 109 -2.29 -3.33 -7.65
N VAL A 110 -1.83 -4.02 -6.61
CA VAL A 110 -2.38 -3.90 -5.28
C VAL A 110 -1.42 -3.03 -4.46
N ILE A 111 -1.95 -1.97 -3.84
CA ILE A 111 -1.16 -1.04 -3.04
C ILE A 111 -1.79 -0.93 -1.67
N VAL A 112 -1.00 -0.73 -0.62
CA VAL A 112 -1.53 -0.51 0.71
C VAL A 112 -1.81 0.98 0.91
N THR A 113 -2.74 1.28 1.82
CA THR A 113 -3.12 2.62 2.22
C THR A 113 -2.65 2.82 3.66
N ASP A 114 -1.66 3.70 3.81
CA ASP A 114 -1.11 4.10 5.09
C ASP A 114 -1.87 5.34 5.60
N GLY A 115 -1.73 6.45 4.88
CA GLY A 115 -2.32 7.71 5.26
C GLY A 115 -1.54 8.89 4.73
N GLU A 116 -0.20 8.81 4.72
CA GLU A 116 0.62 9.93 4.27
C GLU A 116 0.69 9.94 2.74
N SER A 117 0.02 10.91 2.12
CA SER A 117 -0.04 11.10 0.68
C SER A 117 -0.45 12.54 0.36
N HIS A 118 0.18 13.51 1.02
CA HIS A 118 -0.19 14.92 0.88
C HIS A 118 0.39 15.55 -0.39
N ASP A 119 0.66 14.73 -1.42
CA ASP A 119 1.14 15.17 -2.71
C ASP A 119 0.23 14.67 -3.82
N ASN A 120 -0.93 15.31 -3.91
CA ASN A 120 -1.95 15.02 -4.93
C ASN A 120 -1.48 15.29 -6.37
N HIS A 121 -0.39 16.05 -6.52
CA HIS A 121 0.18 16.42 -7.81
C HIS A 121 0.67 15.19 -8.56
N ARG A 122 1.31 14.25 -7.85
CA ARG A 122 1.74 13.00 -8.43
C ARG A 122 0.58 12.02 -8.51
N LEU A 123 -0.32 12.01 -7.50
CA LEU A 123 -1.48 11.12 -7.45
C LEU A 123 -2.32 11.21 -8.72
N LYS A 124 -2.72 12.40 -9.13
CA LYS A 124 -3.55 12.58 -10.32
C LYS A 124 -2.90 12.07 -11.59
N LYS A 125 -1.58 12.27 -11.72
CA LYS A 125 -0.83 11.77 -12.86
C LYS A 125 -0.77 10.24 -12.87
N VAL A 126 -0.61 9.62 -11.70
CA VAL A 126 -0.57 8.16 -11.57
C VAL A 126 -1.92 7.55 -11.94
N ILE A 127 -3.02 8.09 -11.39
CA ILE A 127 -4.36 7.60 -11.63
C ILE A 127 -4.69 7.66 -13.12
N GLN A 128 -4.44 8.83 -13.72
CA GLN A 128 -4.67 9.09 -15.13
C GLN A 128 -3.91 8.10 -16.01
N ASP A 129 -2.62 7.91 -15.72
CA ASP A 129 -1.75 7.01 -16.45
C ASP A 129 -2.20 5.56 -16.34
N CYS A 130 -2.53 5.12 -15.13
CA CYS A 130 -2.95 3.76 -14.88
C CYS A 130 -4.34 3.47 -15.46
N GLU A 131 -5.22 4.48 -15.56
CA GLU A 131 -6.55 4.33 -16.13
C GLU A 131 -6.47 4.25 -17.65
N ASP A 132 -5.59 5.05 -18.28
CA ASP A 132 -5.38 5.03 -19.73
C ASP A 132 -4.77 3.69 -20.17
N GLU A 133 -3.85 3.17 -19.35
CA GLU A 133 -3.22 1.89 -19.60
C GLU A 133 -4.17 0.74 -19.22
N ASN A 134 -5.29 1.03 -18.55
CA ASN A 134 -6.32 0.08 -18.17
C ASN A 134 -5.78 -0.95 -17.18
N ILE A 135 -5.13 -0.47 -16.14
CA ILE A 135 -4.56 -1.31 -15.10
C ILE A 135 -5.54 -1.29 -13.95
N GLN A 136 -5.78 -2.45 -13.34
CA GLN A 136 -6.62 -2.56 -12.17
C GLN A 136 -5.81 -2.29 -10.91
N ARG A 137 -6.30 -1.36 -10.09
CA ARG A 137 -5.65 -0.96 -8.85
C ARG A 137 -6.55 -1.26 -7.67
N PHE A 138 -5.99 -1.90 -6.65
CA PHE A 138 -6.70 -2.21 -5.42
C PHE A 138 -5.93 -1.62 -4.26
N SER A 139 -6.65 -1.07 -3.29
CA SER A 139 -6.05 -0.41 -2.14
C SER A 139 -6.56 -1.00 -0.83
N ILE A 140 -5.62 -1.41 0.03
CA ILE A 140 -5.94 -2.03 1.31
C ILE A 140 -5.51 -1.07 2.40
N ALA A 141 -6.42 -0.69 3.29
CA ALA A 141 -6.10 0.25 4.36
C ALA A 141 -5.83 -0.45 5.66
N ILE A 142 -4.72 -0.06 6.28
CA ILE A 142 -4.28 -0.57 7.56
C ILE A 142 -4.11 0.59 8.52
N LEU A 143 -4.99 0.66 9.49
CA LEU A 143 -4.97 1.64 10.55
C LEU A 143 -5.74 1.09 11.73
N GLY A 144 -5.56 1.70 12.89
CA GLY A 144 -6.24 1.33 14.10
C GLY A 144 -6.80 2.56 14.77
N SER A 145 -7.80 2.35 15.62
CA SER A 145 -8.50 3.40 16.33
C SER A 145 -7.77 3.68 17.66
N TYR A 146 -6.45 3.50 17.69
CA TYR A 146 -5.59 3.72 18.86
C TYR A 146 -5.06 5.16 18.87
N ASN A 147 -5.59 6.03 18.02
CA ASN A 147 -5.22 7.43 17.91
C ASN A 147 -5.84 8.16 19.10
N ARG A 148 -5.04 8.97 19.78
CA ARG A 148 -5.47 9.75 20.94
C ARG A 148 -5.65 11.23 20.59
N GLY A 149 -5.33 11.62 19.36
CA GLY A 149 -5.49 12.96 18.85
C GLY A 149 -6.43 12.99 17.67
N ASN A 150 -7.02 14.17 17.41
CA ASN A 150 -7.91 14.37 16.27
C ASN A 150 -7.06 14.80 15.08
N LEU A 151 -6.69 13.82 14.28
CA LEU A 151 -5.95 13.99 13.04
C LEU A 151 -6.84 13.67 11.84
N SER A 152 -8.04 13.13 12.08
CA SER A 152 -9.03 12.76 11.08
C SER A 152 -8.44 11.71 10.13
N THR A 153 -8.33 10.47 10.61
CA THR A 153 -7.89 9.31 9.84
C THR A 153 -8.55 9.20 8.48
N GLU A 154 -9.85 9.47 8.45
CA GLU A 154 -10.71 9.38 7.29
C GLU A 154 -10.27 10.36 6.21
N LYS A 155 -9.63 11.47 6.61
CA LYS A 155 -9.09 12.46 5.71
C LYS A 155 -7.84 11.96 4.98
N PHE A 156 -7.04 11.14 5.65
CA PHE A 156 -5.86 10.54 5.06
C PHE A 156 -6.26 9.36 4.18
N VAL A 157 -7.39 8.70 4.50
CA VAL A 157 -7.93 7.61 3.72
C VAL A 157 -8.41 8.15 2.36
N GLU A 158 -9.16 9.26 2.36
CA GLU A 158 -9.73 9.79 1.14
C GLU A 158 -8.69 10.26 0.13
N GLU A 159 -7.62 10.94 0.56
CA GLU A 159 -6.57 11.43 -0.34
C GLU A 159 -5.87 10.28 -1.06
N ILE A 160 -5.74 9.11 -0.44
CA ILE A 160 -5.18 7.94 -1.08
C ILE A 160 -6.25 7.19 -1.87
N LYS A 161 -7.48 7.05 -1.36
CA LYS A 161 -8.55 6.31 -2.05
C LYS A 161 -8.97 6.97 -3.36
N SER A 162 -8.56 8.22 -3.61
CA SER A 162 -8.80 8.96 -4.85
C SER A 162 -8.34 8.19 -6.10
N ILE A 163 -7.41 7.24 -5.93
CA ILE A 163 -6.93 6.37 -7.00
C ILE A 163 -8.03 5.50 -7.60
N ALA A 164 -9.08 5.23 -6.81
CA ALA A 164 -10.22 4.47 -7.26
C ALA A 164 -11.26 5.42 -7.85
N SER A 165 -11.15 5.65 -9.16
CA SER A 165 -12.10 6.43 -9.94
C SER A 165 -13.45 5.71 -10.07
N GLU A 166 -13.41 4.39 -10.21
CA GLU A 166 -14.59 3.53 -10.21
C GLU A 166 -15.03 3.28 -8.74
N PRO A 167 -16.23 2.70 -8.52
CA PRO A 167 -16.76 2.37 -7.19
C PRO A 167 -15.72 1.85 -6.20
N THR A 168 -15.59 2.54 -5.06
CA THR A 168 -14.62 2.22 -4.03
C THR A 168 -14.92 0.87 -3.36
N GLU A 169 -16.18 0.44 -3.35
CA GLU A 169 -16.59 -0.82 -2.74
C GLU A 169 -15.94 -2.04 -3.41
N LYS A 170 -15.53 -1.91 -4.68
CA LYS A 170 -14.85 -2.96 -5.42
C LYS A 170 -13.39 -2.57 -5.70
N HIS A 171 -12.80 -1.68 -4.91
CA HIS A 171 -11.45 -1.18 -5.13
C HIS A 171 -10.69 -0.97 -3.83
N PHE A 172 -11.39 -0.51 -2.80
CA PHE A 172 -10.82 -0.15 -1.53
C PHE A 172 -11.45 -0.99 -0.43
N PHE A 173 -10.61 -1.50 0.48
CA PHE A 173 -11.03 -2.29 1.62
C PHE A 173 -9.97 -2.23 2.71
N ASN A 174 -10.31 -2.71 3.90
CA ASN A 174 -9.37 -2.75 5.02
C ASN A 174 -8.62 -4.08 5.04
N VAL A 175 -7.38 -4.04 5.51
CA VAL A 175 -6.49 -5.19 5.65
C VAL A 175 -7.07 -6.22 6.62
N SER A 176 -7.90 -5.76 7.55
CA SER A 176 -8.56 -6.57 8.56
C SER A 176 -9.72 -7.39 7.99
N ASP A 177 -10.08 -7.21 6.71
CA ASP A 177 -11.16 -7.96 6.07
C ASP A 177 -10.58 -9.00 5.12
N GLU A 178 -10.85 -10.27 5.43
CA GLU A 178 -10.40 -11.39 4.59
C GLU A 178 -11.47 -11.80 3.59
N LEU A 179 -12.74 -11.44 3.80
CA LEU A 179 -13.80 -11.75 2.85
C LEU A 179 -13.70 -10.87 1.61
N ALA A 180 -13.25 -9.63 1.78
CA ALA A 180 -13.02 -8.70 0.69
C ALA A 180 -12.00 -9.25 -0.29
N LEU A 181 -11.04 -10.06 0.19
CA LEU A 181 -10.07 -10.75 -0.63
C LEU A 181 -10.75 -11.66 -1.65
N VAL A 182 -11.81 -12.36 -1.25
CA VAL A 182 -12.60 -13.21 -2.13
C VAL A 182 -13.31 -12.35 -3.17
N THR A 183 -13.84 -11.19 -2.76
CA THR A 183 -14.48 -10.24 -3.65
C THR A 183 -13.48 -9.69 -4.68
N ILE A 184 -12.20 -9.56 -4.28
CA ILE A 184 -11.13 -9.16 -5.18
C ILE A 184 -10.92 -10.24 -6.23
N VAL A 185 -10.83 -11.52 -5.83
CA VAL A 185 -10.65 -12.64 -6.75
C VAL A 185 -11.79 -12.68 -7.79
N LYS A 186 -13.01 -12.39 -7.33
CA LYS A 186 -14.18 -12.29 -8.18
C LYS A 186 -14.01 -11.20 -9.25
N THR A 187 -13.43 -10.07 -8.86
CA THR A 187 -13.13 -8.96 -9.74
C THR A 187 -11.95 -9.30 -10.67
N LEU A 188 -10.99 -10.09 -10.20
CA LEU A 188 -9.85 -10.55 -11.00
C LEU A 188 -10.28 -11.57 -12.05
N GLY A 189 -11.44 -12.20 -11.84
CA GLY A 189 -12.05 -13.13 -12.77
C GLY A 189 -12.67 -12.43 -13.97
N GLU A 190 -12.78 -11.10 -13.93
CA GLU A 190 -13.28 -10.29 -15.03
C GLU A 190 -12.15 -10.04 -16.05
N ARG A 191 -12.50 -9.43 -17.17
CA ARG A 191 -11.53 -9.12 -18.23
C ARG A 191 -10.88 -7.76 -18.01
N ILE A 192 -11.54 -6.84 -17.30
CA ILE A 192 -11.03 -5.51 -17.00
C ILE A 192 -11.76 -4.93 -15.79
N GLY B 2 12.35 -13.82 33.23
CA GLY B 2 11.66 -14.15 32.00
C GLY B 2 12.09 -13.28 30.84
N PRO B 3 11.64 -13.63 29.61
CA PRO B 3 12.06 -12.93 28.39
C PRO B 3 11.26 -11.63 28.25
N GLY B 5 9.25 -8.37 26.42
CA GLY B 5 8.24 -8.32 25.38
C GLY B 5 8.73 -7.69 24.09
N PRO B 6 7.93 -7.77 23.01
CA PRO B 6 8.28 -7.18 21.72
C PRO B 6 8.06 -5.65 21.71
N GLY B 8 6.79 -1.94 21.28
CA GLY B 8 5.47 -1.38 21.42
C GLY B 8 4.93 -0.78 20.13
N LEU B 9 3.65 -0.45 20.14
CA LEU B 9 2.95 0.11 18.99
C LEU B 9 3.57 1.46 18.62
N GLY B 11 3.89 5.34 17.07
CA GLY B 11 3.03 6.48 17.17
C GLY B 11 2.21 6.74 15.91
N GLU B 12 1.20 7.58 16.07
CA GLU B 12 0.24 7.91 15.01
C GLU B 12 0.82 9.02 14.13
N ASN B 13 -0.02 9.59 13.26
CA ASN B 13 0.36 10.69 12.38
C ASN B 13 0.64 11.95 13.19
N GLY B 14 1.35 12.88 12.58
CA GLY B 14 1.71 14.13 13.22
C GLY B 14 0.57 15.13 13.27
N PRO B 15 0.65 16.10 14.19
CA PRO B 15 -0.36 17.15 14.33
C PRO B 15 -0.38 18.09 13.11
N GLY B 17 -0.27 21.24 10.63
CA GLY B 17 0.58 22.42 10.63
C GLY B 17 -0.18 23.71 10.98
N PRO B 18 0.54 24.77 11.35
CA PRO B 18 -0.06 26.05 11.72
C PRO B 18 -0.47 26.87 10.49
N GLY B 20 -0.93 29.95 7.68
CA GLY B 20 0.04 30.78 6.98
C GLY B 20 -0.09 32.26 7.34
N PRO B 21 0.90 33.09 6.93
CA PRO B 21 0.92 34.51 7.23
C PRO B 21 0.07 35.33 6.22
N GLY C 2 7.46 -12.42 31.04
CA GLY C 2 8.54 -11.60 31.58
C GLY C 2 8.18 -10.13 31.61
N PRO C 3 9.18 -9.23 31.55
CA PRO C 3 8.96 -7.79 31.60
C PRO C 3 8.40 -7.23 30.28
N GLY C 5 7.90 -5.05 26.85
CA GLY C 5 8.84 -4.66 25.82
C GLY C 5 9.15 -3.16 25.81
N PRO C 6 10.05 -2.73 24.91
CA PRO C 6 10.42 -1.33 24.80
C PRO C 6 9.28 -0.51 24.17
N GLY C 8 7.22 1.99 21.68
CA GLY C 8 7.18 2.13 20.24
C GLY C 8 7.89 3.40 19.77
N LEU C 9 8.19 3.45 18.49
CA LEU C 9 8.89 4.59 17.91
C LEU C 9 7.90 5.65 17.43
N GLY C 11 5.76 8.44 15.31
CA GLY C 11 5.14 8.36 14.00
C GLY C 11 5.78 9.27 12.96
N GLU C 12 5.09 9.49 11.84
CA GLU C 12 5.59 10.31 10.74
C GLU C 12 4.96 11.69 10.76
N ASN C 13 5.44 12.57 9.88
CA ASN C 13 4.95 13.94 9.73
C ASN C 13 3.44 13.99 9.44
N GLY C 14 2.80 15.11 9.73
CA GLY C 14 1.38 15.27 9.55
C GLY C 14 1.00 16.16 8.37
N PRO C 15 -0.28 16.56 8.30
CA PRO C 15 -0.79 17.39 7.22
C PRO C 15 -0.34 18.85 7.34
N GLY C 17 -0.36 23.04 7.21
CA GLY C 17 -1.31 24.01 7.69
C GLY C 17 -2.10 24.70 6.58
N PRO C 18 -3.23 25.33 6.93
CA PRO C 18 -4.08 26.02 5.95
C PRO C 18 -3.46 27.34 5.49
N GLY C 20 -2.82 31.28 4.67
CA GLY C 20 -3.05 32.46 5.48
C GLY C 20 -4.18 33.33 4.94
N PRO C 21 -4.58 34.35 5.71
CA PRO C 21 -5.63 35.29 5.30
C PRO C 21 -5.14 36.25 4.21
N GLY D 2 7.65 -11.69 26.99
CA GLY D 2 6.79 -10.92 27.87
C GLY D 2 5.72 -10.14 27.09
N PRO D 3 4.95 -9.30 27.78
CA PRO D 3 3.90 -8.49 27.17
C PRO D 3 4.46 -7.38 26.26
N GLY D 5 5.34 -3.83 24.36
CA GLY D 5 5.66 -2.52 24.90
C GLY D 5 4.51 -1.52 24.72
N PRO D 6 4.62 -0.34 25.35
CA PRO D 6 3.59 0.70 25.27
C PRO D 6 3.70 1.50 23.95
N GLY D 8 4.34 4.37 21.32
CA GLY D 8 5.34 5.43 21.23
C GLY D 8 4.72 6.81 21.10
N LEU D 9 5.57 7.79 20.79
CA LEU D 9 5.13 9.17 20.65
C LEU D 9 4.52 9.43 19.29
N GLY D 11 3.43 11.54 15.62
CA GLY D 11 4.23 12.03 14.54
C GLY D 11 4.73 13.45 14.72
N GLU D 12 5.28 14.02 13.65
CA GLU D 12 5.86 15.36 13.69
C GLU D 12 4.88 16.37 13.10
N ASN D 13 4.88 17.58 13.64
CA ASN D 13 4.02 18.67 13.19
C ASN D 13 4.21 18.95 11.71
N GLY D 14 3.09 19.05 10.98
CA GLY D 14 3.09 19.34 9.57
C GLY D 14 3.63 20.74 9.24
N PRO D 15 4.13 20.94 8.01
CA PRO D 15 4.70 22.21 7.58
C PRO D 15 3.67 23.36 7.67
N GLY D 17 1.32 26.65 6.85
CA GLY D 17 0.54 27.00 5.69
C GLY D 17 1.19 28.07 4.82
N PRO D 18 0.81 28.15 3.53
CA PRO D 18 1.37 29.12 2.60
C PRO D 18 0.85 30.55 2.87
N GLY D 20 -1.01 34.05 2.58
CA GLY D 20 -2.33 34.39 2.10
C GLY D 20 -2.27 35.43 0.98
N PRO D 21 -3.05 35.26 -0.12
CA PRO D 21 -3.04 36.14 -1.29
C PRO D 21 -3.29 37.62 -0.93
N SER A 1 -3.38 -16.60 -23.33
CA SER A 1 -2.36 -16.32 -22.30
C SER A 1 -2.94 -15.34 -21.27
N THR A 2 -3.37 -15.83 -20.10
CA THR A 2 -3.98 -15.00 -19.07
C THR A 2 -2.88 -14.43 -18.15
N GLN A 3 -1.93 -13.70 -18.73
CA GLN A 3 -0.83 -13.07 -18.01
C GLN A 3 -1.05 -11.56 -17.93
N LEU A 4 -0.63 -10.98 -16.81
CA LEU A 4 -0.80 -9.57 -16.48
C LEU A 4 0.34 -9.12 -15.59
N ASP A 5 0.91 -7.95 -15.88
CA ASP A 5 2.02 -7.40 -15.11
C ASP A 5 1.44 -6.58 -13.97
N ILE A 6 1.47 -7.12 -12.76
CA ILE A 6 0.95 -6.48 -11.56
C ILE A 6 2.10 -6.21 -10.59
N VAL A 7 2.02 -5.12 -9.83
CA VAL A 7 2.97 -4.80 -8.78
C VAL A 7 2.21 -4.44 -7.51
N ILE A 8 2.69 -4.94 -6.38
CA ILE A 8 2.14 -4.69 -5.06
C ILE A 8 3.16 -3.84 -4.30
N VAL A 9 2.75 -2.64 -3.91
CA VAL A 9 3.60 -1.69 -3.20
C VAL A 9 3.04 -1.47 -1.79
N LEU A 10 3.82 -1.89 -0.78
CA LEU A 10 3.42 -1.82 0.62
C LEU A 10 4.34 -0.88 1.39
N ASP A 11 3.85 -0.33 2.50
CA ASP A 11 4.62 0.49 3.42
C ASP A 11 4.66 -0.21 4.77
N GLY A 12 5.78 -0.06 5.47
CA GLY A 12 5.92 -0.51 6.83
C GLY A 12 6.51 0.58 7.68
N SER A 13 5.83 1.71 7.75
CA SER A 13 6.27 2.83 8.53
C SER A 13 5.63 2.82 9.93
N ASN A 14 5.97 3.85 10.71
CA ASN A 14 5.49 4.03 12.06
C ASN A 14 3.97 4.23 12.10
N SER A 15 3.40 4.78 11.03
CA SER A 15 1.96 4.97 10.91
C SER A 15 1.19 3.68 10.62
N ILE A 16 1.88 2.55 10.49
CA ILE A 16 1.29 1.25 10.23
C ILE A 16 1.56 0.34 11.44
N TYR A 17 0.62 -0.58 11.67
CA TYR A 17 0.73 -1.63 12.66
C TYR A 17 1.77 -2.68 12.24
N PRO A 18 2.09 -3.67 13.11
CA PRO A 18 3.02 -4.75 12.79
C PRO A 18 2.74 -5.43 11.44
N TRP A 19 3.76 -6.06 10.88
CA TRP A 19 3.67 -6.70 9.56
C TRP A 19 2.70 -7.88 9.52
N ASP A 20 2.17 -8.31 10.67
CA ASP A 20 1.16 -9.35 10.78
C ASP A 20 -0.11 -9.00 9.98
N SER A 21 -0.48 -7.71 9.96
CA SER A 21 -1.70 -7.27 9.30
C SER A 21 -1.46 -7.24 7.78
N VAL A 22 -0.23 -6.86 7.37
CA VAL A 22 0.15 -6.80 5.97
C VAL A 22 0.30 -8.22 5.40
N THR A 23 0.94 -9.12 6.14
CA THR A 23 1.09 -10.52 5.74
C THR A 23 -0.25 -11.21 5.59
N ALA A 24 -1.21 -10.91 6.47
CA ALA A 24 -2.56 -11.47 6.41
C ALA A 24 -3.28 -11.04 5.13
N PHE A 25 -3.21 -9.75 4.81
CA PHE A 25 -3.80 -9.20 3.59
C PHE A 25 -3.16 -9.81 2.33
N LEU A 26 -1.83 -9.86 2.29
CA LEU A 26 -1.08 -10.44 1.19
C LEU A 26 -1.34 -11.94 1.07
N ASN A 27 -1.47 -12.62 2.20
CA ASN A 27 -1.79 -14.05 2.28
C ASN A 27 -3.09 -14.37 1.57
N ASP A 28 -4.13 -13.60 1.89
CA ASP A 28 -5.45 -13.79 1.31
C ASP A 28 -5.48 -13.34 -0.15
N LEU A 29 -4.67 -12.35 -0.52
CA LEU A 29 -4.54 -11.85 -1.88
C LEU A 29 -3.86 -12.88 -2.77
N LEU A 30 -2.65 -13.30 -2.41
CA LEU A 30 -1.87 -14.24 -3.21
C LEU A 30 -2.54 -15.59 -3.37
N GLU A 31 -3.30 -16.03 -2.36
CA GLU A 31 -4.04 -17.29 -2.45
C GLU A 31 -5.17 -17.20 -3.49
N ARG A 32 -5.83 -16.05 -3.59
CA ARG A 32 -6.89 -15.83 -4.56
C ARG A 32 -6.32 -15.62 -5.97
N MET A 33 -5.06 -15.16 -6.08
CA MET A 33 -4.39 -14.99 -7.35
C MET A 33 -4.03 -16.34 -7.96
N ASP A 34 -4.42 -16.54 -9.22
CA ASP A 34 -4.21 -17.79 -9.95
C ASP A 34 -2.82 -17.77 -10.59
N ILE A 35 -1.83 -18.31 -9.90
CA ILE A 35 -0.44 -18.31 -10.34
C ILE A 35 -0.05 -19.77 -10.50
N GLY A 36 -0.14 -20.29 -11.72
CA GLY A 36 0.17 -21.67 -12.02
C GLY A 36 1.53 -21.80 -12.70
N PRO A 37 1.57 -21.95 -14.03
CA PRO A 37 2.81 -22.22 -14.76
C PRO A 37 3.58 -20.90 -15.00
N LYS A 38 2.90 -19.85 -15.45
CA LYS A 38 3.48 -18.56 -15.82
C LYS A 38 2.40 -17.52 -16.12
N GLN A 39 1.44 -17.38 -15.21
CA GLN A 39 0.39 -16.38 -15.33
C GLN A 39 0.28 -15.61 -14.02
N THR A 40 -0.24 -14.39 -14.09
CA THR A 40 -0.44 -13.50 -12.94
C THR A 40 0.91 -13.11 -12.33
N GLN A 41 1.61 -12.19 -12.98
CA GLN A 41 2.92 -11.73 -12.53
C GLN A 41 2.68 -10.64 -11.49
N VAL A 42 3.20 -10.84 -10.29
CA VAL A 42 3.07 -9.90 -9.19
C VAL A 42 4.41 -9.66 -8.55
N GLY A 43 4.86 -8.42 -8.52
CA GLY A 43 6.10 -8.03 -7.89
C GLY A 43 5.83 -7.34 -6.57
N ILE A 44 6.77 -7.45 -5.63
CA ILE A 44 6.62 -6.87 -4.30
C ILE A 44 7.67 -5.78 -4.13
N VAL A 45 7.19 -4.57 -3.81
CA VAL A 45 8.01 -3.41 -3.58
C VAL A 45 7.61 -2.82 -2.23
N GLN A 46 8.58 -2.48 -1.41
CA GLN A 46 8.34 -1.82 -0.15
C GLN A 46 8.90 -0.41 -0.21
N TYR A 47 8.19 0.54 0.40
CA TYR A 47 8.60 1.93 0.45
C TYR A 47 8.41 2.53 1.83
N GLY A 48 8.90 3.76 1.98
CA GLY A 48 8.77 4.52 3.18
C GLY A 48 9.67 5.73 3.11
N GLU A 49 10.80 5.66 3.80
CA GLU A 49 11.84 6.69 3.77
C GLU A 49 12.72 6.51 2.52
N ASN A 50 12.74 5.29 2.00
CA ASN A 50 13.44 4.84 0.81
C ASN A 50 12.56 3.84 0.07
N VAL A 51 13.02 3.35 -1.06
CA VAL A 51 12.33 2.32 -1.83
C VAL A 51 13.25 1.11 -1.91
N THR A 52 12.76 -0.05 -1.46
CA THR A 52 13.52 -1.28 -1.49
C THR A 52 12.81 -2.30 -2.39
N HIS A 53 13.62 -3.02 -3.18
CA HIS A 53 13.16 -4.04 -4.11
C HIS A 53 13.83 -5.37 -3.75
N GLU A 54 13.19 -6.15 -2.88
CA GLU A 54 13.74 -7.42 -2.44
C GLU A 54 13.59 -8.50 -3.53
N PHE A 55 12.40 -8.61 -4.11
CA PHE A 55 12.12 -9.59 -5.16
C PHE A 55 11.69 -8.89 -6.44
N ASN A 56 11.92 -9.57 -7.56
CA ASN A 56 11.55 -9.11 -8.89
C ASN A 56 10.20 -9.70 -9.28
N LEU A 57 9.63 -9.22 -10.38
CA LEU A 57 8.31 -9.64 -10.84
C LEU A 57 8.33 -11.08 -11.35
N ASN A 58 9.18 -11.37 -12.34
CA ASN A 58 9.30 -12.72 -12.92
C ASN A 58 10.36 -13.52 -12.17
N LYS A 59 10.40 -13.36 -10.84
CA LYS A 59 11.28 -14.14 -9.99
C LYS A 59 10.60 -15.41 -9.50
N TYR A 60 9.28 -15.49 -9.64
CA TYR A 60 8.47 -16.61 -9.22
C TYR A 60 7.78 -17.23 -10.41
N SER A 61 6.96 -18.24 -10.16
CA SER A 61 6.21 -18.95 -11.18
C SER A 61 4.87 -19.45 -10.67
N SER A 62 4.82 -19.89 -9.41
CA SER A 62 3.61 -20.44 -8.80
C SER A 62 3.27 -19.70 -7.51
N THR A 63 2.00 -19.81 -7.09
CA THR A 63 1.43 -19.13 -5.94
C THR A 63 2.28 -19.25 -4.68
N GLU A 64 2.72 -20.47 -4.37
CA GLU A 64 3.53 -20.75 -3.18
C GLU A 64 4.77 -19.87 -3.12
N GLU A 65 5.48 -19.74 -4.24
CA GLU A 65 6.71 -18.95 -4.31
C GLU A 65 6.44 -17.45 -4.13
N VAL A 66 5.35 -16.95 -4.72
CA VAL A 66 5.00 -15.55 -4.56
C VAL A 66 4.49 -15.27 -3.15
N LEU A 67 3.67 -16.17 -2.61
CA LEU A 67 3.10 -16.06 -1.27
C LEU A 67 4.20 -16.09 -0.21
N VAL A 68 5.14 -17.03 -0.32
CA VAL A 68 6.23 -17.15 0.64
C VAL A 68 7.13 -15.90 0.57
N ALA A 69 7.35 -15.35 -0.62
CA ALA A 69 8.17 -14.16 -0.78
C ALA A 69 7.46 -12.93 -0.23
N ALA A 70 6.14 -12.86 -0.39
CA ALA A 70 5.31 -11.77 0.13
C ALA A 70 5.37 -11.66 1.65
N LYS A 71 5.32 -12.80 2.34
CA LYS A 71 5.44 -12.81 3.79
C LYS A 71 6.88 -12.87 4.27
N LYS A 72 7.83 -13.17 3.38
CA LYS A 72 9.25 -13.17 3.69
C LYS A 72 9.76 -11.74 3.77
N ILE A 73 9.28 -10.86 2.89
CA ILE A 73 9.70 -9.47 2.86
C ILE A 73 8.96 -8.73 3.98
N VAL A 74 9.60 -8.63 5.12
CA VAL A 74 9.09 -7.90 6.28
C VAL A 74 9.81 -6.55 6.37
N GLN A 75 9.06 -5.52 6.76
CA GLN A 75 9.61 -4.20 6.95
C GLN A 75 9.95 -4.01 8.44
N ARG A 76 11.08 -3.36 8.70
CA ARG A 76 11.53 -3.09 10.06
C ARG A 76 10.97 -1.78 10.63
N GLY A 77 10.60 -0.82 9.78
CA GLY A 77 10.01 0.42 10.24
C GLY A 77 10.61 1.61 9.51
N GLY A 78 9.78 2.30 8.72
CA GLY A 78 10.13 3.51 8.02
C GLY A 78 9.64 4.74 8.78
N ARG A 79 10.43 5.81 8.80
CA ARG A 79 10.08 7.03 9.52
C ARG A 79 9.23 7.97 8.67
N GLN A 80 8.91 7.61 7.43
CA GLN A 80 8.05 8.37 6.55
C GLN A 80 7.31 7.44 5.61
N THR A 81 6.29 7.97 4.94
CA THR A 81 5.54 7.27 3.92
C THR A 81 5.20 8.27 2.84
N MET A 82 5.67 8.02 1.62
CA MET A 82 5.31 8.83 0.47
C MET A 82 4.72 7.93 -0.60
N THR A 83 3.39 7.89 -0.69
CA THR A 83 2.63 7.15 -1.70
C THR A 83 3.18 7.37 -3.10
N ALA A 84 3.32 8.63 -3.49
CA ALA A 84 3.80 9.05 -4.80
C ALA A 84 5.15 8.43 -5.18
N LEU A 85 6.05 8.32 -4.21
CA LEU A 85 7.35 7.68 -4.38
C LEU A 85 7.19 6.20 -4.76
N GLY A 86 6.25 5.51 -4.11
CA GLY A 86 5.94 4.14 -4.40
C GLY A 86 5.34 3.96 -5.78
N ILE A 87 4.45 4.88 -6.21
CA ILE A 87 3.80 4.82 -7.51
C ILE A 87 4.83 5.00 -8.63
N ASP A 88 5.65 6.05 -8.53
CA ASP A 88 6.63 6.39 -9.54
C ASP A 88 7.71 5.31 -9.67
N THR A 89 8.20 4.82 -8.53
CA THR A 89 9.24 3.80 -8.55
C THR A 89 8.67 2.45 -9.00
N ALA A 90 7.41 2.14 -8.73
CA ALA A 90 6.84 0.88 -9.17
C ALA A 90 6.59 0.89 -10.67
N ARG A 91 6.01 1.97 -11.21
CA ARG A 91 5.71 2.05 -12.63
C ARG A 91 6.94 1.94 -13.54
N LYS A 92 8.11 2.39 -13.07
CA LYS A 92 9.33 2.37 -13.86
C LYS A 92 10.27 1.26 -13.38
N GLU A 93 10.68 1.27 -12.11
CA GLU A 93 11.68 0.36 -11.57
C GLU A 93 11.10 -1.03 -11.30
N ALA A 94 9.79 -1.26 -11.37
CA ALA A 94 9.24 -2.61 -11.27
C ALA A 94 8.75 -3.10 -12.63
N PHE A 95 8.16 -2.24 -13.45
CA PHE A 95 7.67 -2.62 -14.77
C PHE A 95 8.73 -2.46 -15.85
N THR A 96 9.94 -2.91 -15.57
CA THR A 96 11.04 -2.94 -16.51
C THR A 96 11.43 -4.39 -16.78
N GLU A 97 11.85 -4.66 -18.01
CA GLU A 97 12.30 -5.98 -18.44
C GLU A 97 13.55 -6.44 -17.69
N ALA A 98 14.32 -5.51 -17.12
CA ALA A 98 15.48 -5.82 -16.30
C ALA A 98 15.07 -6.34 -14.91
N ARG A 99 13.83 -6.08 -14.48
CA ARG A 99 13.27 -6.56 -13.23
C ARG A 99 12.25 -7.69 -13.47
N GLY A 100 12.21 -8.25 -14.68
CA GLY A 100 11.35 -9.39 -14.97
C GLY A 100 9.92 -8.98 -15.30
N ALA A 101 9.73 -7.91 -16.07
CA ALA A 101 8.41 -7.51 -16.54
C ALA A 101 8.27 -7.88 -18.01
N ARG A 102 7.04 -8.05 -18.47
CA ARG A 102 6.75 -8.35 -19.87
C ARG A 102 6.73 -7.08 -20.71
N ARG A 103 6.14 -7.15 -21.90
CA ARG A 103 6.04 -6.03 -22.83
C ARG A 103 4.84 -5.13 -22.49
N GLY A 104 4.55 -4.97 -21.20
CA GLY A 104 3.44 -4.17 -20.71
C GLY A 104 2.11 -4.83 -21.01
N VAL A 105 1.97 -6.11 -20.65
CA VAL A 105 0.72 -6.83 -20.86
C VAL A 105 -0.14 -6.60 -19.62
N LYS A 106 -1.03 -5.61 -19.69
CA LYS A 106 -1.99 -5.27 -18.65
C LYS A 106 -1.27 -4.89 -17.35
N LYS A 107 -0.82 -3.64 -17.30
CA LYS A 107 -0.09 -3.12 -16.16
C LYS A 107 -1.09 -2.78 -15.05
N VAL A 108 -0.94 -3.43 -13.90
CA VAL A 108 -1.79 -3.24 -12.74
C VAL A 108 -0.94 -2.84 -11.55
N MET A 109 -1.37 -1.84 -10.79
CA MET A 109 -0.65 -1.37 -9.63
C MET A 109 -1.55 -1.41 -8.41
N VAL A 110 -1.15 -2.19 -7.40
CA VAL A 110 -1.83 -2.30 -6.13
C VAL A 110 -0.96 -1.65 -5.06
N ILE A 111 -1.44 -0.57 -4.45
CA ILE A 111 -0.70 0.16 -3.42
C ILE A 111 -1.58 0.34 -2.19
N VAL A 112 -0.96 0.24 -1.01
CA VAL A 112 -1.62 0.51 0.26
C VAL A 112 -1.25 1.90 0.77
N THR A 113 -2.11 2.51 1.58
CA THR A 113 -1.92 3.82 2.19
C THR A 113 -2.64 3.90 3.55
N ASP A 114 -2.22 4.87 4.36
CA ASP A 114 -2.79 5.20 5.65
C ASP A 114 -3.21 6.68 5.75
N GLY A 115 -2.93 7.49 4.74
CA GLY A 115 -3.24 8.91 4.80
C GLY A 115 -2.01 9.77 5.02
N GLU A 116 -1.04 9.68 4.12
CA GLU A 116 0.25 10.33 4.22
C GLU A 116 0.55 11.21 3.01
N SER A 117 -0.43 11.44 2.14
CA SER A 117 -0.28 12.26 0.95
C SER A 117 -0.20 13.75 1.31
N HIS A 118 0.84 14.09 2.07
CA HIS A 118 1.11 15.45 2.54
C HIS A 118 1.87 16.22 1.46
N ASP A 119 2.22 15.56 0.36
CA ASP A 119 2.83 16.15 -0.81
C ASP A 119 2.12 15.64 -2.06
N ASN A 120 0.99 16.27 -2.37
CA ASN A 120 0.21 15.95 -3.55
C ASN A 120 0.85 16.38 -4.87
N HIS A 121 1.89 17.21 -4.81
CA HIS A 121 2.57 17.73 -6.00
C HIS A 121 3.23 16.60 -6.79
N ARG A 122 3.83 15.64 -6.10
CA ARG A 122 4.48 14.50 -6.73
C ARG A 122 3.46 13.50 -7.24
N LEU A 123 2.47 13.10 -6.43
CA LEU A 123 1.46 12.13 -6.86
C LEU A 123 0.65 12.63 -8.04
N LYS A 124 0.37 13.94 -8.12
CA LYS A 124 -0.36 14.52 -9.23
C LYS A 124 0.35 14.29 -10.56
N LYS A 125 1.69 14.40 -10.56
CA LYS A 125 2.51 14.18 -11.74
C LYS A 125 2.50 12.70 -12.13
N VAL A 126 2.67 11.80 -11.18
CA VAL A 126 2.69 10.37 -11.48
C VAL A 126 1.29 9.90 -11.91
N ILE A 127 0.25 10.50 -11.32
CA ILE A 127 -1.14 10.19 -11.64
C ILE A 127 -1.44 10.51 -13.10
N GLN A 128 -1.15 11.72 -13.57
CA GLN A 128 -1.43 12.09 -14.96
C GLN A 128 -0.60 11.24 -15.93
N ASP A 129 0.61 10.84 -15.52
CA ASP A 129 1.49 10.00 -16.31
C ASP A 129 0.97 8.57 -16.39
N CYS A 130 0.57 7.97 -15.26
CA CYS A 130 0.01 6.61 -15.23
C CYS A 130 -1.34 6.53 -15.93
N GLU A 131 -2.08 7.65 -15.95
CA GLU A 131 -3.38 7.76 -16.58
C GLU A 131 -3.18 7.77 -18.11
N ASP A 132 -2.13 8.46 -18.57
CA ASP A 132 -1.78 8.53 -19.99
C ASP A 132 -1.28 7.18 -20.50
N GLU A 133 -0.64 6.41 -19.61
CA GLU A 133 -0.16 5.07 -19.89
C GLU A 133 -1.26 4.03 -19.60
N ASN A 134 -2.48 4.47 -19.23
CA ASN A 134 -3.67 3.66 -18.96
C ASN A 134 -3.39 2.44 -18.08
N ILE A 135 -2.68 2.67 -16.97
CA ILE A 135 -2.33 1.63 -16.02
C ILE A 135 -3.53 1.46 -15.08
N GLN A 136 -3.86 0.21 -14.77
CA GLN A 136 -4.92 -0.12 -13.83
C GLN A 136 -4.42 0.09 -12.40
N ARG A 137 -4.80 1.23 -11.81
CA ARG A 137 -4.40 1.63 -10.49
C ARG A 137 -5.45 1.20 -9.46
N PHE A 138 -4.97 0.67 -8.34
CA PHE A 138 -5.78 0.21 -7.23
C PHE A 138 -5.16 0.72 -5.94
N SER A 139 -5.96 1.41 -5.13
CA SER A 139 -5.53 1.98 -3.87
C SER A 139 -6.30 1.33 -2.73
N ILE A 140 -5.61 0.73 -1.78
CA ILE A 140 -6.23 0.09 -0.63
C ILE A 140 -5.82 0.87 0.61
N ALA A 141 -6.76 1.18 1.48
CA ALA A 141 -6.46 1.85 2.73
C ALA A 141 -6.53 0.90 3.90
N ILE A 142 -5.76 1.21 4.93
CA ILE A 142 -5.70 0.49 6.19
C ILE A 142 -5.99 1.47 7.32
N LEU A 143 -6.67 0.97 8.35
CA LEU A 143 -7.00 1.71 9.56
C LEU A 143 -6.55 0.95 10.79
N GLY A 144 -6.69 1.59 11.95
CA GLY A 144 -6.34 1.00 13.23
C GLY A 144 -5.29 1.83 13.95
N SER A 145 -4.62 2.75 13.24
CA SER A 145 -3.56 3.62 13.75
C SER A 145 -4.20 4.76 14.54
N TYR A 146 -4.79 4.41 15.70
CA TYR A 146 -5.42 5.31 16.64
C TYR A 146 -6.68 5.91 16.02
N ASN A 147 -6.79 7.24 16.00
CA ASN A 147 -7.89 8.01 15.41
C ASN A 147 -9.22 7.63 16.07
N ARG A 148 -9.29 7.79 17.39
CA ARG A 148 -10.48 7.43 18.16
C ARG A 148 -11.40 8.64 18.39
N GLY A 149 -11.08 9.79 17.79
CA GLY A 149 -11.87 10.99 17.91
C GLY A 149 -12.55 11.33 16.59
N ASN A 150 -13.37 12.39 16.59
CA ASN A 150 -14.07 12.88 15.40
C ASN A 150 -13.09 13.69 14.55
N LEU A 151 -12.14 12.96 13.95
CA LEU A 151 -11.14 13.52 13.05
C LEU A 151 -11.50 13.20 11.61
N SER A 152 -12.46 12.28 11.39
CA SER A 152 -12.96 11.83 10.10
C SER A 152 -11.85 11.11 9.35
N THR A 153 -11.82 9.78 9.46
CA THR A 153 -10.87 8.92 8.78
C THR A 153 -10.90 9.12 7.27
N GLU A 154 -12.10 9.33 6.70
CA GLU A 154 -12.30 9.60 5.29
C GLU A 154 -11.55 10.84 4.84
N LYS A 155 -11.43 11.86 5.70
CA LYS A 155 -10.68 13.07 5.40
C LYS A 155 -9.17 12.84 5.29
N PHE A 156 -8.65 11.84 6.00
CA PHE A 156 -7.24 11.49 5.93
C PHE A 156 -6.96 10.66 4.67
N VAL A 157 -7.92 9.83 4.25
CA VAL A 157 -7.76 9.03 3.04
C VAL A 157 -8.16 9.85 1.79
N GLU A 158 -8.90 10.95 1.97
CA GLU A 158 -9.39 11.84 0.92
C GLU A 158 -8.32 12.23 -0.09
N GLU A 159 -7.14 12.59 0.41
CA GLU A 159 -5.99 12.96 -0.40
C GLU A 159 -5.56 11.84 -1.36
N ILE A 160 -5.65 10.58 -0.93
CA ILE A 160 -5.29 9.44 -1.76
C ILE A 160 -6.49 9.01 -2.59
N LYS A 161 -7.71 8.98 -2.06
CA LYS A 161 -8.88 8.55 -2.83
C LYS A 161 -9.21 9.50 -3.99
N SER A 162 -8.67 10.74 -3.94
CA SER A 162 -8.82 11.72 -5.00
C SER A 162 -7.97 11.35 -6.21
N ILE A 163 -6.96 10.46 -6.05
CA ILE A 163 -6.12 9.95 -7.12
C ILE A 163 -6.96 9.32 -8.24
N ALA A 164 -7.97 8.53 -7.84
CA ALA A 164 -8.80 7.83 -8.79
C ALA A 164 -9.82 8.80 -9.37
N SER A 165 -9.70 9.05 -10.67
CA SER A 165 -10.59 9.93 -11.41
C SER A 165 -11.88 9.16 -11.75
N GLU A 166 -11.75 7.86 -12.01
CA GLU A 166 -12.86 6.96 -12.27
C GLU A 166 -13.55 6.61 -10.93
N PRO A 167 -14.73 5.95 -10.96
CA PRO A 167 -15.42 5.47 -9.77
C PRO A 167 -14.52 4.71 -8.80
N THR A 168 -14.47 5.18 -7.56
CA THR A 168 -13.69 4.57 -6.48
C THR A 168 -14.15 3.15 -6.17
N GLU A 169 -15.40 2.81 -6.51
CA GLU A 169 -15.98 1.49 -6.33
C GLU A 169 -15.14 0.36 -6.94
N LYS A 170 -14.38 0.64 -8.00
CA LYS A 170 -13.50 -0.32 -8.62
C LYS A 170 -12.04 0.14 -8.64
N HIS A 171 -11.66 0.99 -7.70
CA HIS A 171 -10.30 1.53 -7.60
C HIS A 171 -9.80 1.69 -6.19
N PHE A 172 -10.71 1.96 -5.24
CA PHE A 172 -10.40 2.17 -3.86
C PHE A 172 -11.16 1.17 -2.99
N PHE A 173 -10.43 0.51 -2.09
CA PHE A 173 -10.97 -0.46 -1.15
C PHE A 173 -10.28 -0.39 0.20
N ASN A 174 -10.76 -1.19 1.14
CA ASN A 174 -10.17 -1.32 2.48
C ASN A 174 -9.72 -2.76 2.72
N VAL A 175 -8.66 -2.90 3.52
CA VAL A 175 -8.08 -4.18 3.92
C VAL A 175 -9.09 -5.06 4.67
N SER A 176 -10.03 -4.44 5.37
CA SER A 176 -11.04 -5.12 6.18
C SER A 176 -12.05 -5.89 5.30
N ASP A 177 -12.13 -5.59 4.00
CA ASP A 177 -13.03 -6.26 3.09
C ASP A 177 -12.24 -7.17 2.14
N GLU A 178 -12.72 -8.41 2.00
CA GLU A 178 -12.17 -9.36 1.05
C GLU A 178 -12.69 -9.09 -0.36
N LEU A 179 -13.83 -8.37 -0.48
CA LEU A 179 -14.44 -8.04 -1.77
C LEU A 179 -13.52 -7.12 -2.58
N ALA A 180 -12.55 -6.50 -1.92
CA ALA A 180 -11.50 -5.71 -2.53
C ALA A 180 -10.74 -6.54 -3.55
N LEU A 181 -10.25 -7.71 -3.11
CA LEU A 181 -9.49 -8.63 -3.94
C LEU A 181 -10.36 -9.20 -5.05
N VAL A 182 -11.61 -9.55 -4.74
CA VAL A 182 -12.56 -10.07 -5.71
C VAL A 182 -12.82 -9.05 -6.83
N THR A 183 -13.03 -7.77 -6.45
CA THR A 183 -13.27 -6.70 -7.40
C THR A 183 -12.03 -6.46 -8.27
N ILE A 184 -10.83 -6.57 -7.69
CA ILE A 184 -9.58 -6.45 -8.43
C ILE A 184 -9.56 -7.54 -9.51
N VAL A 185 -9.77 -8.80 -9.14
CA VAL A 185 -9.78 -9.93 -10.07
C VAL A 185 -10.82 -9.74 -11.18
N LYS A 186 -12.00 -9.24 -10.81
CA LYS A 186 -13.07 -8.94 -11.74
C LYS A 186 -12.63 -7.87 -12.77
N THR A 187 -11.78 -6.94 -12.35
CA THR A 187 -11.24 -5.91 -13.21
C THR A 187 -10.00 -6.43 -13.97
N LEU A 188 -9.27 -7.39 -13.41
CA LEU A 188 -8.10 -8.00 -14.05
C LEU A 188 -8.50 -8.78 -15.29
N GLY A 189 -9.72 -9.33 -15.30
CA GLY A 189 -10.29 -10.02 -16.46
C GLY A 189 -10.56 -9.08 -17.62
N GLU A 190 -10.75 -7.78 -17.34
CA GLU A 190 -10.94 -6.76 -18.35
C GLU A 190 -9.58 -6.30 -18.87
N ARG A 191 -9.51 -6.00 -20.17
CA ARG A 191 -8.28 -5.51 -20.79
C ARG A 191 -7.88 -4.11 -20.33
N ILE A 192 -8.86 -3.32 -19.90
CA ILE A 192 -8.69 -1.99 -19.38
C ILE A 192 -9.79 -1.70 -18.35
N GLY B 2 12.90 -14.04 32.56
CA GLY B 2 13.88 -14.36 31.52
C GLY B 2 13.52 -13.70 30.20
N PRO B 3 12.66 -14.34 29.38
CA PRO B 3 12.24 -13.84 28.07
C PRO B 3 11.55 -12.47 28.13
N GLY B 5 9.73 -8.83 26.79
CA GLY B 5 8.66 -8.55 25.84
C GLY B 5 9.15 -7.93 24.54
N PRO B 6 8.28 -7.89 23.51
CA PRO B 6 8.60 -7.31 22.21
C PRO B 6 8.49 -5.78 22.24
N GLY B 8 7.20 -1.97 21.63
CA GLY B 8 5.87 -1.37 21.71
C GLY B 8 5.37 -0.89 20.34
N LEU B 9 4.08 -0.55 20.29
CA LEU B 9 3.42 -0.08 19.08
C LEU B 9 4.04 1.26 18.66
N GLY B 11 4.29 5.12 16.88
CA GLY B 11 3.51 6.32 17.02
C GLY B 11 2.74 6.64 15.74
N GLU B 12 1.65 7.38 15.89
CA GLU B 12 0.81 7.77 14.78
C GLU B 12 1.40 8.99 14.06
N ASN B 13 0.81 9.33 12.92
CA ASN B 13 1.19 10.49 12.12
C ASN B 13 1.04 11.78 12.92
N GLY B 14 1.95 12.72 12.69
CA GLY B 14 1.98 13.97 13.41
C GLY B 14 0.81 14.87 13.07
N PRO B 15 0.55 15.88 13.93
CA PRO B 15 -0.55 16.82 13.73
C PRO B 15 -0.26 17.82 12.59
N GLY B 17 0.42 21.17 10.45
CA GLY B 17 1.22 22.36 10.72
C GLY B 17 0.38 23.62 10.89
N PRO B 18 1.03 24.72 11.30
CA PRO B 18 0.36 26.00 11.51
C PRO B 18 0.04 26.69 10.18
N GLY B 20 -0.26 29.52 7.12
CA GLY B 20 0.77 30.34 6.49
C GLY B 20 0.72 31.79 6.92
N PRO B 21 1.80 32.55 6.65
CA PRO B 21 1.89 33.97 6.99
C PRO B 21 0.84 34.83 6.27
N GLY C 2 9.18 -12.15 31.50
CA GLY C 2 10.38 -11.44 31.86
C GLY C 2 10.20 -9.93 31.85
N PRO C 3 11.28 -9.17 31.62
CA PRO C 3 11.25 -7.71 31.62
C PRO C 3 10.41 -7.17 30.46
N GLY C 5 9.24 -4.94 27.12
CA GLY C 5 9.90 -4.67 25.86
C GLY C 5 10.32 -3.20 25.73
N PRO C 6 11.11 -2.87 24.69
CA PRO C 6 11.58 -1.53 24.44
C PRO C 6 10.46 -0.61 23.92
N GLY C 8 8.18 1.85 21.66
CA GLY C 8 7.84 1.82 20.24
C GLY C 8 8.48 2.97 19.48
N LEU C 9 8.45 2.88 18.16
CA LEU C 9 9.00 3.88 17.26
C LEU C 9 8.14 5.14 17.30
N GLY C 11 6.44 8.83 15.48
CA GLY C 11 5.48 8.96 14.40
C GLY C 11 6.13 9.42 13.11
N GLU C 12 5.37 10.14 12.29
CA GLU C 12 5.81 10.68 11.01
C GLU C 12 5.46 12.16 10.93
N ASN C 13 6.02 12.84 9.92
CA ASN C 13 5.76 14.25 9.67
C ASN C 13 4.31 14.49 9.32
N GLY C 14 3.67 15.38 10.07
CA GLY C 14 2.27 15.73 9.90
C GLY C 14 1.98 16.49 8.60
N PRO C 15 0.70 16.72 8.29
CA PRO C 15 0.28 17.36 7.05
C PRO C 15 0.63 18.87 7.07
N GLY C 17 0.31 22.94 6.88
CA GLY C 17 -0.69 23.85 7.39
C GLY C 17 -1.58 24.48 6.31
N PRO C 18 -2.71 25.07 6.71
CA PRO C 18 -3.67 25.65 5.77
C PRO C 18 -3.15 27.00 5.24
N GLY C 20 -2.64 30.85 4.63
CA GLY C 20 -2.79 32.01 5.49
C GLY C 20 -3.88 32.97 5.01
N PRO C 21 -4.27 33.94 5.84
CA PRO C 21 -5.28 34.92 5.51
C PRO C 21 -4.87 35.86 4.38
N GLY D 2 7.82 -11.62 27.76
CA GLY D 2 7.31 -10.79 28.83
C GLY D 2 6.33 -9.74 28.30
N PRO D 3 6.04 -8.70 29.10
CA PRO D 3 5.07 -7.66 28.76
C PRO D 3 5.58 -6.81 27.60
N GLY D 5 6.46 -3.63 25.09
CA GLY D 5 6.94 -2.30 25.38
C GLY D 5 5.85 -1.25 25.28
N PRO D 6 6.10 -0.05 25.85
CA PRO D 6 5.14 1.05 25.81
C PRO D 6 5.07 1.68 24.41
N GLY D 8 5.07 4.18 21.22
CA GLY D 8 5.97 5.26 20.86
C GLY D 8 5.28 6.62 20.88
N LEU D 9 6.07 7.68 20.72
CA LEU D 9 5.57 9.04 20.76
C LEU D 9 4.98 9.42 19.39
N GLY D 11 3.88 11.65 15.94
CA GLY D 11 4.72 12.27 14.93
C GLY D 11 4.96 13.75 15.17
N GLU D 12 5.86 14.30 14.36
CA GLU D 12 6.24 15.70 14.42
C GLU D 12 5.20 16.55 13.69
N ASN D 13 5.09 17.81 14.11
CA ASN D 13 4.14 18.75 13.53
C ASN D 13 4.50 19.02 12.07
N GLY D 14 3.46 19.13 11.24
CA GLY D 14 3.62 19.37 9.83
C GLY D 14 4.20 20.75 9.52
N PRO D 15 4.65 20.96 8.26
CA PRO D 15 5.32 22.20 7.87
C PRO D 15 4.30 23.35 7.81
N GLY D 17 1.92 26.35 6.59
CA GLY D 17 1.09 26.47 5.40
C GLY D 17 1.58 27.53 4.42
N PRO D 18 0.95 27.59 3.24
CA PRO D 18 1.31 28.56 2.21
C PRO D 18 0.92 30.00 2.58
N GLY D 20 -0.56 33.70 2.73
CA GLY D 20 -1.89 34.21 2.38
C GLY D 20 -1.86 35.06 1.11
N PRO D 21 -2.73 34.76 0.13
CA PRO D 21 -2.82 35.46 -1.16
C PRO D 21 -2.92 36.99 -1.02
N SER A 1 -3.09 -16.02 -24.36
CA SER A 1 -2.24 -16.10 -23.17
C SER A 1 -2.92 -15.37 -22.01
N THR A 2 -3.01 -16.00 -20.83
CA THR A 2 -3.67 -15.43 -19.67
C THR A 2 -2.67 -14.70 -18.75
N GLN A 3 -1.56 -14.24 -19.32
CA GLN A 3 -0.52 -13.55 -18.60
C GLN A 3 -0.74 -12.05 -18.61
N LEU A 4 -0.52 -11.42 -17.47
CA LEU A 4 -0.75 -10.01 -17.22
C LEU A 4 0.45 -9.45 -16.48
N ASP A 5 0.77 -8.17 -16.70
CA ASP A 5 1.88 -7.49 -16.05
C ASP A 5 1.35 -6.75 -14.83
N ILE A 6 1.47 -7.29 -13.63
CA ILE A 6 0.94 -6.67 -12.42
C ILE A 6 2.09 -6.36 -11.46
N VAL A 7 2.03 -5.23 -10.79
CA VAL A 7 2.98 -4.83 -9.76
C VAL A 7 2.22 -4.45 -8.50
N ILE A 8 2.74 -4.88 -7.35
CA ILE A 8 2.20 -4.59 -6.04
C ILE A 8 3.20 -3.74 -5.28
N VAL A 9 2.78 -2.56 -4.81
CA VAL A 9 3.61 -1.68 -4.01
C VAL A 9 3.01 -1.58 -2.61
N LEU A 10 3.80 -1.98 -1.62
CA LEU A 10 3.39 -1.97 -0.22
C LEU A 10 4.18 -0.94 0.58
N ASP A 11 3.51 -0.31 1.53
CA ASP A 11 4.13 0.64 2.45
C ASP A 11 4.32 -0.05 3.79
N GLY A 12 5.54 0.04 4.32
CA GLY A 12 5.89 -0.45 5.62
C GLY A 12 6.48 0.62 6.50
N SER A 13 5.89 1.81 6.45
CA SER A 13 6.33 2.92 7.23
C SER A 13 5.94 2.84 8.70
N ASN A 14 6.40 3.82 9.48
CA ASN A 14 6.15 3.92 10.91
C ASN A 14 4.66 4.09 11.22
N SER A 15 3.90 4.68 10.29
CA SER A 15 2.45 4.83 10.40
C SER A 15 1.68 3.52 10.21
N ILE A 16 2.37 2.43 9.87
CA ILE A 16 1.76 1.13 9.65
C ILE A 16 2.03 0.26 10.87
N TYR A 17 1.17 -0.75 11.04
CA TYR A 17 1.29 -1.77 12.08
C TYR A 17 2.17 -2.93 11.58
N PRO A 18 2.46 -3.93 12.44
CA PRO A 18 3.26 -5.12 12.09
C PRO A 18 2.97 -5.74 10.72
N TRP A 19 4.00 -6.34 10.13
CA TRP A 19 3.93 -6.92 8.78
C TRP A 19 3.03 -8.16 8.72
N ASP A 20 2.57 -8.66 9.87
CA ASP A 20 1.62 -9.76 9.99
C ASP A 20 0.30 -9.47 9.26
N SER A 21 -0.12 -8.20 9.27
CA SER A 21 -1.37 -7.76 8.69
C SER A 21 -1.17 -7.61 7.18
N VAL A 22 0.02 -7.19 6.76
CA VAL A 22 0.37 -7.03 5.35
C VAL A 22 0.51 -8.39 4.69
N THR A 23 1.23 -9.33 5.33
CA THR A 23 1.42 -10.67 4.82
C THR A 23 0.10 -11.42 4.71
N ALA A 24 -0.80 -11.25 5.69
CA ALA A 24 -2.12 -11.86 5.69
C ALA A 24 -2.93 -11.42 4.47
N PHE A 25 -2.95 -10.12 4.18
CA PHE A 25 -3.65 -9.57 3.04
C PHE A 25 -3.02 -10.02 1.71
N LEU A 26 -1.69 -9.97 1.60
CA LEU A 26 -0.96 -10.40 0.42
C LEU A 26 -1.14 -11.89 0.17
N ASN A 27 -1.23 -12.68 1.25
CA ASN A 27 -1.47 -14.11 1.19
C ASN A 27 -2.83 -14.41 0.55
N ASP A 28 -3.88 -13.75 1.03
CA ASP A 28 -5.22 -13.92 0.50
C ASP A 28 -5.33 -13.47 -0.95
N LEU A 29 -4.55 -12.45 -1.32
CA LEU A 29 -4.43 -11.96 -2.69
C LEU A 29 -3.83 -13.01 -3.59
N LEU A 30 -2.63 -13.51 -3.22
CA LEU A 30 -1.92 -14.50 -4.01
C LEU A 30 -2.68 -15.81 -4.12
N GLU A 31 -3.37 -16.21 -3.05
CA GLU A 31 -4.18 -17.41 -3.02
C GLU A 31 -5.30 -17.38 -4.06
N ARG A 32 -6.00 -16.24 -4.16
CA ARG A 32 -7.09 -16.08 -5.10
C ARG A 32 -6.59 -15.84 -6.52
N MET A 33 -5.36 -15.35 -6.67
CA MET A 33 -4.74 -15.17 -7.97
C MET A 33 -4.31 -16.52 -8.56
N ASP A 34 -4.31 -16.60 -9.90
CA ASP A 34 -4.00 -17.84 -10.61
C ASP A 34 -2.60 -17.72 -11.20
N ILE A 35 -1.59 -18.11 -10.43
CA ILE A 35 -0.20 -18.08 -10.89
C ILE A 35 0.20 -19.52 -11.18
N GLY A 36 -0.10 -19.96 -12.40
CA GLY A 36 0.18 -21.31 -12.83
C GLY A 36 1.57 -21.42 -13.44
N PRO A 37 1.69 -21.70 -14.75
CA PRO A 37 2.99 -21.96 -15.39
C PRO A 37 3.69 -20.63 -15.74
N LYS A 38 2.95 -19.66 -16.30
CA LYS A 38 3.49 -18.39 -16.78
C LYS A 38 2.38 -17.36 -17.01
N GLN A 39 1.45 -17.25 -16.05
CA GLN A 39 0.35 -16.31 -16.14
C GLN A 39 0.25 -15.50 -14.87
N THR A 40 -0.41 -14.34 -14.96
CA THR A 40 -0.70 -13.43 -13.86
C THR A 40 0.58 -13.10 -13.07
N GLN A 41 1.51 -12.37 -13.69
CA GLN A 41 2.79 -12.11 -13.05
C GLN A 41 2.59 -10.89 -12.16
N VAL A 42 2.87 -11.05 -10.86
CA VAL A 42 2.75 -10.00 -9.87
C VAL A 42 4.11 -9.78 -9.23
N GLY A 43 4.60 -8.54 -9.27
CA GLY A 43 5.84 -8.17 -8.60
C GLY A 43 5.58 -7.48 -7.28
N ILE A 44 6.57 -7.49 -6.39
CA ILE A 44 6.44 -6.89 -5.07
C ILE A 44 7.54 -5.84 -4.91
N VAL A 45 7.13 -4.61 -4.64
CA VAL A 45 8.00 -3.48 -4.42
C VAL A 45 7.69 -2.89 -3.05
N GLN A 46 8.73 -2.63 -2.27
CA GLN A 46 8.60 -1.96 -0.98
C GLN A 46 9.12 -0.53 -1.10
N TYR A 47 8.58 0.37 -0.28
CA TYR A 47 8.98 1.75 -0.28
C TYR A 47 8.82 2.38 1.10
N GLY A 48 9.54 3.48 1.33
CA GLY A 48 9.47 4.25 2.54
C GLY A 48 10.18 5.58 2.32
N GLU A 49 11.37 5.71 2.88
CA GLU A 49 12.23 6.87 2.67
C GLU A 49 12.82 6.86 1.25
N ASN A 50 12.87 5.67 0.66
CA ASN A 50 13.30 5.37 -0.69
C ASN A 50 12.58 4.13 -1.19
N VAL A 51 12.77 3.78 -2.45
CA VAL A 51 12.16 2.59 -3.05
C VAL A 51 13.21 1.47 -3.14
N THR A 52 12.80 0.25 -2.80
CA THR A 52 13.62 -0.93 -2.85
C THR A 52 12.94 -2.03 -3.68
N HIS A 53 13.73 -2.78 -4.43
CA HIS A 53 13.25 -3.88 -5.28
C HIS A 53 13.89 -5.19 -4.83
N GLU A 54 13.17 -5.95 -4.01
CA GLU A 54 13.66 -7.21 -3.49
C GLU A 54 13.70 -8.30 -4.56
N PHE A 55 12.66 -8.38 -5.39
CA PHE A 55 12.56 -9.35 -6.46
C PHE A 55 12.06 -8.69 -7.74
N ASN A 56 12.28 -9.37 -8.87
CA ASN A 56 11.82 -8.95 -10.19
C ASN A 56 10.44 -9.52 -10.50
N LEU A 57 9.82 -9.03 -11.57
CA LEU A 57 8.47 -9.43 -11.98
C LEU A 57 8.47 -10.84 -12.54
N ASN A 58 9.46 -11.19 -13.38
CA ASN A 58 9.55 -12.52 -13.98
C ASN A 58 10.32 -13.50 -13.09
N LYS A 59 10.54 -13.13 -11.83
CA LYS A 59 11.17 -14.00 -10.85
C LYS A 59 10.14 -14.85 -10.11
N TYR A 60 8.94 -14.95 -10.68
CA TYR A 60 7.85 -15.71 -10.11
C TYR A 60 7.30 -16.66 -11.15
N SER A 61 7.43 -17.95 -10.90
CA SER A 61 6.96 -18.98 -11.82
C SER A 61 5.55 -19.42 -11.42
N SER A 62 5.25 -19.56 -10.12
CA SER A 62 3.97 -20.04 -9.64
C SER A 62 3.58 -19.38 -8.32
N THR A 63 2.34 -19.62 -7.85
CA THR A 63 1.72 -18.98 -6.69
C THR A 63 2.58 -19.10 -5.45
N GLU A 64 3.06 -20.32 -5.18
CA GLU A 64 3.93 -20.64 -4.06
C GLU A 64 5.16 -19.72 -4.02
N GLU A 65 5.79 -19.51 -5.18
CA GLU A 65 6.96 -18.66 -5.33
C GLU A 65 6.65 -17.20 -4.99
N VAL A 66 5.53 -16.67 -5.49
CA VAL A 66 5.15 -15.30 -5.19
C VAL A 66 4.72 -15.15 -3.74
N LEU A 67 4.02 -16.17 -3.22
CA LEU A 67 3.53 -16.17 -1.86
C LEU A 67 4.67 -16.21 -0.86
N VAL A 68 5.67 -17.09 -1.08
CA VAL A 68 6.84 -17.16 -0.21
C VAL A 68 7.65 -15.87 -0.27
N ALA A 69 7.71 -15.22 -1.43
CA ALA A 69 8.42 -13.96 -1.57
C ALA A 69 7.65 -12.84 -0.88
N ALA A 70 6.31 -12.85 -0.93
CA ALA A 70 5.46 -11.88 -0.27
C ALA A 70 5.66 -11.86 1.24
N LYS A 71 5.81 -13.04 1.84
CA LYS A 71 6.10 -13.14 3.26
C LYS A 71 7.59 -12.99 3.57
N LYS A 72 8.45 -13.16 2.56
CA LYS A 72 9.89 -13.00 2.72
C LYS A 72 10.26 -11.52 2.73
N ILE A 73 9.65 -10.71 1.85
CA ILE A 73 9.90 -9.29 1.78
C ILE A 73 9.21 -8.63 2.97
N VAL A 74 10.00 -8.30 3.98
CA VAL A 74 9.55 -7.61 5.18
C VAL A 74 10.28 -6.28 5.28
N GLN A 75 9.53 -5.22 5.50
CA GLN A 75 10.10 -3.89 5.66
C GLN A 75 10.44 -3.67 7.13
N ARG A 76 11.62 -3.07 7.35
CA ARG A 76 12.12 -2.74 8.69
C ARG A 76 11.67 -1.35 9.14
N GLY A 77 10.86 -0.66 8.34
CA GLY A 77 10.32 0.65 8.66
C GLY A 77 10.32 1.56 7.45
N GLY A 78 9.73 2.73 7.63
CA GLY A 78 9.62 3.72 6.57
C GLY A 78 9.41 5.08 7.20
N ARG A 79 10.28 6.03 6.88
CA ARG A 79 10.22 7.38 7.43
C ARG A 79 9.27 8.28 6.64
N GLN A 80 8.65 7.77 5.58
CA GLN A 80 7.72 8.53 4.77
C GLN A 80 6.73 7.58 4.10
N THR A 81 5.58 8.12 3.70
CA THR A 81 4.57 7.43 2.93
C THR A 81 4.21 8.35 1.77
N MET A 82 4.75 8.07 0.60
CA MET A 82 4.41 8.68 -0.66
C MET A 82 4.10 7.59 -1.66
N THR A 83 2.82 7.25 -1.86
CA THR A 83 2.46 6.27 -2.87
C THR A 83 2.79 6.78 -4.25
N ALA A 84 2.74 8.10 -4.46
CA ALA A 84 3.12 8.76 -5.69
C ALA A 84 4.55 8.41 -6.14
N LEU A 85 5.45 8.31 -5.16
CA LEU A 85 6.83 7.90 -5.37
C LEU A 85 6.89 6.43 -5.79
N GLY A 86 5.97 5.62 -5.28
CA GLY A 86 5.82 4.23 -5.64
C GLY A 86 5.22 4.06 -7.02
N ILE A 87 4.21 4.87 -7.39
CA ILE A 87 3.55 4.82 -8.70
C ILE A 87 4.57 5.08 -9.81
N ASP A 88 5.34 6.17 -9.66
CA ASP A 88 6.36 6.57 -10.61
C ASP A 88 7.39 5.47 -10.81
N THR A 89 7.96 5.01 -9.70
CA THR A 89 9.00 3.99 -9.73
C THR A 89 8.44 2.65 -10.21
N ALA A 90 7.18 2.34 -9.94
CA ALA A 90 6.61 1.08 -10.38
C ALA A 90 6.29 1.11 -11.87
N ARG A 91 5.67 2.18 -12.37
CA ARG A 91 5.29 2.25 -13.78
C ARG A 91 6.49 2.25 -14.74
N LYS A 92 7.65 2.72 -14.29
CA LYS A 92 8.85 2.78 -15.11
C LYS A 92 9.85 1.71 -14.69
N GLU A 93 10.30 1.74 -13.43
CA GLU A 93 11.38 0.88 -12.95
C GLU A 93 10.86 -0.51 -12.53
N ALA A 94 9.55 -0.79 -12.58
CA ALA A 94 9.02 -2.12 -12.34
C ALA A 94 8.28 -2.69 -13.54
N PHE A 95 7.83 -1.83 -14.44
CA PHE A 95 7.10 -2.23 -15.65
C PHE A 95 7.97 -2.17 -16.90
N THR A 96 9.26 -2.43 -16.71
CA THR A 96 10.22 -2.54 -17.77
C THR A 96 10.55 -4.02 -17.97
N GLU A 97 10.84 -4.41 -19.21
CA GLU A 97 11.24 -5.77 -19.55
C GLU A 97 12.58 -6.15 -18.92
N ALA A 98 13.38 -5.15 -18.53
CA ALA A 98 14.63 -5.37 -17.81
C ALA A 98 14.38 -5.86 -16.37
N ARG A 99 13.16 -5.70 -15.86
CA ARG A 99 12.73 -6.21 -14.56
C ARG A 99 11.85 -7.44 -14.71
N GLY A 100 11.71 -7.97 -15.92
CA GLY A 100 10.97 -9.19 -16.16
C GLY A 100 9.53 -8.95 -16.61
N ALA A 101 9.14 -7.70 -16.87
CA ALA A 101 7.81 -7.42 -17.38
C ALA A 101 7.71 -7.86 -18.85
N ARG A 102 6.49 -8.08 -19.32
CA ARG A 102 6.24 -8.49 -20.69
C ARG A 102 6.16 -7.23 -21.58
N ARG A 103 5.58 -7.38 -22.77
CA ARG A 103 5.46 -6.31 -23.75
C ARG A 103 4.27 -5.38 -23.44
N GLY A 104 3.88 -5.28 -22.18
CA GLY A 104 2.80 -4.42 -21.73
C GLY A 104 1.45 -5.07 -21.98
N VAL A 105 1.23 -6.25 -21.41
CA VAL A 105 -0.04 -6.95 -21.52
C VAL A 105 -0.77 -6.79 -20.19
N LYS A 106 -1.76 -5.89 -20.15
CA LYS A 106 -2.60 -5.61 -18.99
C LYS A 106 -1.73 -5.21 -17.80
N LYS A 107 -1.26 -3.96 -17.82
CA LYS A 107 -0.43 -3.43 -16.78
C LYS A 107 -1.30 -3.02 -15.60
N VAL A 108 -1.21 -3.77 -14.51
CA VAL A 108 -2.00 -3.55 -13.31
C VAL A 108 -1.10 -3.09 -12.17
N MET A 109 -1.47 -2.00 -11.51
CA MET A 109 -0.73 -1.45 -10.40
C MET A 109 -1.60 -1.51 -9.15
N VAL A 110 -1.22 -2.35 -8.18
CA VAL A 110 -1.93 -2.46 -6.91
C VAL A 110 -1.05 -1.85 -5.82
N ILE A 111 -1.49 -0.75 -5.22
CA ILE A 111 -0.75 -0.06 -4.18
C ILE A 111 -1.64 0.10 -2.96
N VAL A 112 -1.05 -0.10 -1.78
CA VAL A 112 -1.71 0.15 -0.51
C VAL A 112 -1.26 1.52 0.04
N THR A 113 -2.13 2.16 0.81
CA THR A 113 -1.88 3.45 1.44
C THR A 113 -2.65 3.57 2.75
N ASP A 114 -2.25 4.54 3.57
CA ASP A 114 -2.86 4.86 4.84
C ASP A 114 -3.19 6.34 4.93
N GLY A 115 -2.21 7.21 4.69
CA GLY A 115 -2.38 8.64 4.82
C GLY A 115 -1.10 9.37 4.47
N GLU A 116 -1.03 9.88 3.26
CA GLU A 116 0.11 10.61 2.73
C GLU A 116 -0.20 12.09 2.60
N SER A 117 -0.80 12.68 3.64
CA SER A 117 -1.18 14.09 3.67
C SER A 117 0.09 14.97 3.78
N HIS A 118 0.75 15.19 2.65
CA HIS A 118 1.97 15.97 2.53
C HIS A 118 1.99 16.68 1.20
N ASP A 119 2.21 15.93 0.13
CA ASP A 119 2.28 16.45 -1.22
C ASP A 119 1.31 15.69 -2.11
N ASN A 120 0.45 16.42 -2.81
CA ASN A 120 -0.49 15.86 -3.76
C ASN A 120 -0.10 16.15 -5.20
N HIS A 121 0.97 16.94 -5.41
CA HIS A 121 1.39 17.34 -6.75
C HIS A 121 1.97 16.15 -7.50
N ARG A 122 2.84 15.36 -6.85
CA ARG A 122 3.45 14.19 -7.46
C ARG A 122 2.42 13.14 -7.85
N LEU A 123 1.46 12.83 -6.98
CA LEU A 123 0.42 11.85 -7.28
C LEU A 123 -0.50 12.32 -8.41
N LYS A 124 -0.84 13.61 -8.48
CA LYS A 124 -1.67 14.13 -9.55
C LYS A 124 -1.02 14.00 -10.92
N LYS A 125 0.27 14.34 -11.02
CA LYS A 125 1.01 14.29 -12.26
C LYS A 125 1.25 12.85 -12.71
N VAL A 126 1.71 11.96 -11.83
CA VAL A 126 1.97 10.58 -12.24
C VAL A 126 0.66 9.86 -12.57
N ILE A 127 -0.44 10.18 -11.86
CA ILE A 127 -1.73 9.56 -12.14
C ILE A 127 -2.26 9.93 -13.52
N GLN A 128 -2.23 11.21 -13.91
CA GLN A 128 -2.73 11.62 -15.22
C GLN A 128 -1.87 11.01 -16.35
N ASP A 129 -0.58 10.80 -16.08
CA ASP A 129 0.34 10.12 -16.99
C ASP A 129 -0.10 8.68 -17.22
N CYS A 130 -0.26 7.90 -16.15
CA CYS A 130 -0.69 6.50 -16.24
C CYS A 130 -2.14 6.34 -16.72
N GLU A 131 -2.96 7.40 -16.56
CA GLU A 131 -4.35 7.41 -16.98
C GLU A 131 -4.43 7.45 -18.51
N ASP A 132 -3.61 8.30 -19.14
CA ASP A 132 -3.51 8.38 -20.60
C ASP A 132 -2.86 7.12 -21.16
N GLU A 133 -1.95 6.52 -20.40
CA GLU A 133 -1.29 5.26 -20.73
C GLU A 133 -2.19 4.06 -20.45
N ASN A 134 -3.45 4.30 -20.01
CA ASN A 134 -4.49 3.31 -19.74
C ASN A 134 -3.99 2.12 -18.90
N ILE A 135 -3.24 2.44 -17.85
CA ILE A 135 -2.73 1.46 -16.92
C ILE A 135 -3.81 1.25 -15.85
N GLN A 136 -4.10 0.00 -15.54
CA GLN A 136 -5.11 -0.38 -14.56
C GLN A 136 -4.51 -0.21 -13.16
N ARG A 137 -4.81 0.89 -12.48
CA ARG A 137 -4.29 1.14 -11.14
C ARG A 137 -5.41 0.96 -10.11
N PHE A 138 -5.05 0.40 -8.97
CA PHE A 138 -5.95 0.16 -7.85
C PHE A 138 -5.29 0.66 -6.57
N SER A 139 -6.07 1.28 -5.70
CA SER A 139 -5.60 1.84 -4.45
C SER A 139 -6.34 1.18 -3.30
N ILE A 140 -5.62 0.49 -2.42
CA ILE A 140 -6.21 -0.17 -1.28
C ILE A 140 -5.83 0.63 -0.04
N ALA A 141 -6.78 0.87 0.87
CA ALA A 141 -6.51 1.59 2.08
C ALA A 141 -6.48 0.65 3.28
N ILE A 142 -5.53 0.92 4.17
CA ILE A 142 -5.33 0.23 5.44
C ILE A 142 -5.45 1.25 6.56
N LEU A 143 -6.26 0.94 7.56
CA LEU A 143 -6.45 1.78 8.73
C LEU A 143 -6.70 0.94 9.97
N GLY A 144 -6.32 1.49 11.11
CA GLY A 144 -6.48 0.87 12.40
C GLY A 144 -5.49 1.41 13.41
N SER A 145 -5.14 2.68 13.28
CA SER A 145 -4.14 3.36 14.09
C SER A 145 -4.87 4.09 15.23
N TYR A 146 -5.36 3.31 16.20
CA TYR A 146 -5.99 3.80 17.43
C TYR A 146 -7.36 4.40 17.13
N ASN A 147 -7.39 5.71 16.83
CA ASN A 147 -8.57 6.51 16.55
C ASN A 147 -9.53 6.52 17.74
N ARG A 148 -9.50 7.63 18.47
CA ARG A 148 -10.24 7.83 19.70
C ARG A 148 -10.97 9.18 19.71
N GLY A 149 -11.29 9.70 18.54
CA GLY A 149 -11.98 10.96 18.43
C GLY A 149 -12.70 11.08 17.12
N ASN A 150 -13.59 12.06 17.01
CA ASN A 150 -14.37 12.33 15.80
C ASN A 150 -13.51 13.13 14.81
N LEU A 151 -12.40 12.53 14.38
CA LEU A 151 -11.49 13.12 13.42
C LEU A 151 -11.84 12.69 12.00
N SER A 152 -12.50 11.52 11.85
CA SER A 152 -12.93 10.94 10.59
C SER A 152 -11.71 10.56 9.76
N THR A 153 -11.37 9.27 9.76
CA THR A 153 -10.31 8.73 8.91
C THR A 153 -10.55 8.96 7.42
N GLU A 154 -11.82 9.17 7.05
CA GLU A 154 -12.24 9.49 5.69
C GLU A 154 -11.62 10.78 5.19
N LYS A 155 -11.20 11.69 6.08
CA LYS A 155 -10.54 12.93 5.71
C LYS A 155 -9.14 12.71 5.12
N PHE A 156 -8.48 11.63 5.52
CA PHE A 156 -7.18 11.28 4.98
C PHE A 156 -7.37 10.36 3.77
N VAL A 157 -8.43 9.54 3.79
CA VAL A 157 -8.76 8.64 2.70
C VAL A 157 -9.24 9.42 1.46
N GLU A 158 -10.03 10.48 1.66
CA GLU A 158 -10.55 11.30 0.58
C GLU A 158 -9.47 11.88 -0.33
N GLU A 159 -8.34 12.27 0.25
CA GLU A 159 -7.20 12.82 -0.48
C GLU A 159 -6.66 11.80 -1.50
N ILE A 160 -6.71 10.52 -1.14
CA ILE A 160 -6.18 9.46 -1.95
C ILE A 160 -7.26 8.97 -2.92
N LYS A 161 -8.48 8.68 -2.46
CA LYS A 161 -9.55 8.16 -3.32
C LYS A 161 -9.94 9.12 -4.44
N SER A 162 -9.69 10.41 -4.26
CA SER A 162 -9.97 11.43 -5.27
C SER A 162 -9.01 11.33 -6.46
N ILE A 163 -7.90 10.59 -6.32
CA ILE A 163 -6.95 10.39 -7.41
C ILE A 163 -7.54 9.55 -8.55
N ALA A 164 -8.54 8.71 -8.24
CA ALA A 164 -9.17 7.86 -9.22
C ALA A 164 -10.30 8.65 -9.90
N SER A 165 -10.13 8.91 -11.19
CA SER A 165 -11.11 9.62 -12.01
C SER A 165 -12.33 8.73 -12.28
N GLU A 166 -12.11 7.41 -12.33
CA GLU A 166 -13.17 6.43 -12.50
C GLU A 166 -13.81 6.13 -11.14
N PRO A 167 -15.02 5.52 -11.12
CA PRO A 167 -15.75 5.12 -9.92
C PRO A 167 -14.87 4.53 -8.81
N THR A 168 -15.04 5.01 -7.59
CA THR A 168 -14.23 4.59 -6.46
C THR A 168 -14.38 3.10 -6.18
N GLU A 169 -15.56 2.53 -6.43
CA GLU A 169 -15.82 1.11 -6.19
C GLU A 169 -15.03 0.18 -7.12
N LYS A 170 -14.52 0.70 -8.24
CA LYS A 170 -13.71 -0.09 -9.16
C LYS A 170 -12.22 0.24 -9.03
N HIS A 171 -11.82 1.03 -8.04
CA HIS A 171 -10.43 1.44 -7.87
C HIS A 171 -9.97 1.45 -6.43
N PHE A 172 -10.82 1.90 -5.52
CA PHE A 172 -10.50 2.01 -4.12
C PHE A 172 -11.10 0.85 -3.36
N PHE A 173 -10.25 0.15 -2.61
CA PHE A 173 -10.65 -1.01 -1.83
C PHE A 173 -10.12 -0.92 -0.41
N ASN A 174 -10.59 -1.82 0.44
CA ASN A 174 -10.18 -1.91 1.83
C ASN A 174 -9.46 -3.23 2.07
N VAL A 175 -8.41 -3.20 2.89
CA VAL A 175 -7.64 -4.38 3.27
C VAL A 175 -8.48 -5.41 4.02
N SER A 176 -9.47 -4.95 4.78
CA SER A 176 -10.34 -5.80 5.58
C SER A 176 -11.46 -6.42 4.72
N ASP A 177 -11.51 -6.10 3.42
CA ASP A 177 -12.51 -6.62 2.50
C ASP A 177 -11.86 -7.63 1.55
N GLU A 178 -12.28 -8.90 1.64
CA GLU A 178 -11.80 -9.93 0.73
C GLU A 178 -12.51 -9.85 -0.62
N LEU A 179 -13.71 -9.25 -0.67
CA LEU A 179 -14.47 -9.08 -1.91
C LEU A 179 -13.83 -8.03 -2.81
N ALA A 180 -12.95 -7.21 -2.23
CA ALA A 180 -12.16 -6.24 -2.94
C ALA A 180 -11.27 -6.91 -3.96
N LEU A 181 -10.61 -8.00 -3.56
CA LEU A 181 -9.74 -8.78 -4.42
C LEU A 181 -10.52 -9.41 -5.56
N VAL A 182 -11.73 -9.90 -5.29
CA VAL A 182 -12.63 -10.47 -6.28
C VAL A 182 -13.00 -9.45 -7.35
N THR A 183 -13.30 -8.22 -6.92
CA THR A 183 -13.65 -7.12 -7.81
C THR A 183 -12.47 -6.80 -8.75
N ILE A 184 -11.25 -6.85 -8.22
CA ILE A 184 -10.04 -6.66 -9.00
C ILE A 184 -9.96 -7.76 -10.07
N VAL A 185 -10.09 -9.03 -9.67
CA VAL A 185 -10.01 -10.17 -10.58
C VAL A 185 -11.01 -10.07 -11.74
N LYS A 186 -12.27 -9.74 -11.44
CA LYS A 186 -13.29 -9.62 -12.48
C LYS A 186 -12.99 -8.45 -13.44
N THR A 187 -12.32 -7.41 -12.94
CA THR A 187 -11.92 -6.27 -13.75
C THR A 187 -10.66 -6.62 -14.56
N LEU A 188 -9.72 -7.37 -13.97
CA LEU A 188 -8.48 -7.79 -14.64
C LEU A 188 -8.75 -8.86 -15.70
N GLY A 189 -9.93 -9.49 -15.64
CA GLY A 189 -10.39 -10.43 -16.64
C GLY A 189 -10.73 -9.76 -17.97
N GLU A 190 -10.79 -8.42 -18.01
CA GLU A 190 -11.03 -7.63 -19.20
C GLU A 190 -9.72 -7.04 -19.71
N ARG A 191 -9.84 -6.08 -20.64
CA ARG A 191 -8.72 -5.38 -21.23
C ARG A 191 -8.47 -4.01 -20.59
N ILE A 192 -9.39 -3.56 -19.73
CA ILE A 192 -9.31 -2.28 -19.04
C ILE A 192 -10.18 -2.36 -17.77
N GLY B 2 12.87 -13.17 34.03
CA GLY B 2 12.32 -13.66 32.78
C GLY B 2 12.85 -12.91 31.56
N PRO B 3 12.38 -13.26 30.36
CA PRO B 3 12.85 -12.68 29.11
C PRO B 3 12.14 -11.34 28.86
N GLY B 5 10.18 -8.30 27.06
CA GLY B 5 9.15 -8.28 26.04
C GLY B 5 9.60 -7.60 24.75
N PRO B 6 8.76 -7.65 23.70
CA PRO B 6 9.07 -7.06 22.41
C PRO B 6 8.84 -5.53 22.42
N GLY B 8 7.46 -1.76 21.76
CA GLY B 8 6.12 -1.24 21.72
C GLY B 8 5.70 -0.80 20.32
N LEU B 9 4.40 -0.52 20.17
CA LEU B 9 3.81 -0.10 18.91
C LEU B 9 4.27 1.32 18.54
N GLY B 11 4.23 5.28 17.20
CA GLY B 11 3.38 6.43 17.49
C GLY B 11 2.46 6.78 16.34
N GLU B 12 1.53 7.69 16.60
CA GLU B 12 0.55 8.13 15.62
C GLU B 12 1.15 9.21 14.71
N ASN B 13 0.30 9.80 13.86
CA ASN B 13 0.70 10.88 12.98
C ASN B 13 0.89 12.16 13.81
N GLY B 14 1.80 13.02 13.36
CA GLY B 14 2.05 14.28 14.03
C GLY B 14 0.92 15.28 13.86
N PRO B 15 0.89 16.34 14.68
CA PRO B 15 -0.14 17.37 14.61
C PRO B 15 0.03 18.25 13.35
N GLY B 17 0.57 21.37 10.90
CA GLY B 17 1.45 22.52 10.98
C GLY B 17 0.71 23.84 11.18
N PRO B 18 1.43 24.92 11.48
CA PRO B 18 0.85 26.24 11.70
C PRO B 18 0.44 26.90 10.38
N GLY B 20 -0.01 29.63 7.31
CA GLY B 20 0.95 30.50 6.64
C GLY B 20 0.79 31.97 7.01
N PRO B 21 1.79 32.80 6.68
CA PRO B 21 1.74 34.23 6.95
C PRO B 21 0.69 34.98 6.10
N GLY C 2 8.96 -11.88 31.60
CA GLY C 2 9.44 -11.15 32.75
C GLY C 2 9.32 -9.64 32.53
N PRO C 3 10.43 -8.94 32.26
CA PRO C 3 10.46 -7.49 32.13
C PRO C 3 9.70 -7.04 30.87
N GLY C 5 8.71 -4.89 27.46
CA GLY C 5 9.51 -4.43 26.35
C GLY C 5 9.76 -2.93 26.37
N PRO C 6 10.63 -2.44 25.47
CA PRO C 6 10.96 -1.02 25.38
C PRO C 6 9.86 -0.24 24.66
N GLY C 8 7.76 2.10 22.02
CA GLY C 8 7.70 2.07 20.57
C GLY C 8 8.42 3.24 19.92
N LEU C 9 8.55 3.17 18.60
CA LEU C 9 9.25 4.17 17.82
C LEU C 9 8.29 5.29 17.41
N GLY C 11 6.03 7.98 15.26
CA GLY C 11 5.19 7.76 14.09
C GLY C 11 5.74 8.46 12.84
N GLU C 12 4.88 9.22 12.17
CA GLU C 12 5.24 9.92 10.94
C GLU C 12 4.87 11.39 11.05
N ASN C 13 5.64 12.25 10.41
CA ASN C 13 5.45 13.70 10.36
C ASN C 13 4.01 14.05 9.95
N GLY C 14 3.41 14.98 10.68
CA GLY C 14 2.05 15.42 10.44
C GLY C 14 1.87 16.20 9.15
N PRO C 15 0.61 16.52 8.79
CA PRO C 15 0.30 17.26 7.57
C PRO C 15 0.67 18.73 7.69
N GLY C 17 0.46 22.87 7.43
CA GLY C 17 -0.56 23.81 7.88
C GLY C 17 -1.40 24.38 6.74
N PRO C 18 -2.50 25.06 7.08
CA PRO C 18 -3.40 25.64 6.09
C PRO C 18 -2.89 26.99 5.57
N GLY C 20 -2.48 30.89 4.85
CA GLY C 20 -2.73 32.06 5.67
C GLY C 20 -3.75 33.03 5.05
N PRO C 21 -4.18 34.04 5.84
CA PRO C 21 -5.12 35.08 5.40
C PRO C 21 -4.61 35.91 4.21
N GLY D 2 8.50 -11.33 27.47
CA GLY D 2 7.58 -10.75 28.44
C GLY D 2 6.53 -9.86 27.78
N PRO D 3 5.87 -9.00 28.58
CA PRO D 3 4.79 -8.13 28.12
C PRO D 3 5.33 -7.11 27.10
N GLY D 5 6.13 -3.67 25.04
CA GLY D 5 6.40 -2.32 25.50
C GLY D 5 5.25 -1.35 25.21
N PRO D 6 5.26 -0.17 25.85
CA PRO D 6 4.23 0.84 25.66
C PRO D 6 4.34 1.52 24.29
N GLY D 8 4.81 4.18 21.28
CA GLY D 8 5.78 5.23 21.06
C GLY D 8 5.12 6.59 20.91
N LEU D 9 5.94 7.61 20.72
CA LEU D 9 5.49 8.99 20.63
C LEU D 9 5.07 9.32 19.20
N GLY D 11 4.41 11.34 15.51
CA GLY D 11 5.35 12.01 14.63
C GLY D 11 5.47 13.51 14.91
N GLU D 12 6.39 14.14 14.19
CA GLU D 12 6.73 15.55 14.35
C GLU D 12 5.61 16.41 13.74
N ASN D 13 5.58 17.69 14.12
CA ASN D 13 4.60 18.64 13.62
C ASN D 13 4.83 18.89 12.13
N GLY D 14 3.72 19.03 11.39
CA GLY D 14 3.75 19.27 9.97
C GLY D 14 4.36 20.62 9.59
N PRO D 15 4.86 20.76 8.34
CA PRO D 15 5.51 21.99 7.88
C PRO D 15 4.53 23.18 7.86
N GLY D 17 2.15 26.24 6.76
CA GLY D 17 1.24 26.39 5.65
C GLY D 17 1.65 27.49 4.67
N PRO D 18 1.06 27.51 3.46
CA PRO D 18 1.41 28.47 2.41
C PRO D 18 1.00 29.90 2.77
N GLY D 20 -0.56 33.64 2.51
CA GLY D 20 -1.76 34.19 1.89
C GLY D 20 -1.41 35.23 0.81
N PRO D 21 -1.93 35.08 -0.42
CA PRO D 21 -1.65 35.99 -1.54
C PRO D 21 -2.24 37.40 -1.25
N SER A 1 -6.93 -21.13 -16.87
CA SER A 1 -5.58 -20.56 -16.90
C SER A 1 -5.66 -19.04 -16.68
N THR A 2 -5.65 -18.60 -15.42
CA THR A 2 -5.81 -17.19 -15.06
C THR A 2 -4.44 -16.48 -15.20
N GLN A 3 -4.11 -16.09 -16.44
CA GLN A 3 -2.86 -15.40 -16.75
C GLN A 3 -3.09 -13.90 -16.56
N LEU A 4 -2.42 -13.35 -15.55
CA LEU A 4 -2.51 -11.97 -15.11
C LEU A 4 -1.29 -11.57 -14.30
N ASP A 5 -0.85 -10.33 -14.50
CA ASP A 5 0.25 -9.73 -13.77
C ASP A 5 -0.37 -8.83 -12.72
N ILE A 6 -0.11 -9.16 -11.45
CA ILE A 6 -0.58 -8.43 -10.30
C ILE A 6 0.64 -7.99 -9.49
N VAL A 7 0.63 -6.76 -8.98
CA VAL A 7 1.65 -6.26 -8.06
C VAL A 7 0.97 -5.74 -6.80
N ILE A 8 1.54 -6.07 -5.64
CA ILE A 8 1.08 -5.65 -4.34
C ILE A 8 2.12 -4.67 -3.79
N VAL A 9 1.73 -3.42 -3.58
CA VAL A 9 2.58 -2.36 -3.10
C VAL A 9 2.13 -1.98 -1.68
N LEU A 10 2.95 -2.30 -0.67
CA LEU A 10 2.68 -2.04 0.73
C LEU A 10 3.68 -1.01 1.25
N ASP A 11 3.32 -0.34 2.34
CA ASP A 11 4.17 0.60 3.04
C ASP A 11 4.45 -0.02 4.41
N GLY A 12 5.65 0.23 4.93
CA GLY A 12 6.02 -0.17 6.28
C GLY A 12 6.53 0.98 7.10
N SER A 13 5.83 2.10 7.00
CA SER A 13 6.10 3.29 7.75
C SER A 13 5.93 3.11 9.27
N ASN A 14 6.26 4.19 9.99
CA ASN A 14 5.99 4.32 11.41
C ASN A 14 4.47 4.50 11.67
N SER A 15 3.69 4.88 10.66
CA SER A 15 2.25 5.00 10.72
C SER A 15 1.52 3.66 10.56
N ILE A 16 2.25 2.56 10.28
CA ILE A 16 1.68 1.24 10.13
C ILE A 16 1.76 0.49 11.46
N TYR A 17 0.71 -0.30 11.70
CA TYR A 17 0.53 -1.20 12.83
C TYR A 17 1.43 -2.44 12.69
N PRO A 18 1.44 -3.39 13.64
CA PRO A 18 2.13 -4.68 13.52
C PRO A 18 2.05 -5.35 12.13
N TRP A 19 3.20 -5.78 11.61
CA TRP A 19 3.33 -6.43 10.30
C TRP A 19 2.58 -7.78 10.24
N ASP A 20 2.15 -8.30 11.39
CA ASP A 20 1.30 -9.48 11.53
C ASP A 20 -0.03 -9.36 10.78
N SER A 21 -0.58 -8.13 10.65
CA SER A 21 -1.85 -7.90 9.98
C SER A 21 -1.70 -8.08 8.46
N VAL A 22 -0.69 -7.44 7.84
CA VAL A 22 -0.47 -7.53 6.39
C VAL A 22 0.03 -8.92 5.97
N THR A 23 0.82 -9.60 6.82
CA THR A 23 1.30 -10.95 6.53
C THR A 23 0.16 -11.96 6.50
N ALA A 24 -0.77 -11.87 7.46
CA ALA A 24 -1.96 -12.71 7.51
C ALA A 24 -2.89 -12.43 6.34
N PHE A 25 -3.03 -11.15 5.97
CA PHE A 25 -3.78 -10.69 4.81
C PHE A 25 -3.24 -11.29 3.51
N LEU A 26 -1.92 -11.17 3.27
CA LEU A 26 -1.26 -11.70 2.09
C LEU A 26 -1.34 -13.23 2.05
N ASN A 27 -1.20 -13.89 3.20
CA ASN A 27 -1.36 -15.34 3.36
C ASN A 27 -2.77 -15.78 2.94
N ASP A 28 -3.82 -15.13 3.47
CA ASP A 28 -5.20 -15.49 3.19
C ASP A 28 -5.60 -15.15 1.74
N LEU A 29 -4.93 -14.16 1.14
CA LEU A 29 -5.08 -13.80 -0.25
C LEU A 29 -4.40 -14.85 -1.12
N LEU A 30 -3.14 -15.18 -0.84
CA LEU A 30 -2.35 -16.14 -1.61
C LEU A 30 -2.95 -17.54 -1.55
N GLU A 31 -3.58 -17.91 -0.43
CA GLU A 31 -4.30 -19.18 -0.27
C GLU A 31 -5.42 -19.34 -1.31
N ARG A 32 -6.11 -18.24 -1.63
CA ARG A 32 -7.19 -18.21 -2.62
C ARG A 32 -6.66 -18.01 -4.04
N MET A 33 -5.45 -17.45 -4.20
CA MET A 33 -4.82 -17.29 -5.50
C MET A 33 -4.35 -18.65 -6.02
N ASP A 34 -4.79 -18.99 -7.23
CA ASP A 34 -4.51 -20.27 -7.87
C ASP A 34 -3.15 -20.18 -8.56
N ILE A 35 -2.05 -20.39 -7.82
CA ILE A 35 -0.70 -20.32 -8.37
C ILE A 35 -0.34 -21.76 -8.78
N GLY A 36 -0.65 -22.08 -10.03
CA GLY A 36 -0.38 -23.37 -10.62
C GLY A 36 0.99 -23.40 -11.28
N PRO A 37 1.10 -23.81 -12.56
CA PRO A 37 2.39 -23.97 -13.24
C PRO A 37 3.01 -22.60 -13.58
N LYS A 38 2.19 -21.68 -14.13
CA LYS A 38 2.65 -20.39 -14.65
C LYS A 38 1.53 -19.36 -14.74
N GLN A 39 0.58 -19.39 -13.82
CA GLN A 39 -0.55 -18.47 -13.79
C GLN A 39 -0.56 -17.71 -12.47
N THR A 40 -1.27 -16.59 -12.45
CA THR A 40 -1.53 -15.76 -11.28
C THR A 40 -0.21 -15.23 -10.70
N GLN A 41 0.43 -14.27 -11.38
CA GLN A 41 1.74 -13.80 -10.97
C GLN A 41 1.50 -12.58 -10.07
N VAL A 42 1.99 -12.66 -8.84
CA VAL A 42 1.86 -11.66 -7.80
C VAL A 42 3.26 -11.32 -7.28
N GLY A 43 3.62 -10.04 -7.34
CA GLY A 43 4.88 -9.52 -6.83
C GLY A 43 4.63 -8.62 -5.63
N ILE A 44 5.55 -8.63 -4.66
CA ILE A 44 5.45 -7.84 -3.44
C ILE A 44 6.50 -6.73 -3.53
N VAL A 45 6.03 -5.49 -3.43
CA VAL A 45 6.84 -4.29 -3.44
C VAL A 45 6.54 -3.53 -2.15
N GLN A 46 7.58 -3.02 -1.52
CA GLN A 46 7.50 -2.17 -0.34
C GLN A 46 7.95 -0.77 -0.74
N TYR A 47 7.17 0.26 -0.40
CA TYR A 47 7.51 1.65 -0.63
C TYR A 47 7.65 2.41 0.68
N GLY A 48 8.41 3.49 0.64
CA GLY A 48 8.65 4.36 1.75
C GLY A 48 9.54 5.51 1.29
N GLU A 49 10.70 5.68 1.92
CA GLU A 49 11.73 6.64 1.49
C GLU A 49 12.33 6.22 0.13
N ASN A 50 12.31 4.92 -0.14
CA ASN A 50 12.75 4.25 -1.36
C ASN A 50 11.75 3.16 -1.71
N VAL A 51 11.95 2.49 -2.84
CA VAL A 51 11.13 1.39 -3.30
C VAL A 51 11.99 0.13 -3.25
N THR A 52 11.57 -0.84 -2.42
CA THR A 52 12.26 -2.10 -2.23
C THR A 52 11.36 -3.24 -2.73
N HIS A 53 11.93 -4.12 -3.54
CA HIS A 53 11.31 -5.32 -4.08
C HIS A 53 12.30 -6.47 -3.98
N GLU A 54 12.28 -7.20 -2.87
CA GLU A 54 13.18 -8.32 -2.66
C GLU A 54 12.80 -9.51 -3.54
N PHE A 55 11.51 -9.66 -3.87
CA PHE A 55 11.01 -10.70 -4.75
C PHE A 55 10.58 -10.07 -6.06
N ASN A 56 11.20 -10.56 -7.14
CA ASN A 56 10.93 -10.15 -8.52
C ASN A 56 9.60 -10.78 -8.93
N LEU A 57 8.92 -10.18 -9.91
CA LEU A 57 7.65 -10.69 -10.40
C LEU A 57 7.81 -12.03 -11.12
N ASN A 58 8.98 -12.29 -11.70
CA ASN A 58 9.33 -13.57 -12.32
C ASN A 58 9.90 -14.56 -11.29
N LYS A 59 9.91 -14.21 -10.00
CA LYS A 59 10.41 -15.07 -8.94
C LYS A 59 9.32 -15.93 -8.30
N TYR A 60 8.12 -15.90 -8.87
CA TYR A 60 7.03 -16.79 -8.53
C TYR A 60 7.32 -18.20 -9.07
N SER A 61 6.68 -19.20 -8.49
CA SER A 61 6.75 -20.60 -8.94
C SER A 61 5.45 -21.31 -8.59
N SER A 62 5.06 -21.24 -7.31
CA SER A 62 3.90 -21.89 -6.74
C SER A 62 3.35 -21.02 -5.61
N THR A 63 2.18 -21.41 -5.07
CA THR A 63 1.49 -20.72 -3.99
C THR A 63 2.39 -20.57 -2.77
N GLU A 64 3.13 -21.62 -2.45
CA GLU A 64 4.10 -21.67 -1.36
C GLU A 64 5.13 -20.55 -1.48
N GLU A 65 5.79 -20.44 -2.64
CA GLU A 65 6.86 -19.47 -2.91
C GLU A 65 6.38 -18.03 -2.76
N VAL A 66 5.22 -17.70 -3.33
CA VAL A 66 4.71 -16.33 -3.24
C VAL A 66 4.17 -16.05 -1.84
N LEU A 67 3.46 -17.02 -1.22
CA LEU A 67 2.88 -16.88 0.12
C LEU A 67 3.97 -16.67 1.16
N VAL A 68 5.02 -17.52 1.12
CA VAL A 68 6.14 -17.41 2.03
C VAL A 68 6.92 -16.11 1.80
N ALA A 69 7.09 -15.68 0.53
CA ALA A 69 7.80 -14.47 0.18
C ALA A 69 7.06 -13.23 0.68
N ALA A 70 5.74 -13.23 0.57
CA ALA A 70 4.88 -12.16 1.03
C ALA A 70 4.97 -11.96 2.54
N LYS A 71 5.05 -13.06 3.30
CA LYS A 71 5.20 -12.99 4.74
C LYS A 71 6.66 -12.92 5.22
N LYS A 72 7.62 -13.12 4.32
CA LYS A 72 9.04 -13.03 4.61
C LYS A 72 9.52 -11.58 4.54
N ILE A 73 9.01 -10.79 3.60
CA ILE A 73 9.39 -9.38 3.46
C ILE A 73 8.68 -8.61 4.57
N VAL A 74 9.48 -8.12 5.52
CA VAL A 74 9.07 -7.34 6.67
C VAL A 74 9.77 -5.98 6.64
N GLN A 75 9.09 -4.96 7.15
CA GLN A 75 9.65 -3.63 7.32
C GLN A 75 10.00 -3.42 8.79
N ARG A 76 11.17 -2.83 9.02
CA ARG A 76 11.67 -2.49 10.34
C ARG A 76 11.20 -1.08 10.77
N GLY A 77 10.67 -0.27 9.86
CA GLY A 77 10.13 1.04 10.17
C GLY A 77 10.59 2.06 9.14
N GLY A 78 9.67 2.45 8.25
CA GLY A 78 9.86 3.51 7.27
C GLY A 78 9.62 4.88 7.90
N ARG A 79 10.04 5.94 7.21
CA ARG A 79 9.93 7.31 7.70
C ARG A 79 8.97 8.15 6.86
N GLN A 80 8.60 7.69 5.67
CA GLN A 80 7.62 8.37 4.83
C GLN A 80 6.77 7.40 4.04
N THR A 81 5.47 7.68 3.91
CA THR A 81 4.58 6.92 3.06
C THR A 81 4.18 7.85 1.91
N MET A 82 4.58 7.51 0.69
CA MET A 82 4.21 8.24 -0.51
C MET A 82 3.48 7.26 -1.43
N THR A 83 2.15 7.31 -1.40
CA THR A 83 1.24 6.47 -2.16
C THR A 83 1.56 6.53 -3.66
N ALA A 84 1.62 7.73 -4.24
CA ALA A 84 1.91 7.95 -5.66
C ALA A 84 3.28 7.39 -6.05
N LEU A 85 4.30 7.57 -5.20
CA LEU A 85 5.66 7.08 -5.42
C LEU A 85 5.67 5.54 -5.48
N GLY A 86 4.91 4.89 -4.61
CA GLY A 86 4.78 3.44 -4.56
C GLY A 86 4.18 2.90 -5.86
N ILE A 87 3.06 3.47 -6.30
CA ILE A 87 2.35 3.04 -7.50
C ILE A 87 3.19 3.34 -8.75
N ASP A 88 3.71 4.58 -8.83
CA ASP A 88 4.44 5.05 -10.00
C ASP A 88 5.73 4.25 -10.22
N THR A 89 6.49 3.98 -9.16
CA THR A 89 7.71 3.22 -9.30
C THR A 89 7.41 1.73 -9.44
N ALA A 90 6.31 1.20 -8.89
CA ALA A 90 5.93 -0.21 -9.06
C ALA A 90 5.65 -0.52 -10.53
N ARG A 91 4.90 0.36 -11.21
CA ARG A 91 4.58 0.17 -12.62
C ARG A 91 5.79 0.44 -13.55
N LYS A 92 6.71 1.33 -13.14
CA LYS A 92 7.86 1.74 -13.96
C LYS A 92 9.13 0.94 -13.63
N GLU A 93 9.12 0.10 -12.60
CA GLU A 93 10.26 -0.70 -12.17
C GLU A 93 9.88 -2.16 -12.01
N ALA A 94 8.89 -2.48 -11.17
CA ALA A 94 8.49 -3.87 -10.92
C ALA A 94 7.71 -4.48 -12.09
N PHE A 95 6.91 -3.67 -12.79
CA PHE A 95 6.14 -4.09 -13.97
C PHE A 95 6.92 -3.90 -15.27
N THR A 96 8.20 -4.24 -15.24
CA THR A 96 9.04 -4.23 -16.43
C THR A 96 9.36 -5.68 -16.82
N GLU A 97 9.74 -5.85 -18.10
CA GLU A 97 10.14 -7.13 -18.67
C GLU A 97 11.38 -7.72 -17.98
N ALA A 98 12.24 -6.87 -17.42
CA ALA A 98 13.46 -7.26 -16.72
C ALA A 98 13.15 -7.80 -15.32
N ARG A 99 11.98 -7.45 -14.75
CA ARG A 99 11.55 -7.94 -13.43
C ARG A 99 10.63 -9.15 -13.57
N GLY A 100 10.14 -9.44 -14.77
CA GLY A 100 9.31 -10.59 -15.04
C GLY A 100 7.89 -10.31 -15.45
N ALA A 101 7.59 -9.05 -15.73
CA ALA A 101 6.24 -8.69 -16.12
C ALA A 101 5.98 -9.08 -17.57
N ARG A 102 4.77 -9.55 -17.82
CA ARG A 102 4.30 -9.93 -19.14
C ARG A 102 3.80 -8.70 -19.88
N ARG A 103 3.69 -8.84 -21.20
CA ARG A 103 3.25 -7.80 -22.11
C ARG A 103 1.90 -8.21 -22.70
N GLY A 104 0.88 -7.40 -22.46
CA GLY A 104 -0.45 -7.58 -23.00
C GLY A 104 -1.24 -8.63 -22.21
N VAL A 105 -1.33 -8.43 -20.90
CA VAL A 105 -2.05 -9.28 -19.97
C VAL A 105 -2.96 -8.39 -19.10
N LYS A 106 -3.76 -9.01 -18.22
CA LYS A 106 -4.59 -8.32 -17.26
C LYS A 106 -3.67 -7.79 -16.14
N LYS A 107 -3.45 -6.48 -16.17
CA LYS A 107 -2.62 -5.75 -15.23
C LYS A 107 -3.50 -5.28 -14.07
N VAL A 108 -3.18 -5.78 -12.88
CA VAL A 108 -3.84 -5.45 -11.63
C VAL A 108 -2.78 -4.87 -10.70
N MET A 109 -3.12 -3.83 -9.96
CA MET A 109 -2.24 -3.20 -8.99
C MET A 109 -2.98 -3.10 -7.66
N VAL A 110 -2.41 -3.66 -6.61
CA VAL A 110 -2.95 -3.58 -5.27
C VAL A 110 -2.05 -2.63 -4.48
N ILE A 111 -2.63 -1.59 -3.88
CA ILE A 111 -1.90 -0.58 -3.12
C ILE A 111 -2.52 -0.46 -1.74
N VAL A 112 -1.67 -0.32 -0.72
CA VAL A 112 -2.13 -0.11 0.64
C VAL A 112 -2.55 1.35 0.83
N THR A 113 -3.58 1.54 1.64
CA THR A 113 -4.11 2.82 2.05
C THR A 113 -3.79 3.01 3.54
N ASP A 114 -2.84 3.89 3.82
CA ASP A 114 -2.47 4.29 5.17
C ASP A 114 -2.91 5.75 5.39
N GLY A 115 -2.65 6.60 4.39
CA GLY A 115 -2.96 8.01 4.43
C GLY A 115 -1.82 8.87 4.93
N GLU A 116 -1.06 9.39 3.96
CA GLU A 116 0.14 10.19 4.17
C GLU A 116 0.60 10.89 2.89
N SER A 117 -0.25 11.03 1.88
CA SER A 117 0.09 11.65 0.61
C SER A 117 0.41 13.13 0.85
N HIS A 118 1.70 13.44 1.02
CA HIS A 118 2.20 14.78 1.27
C HIS A 118 2.35 15.57 -0.03
N ASP A 119 2.15 14.92 -1.18
CA ASP A 119 2.14 15.51 -2.51
C ASP A 119 0.97 14.95 -3.28
N ASN A 120 0.06 15.83 -3.72
CA ASN A 120 -1.10 15.49 -4.55
C ASN A 120 -0.82 15.71 -6.05
N HIS A 121 0.34 16.28 -6.38
CA HIS A 121 0.74 16.65 -7.74
C HIS A 121 1.06 15.38 -8.53
N ARG A 122 1.92 14.52 -7.96
CA ARG A 122 2.23 13.23 -8.56
C ARG A 122 1.02 12.28 -8.45
N LEU A 123 0.19 12.44 -7.42
CA LEU A 123 -1.03 11.66 -7.20
C LEU A 123 -1.95 11.73 -8.42
N LYS A 124 -2.29 12.95 -8.85
CA LYS A 124 -3.14 13.17 -10.02
C LYS A 124 -2.51 12.60 -11.31
N LYS A 125 -1.19 12.75 -11.46
CA LYS A 125 -0.44 12.25 -12.62
C LYS A 125 -0.54 10.72 -12.70
N VAL A 126 -0.29 10.02 -11.59
CA VAL A 126 -0.40 8.56 -11.53
C VAL A 126 -1.81 8.08 -11.89
N ILE A 127 -2.85 8.76 -11.38
CA ILE A 127 -4.25 8.44 -11.65
C ILE A 127 -4.56 8.56 -13.14
N GLN A 128 -4.13 9.66 -13.77
CA GLN A 128 -4.31 9.91 -15.19
C GLN A 128 -3.72 8.76 -16.01
N ASP A 129 -2.47 8.41 -15.70
CA ASP A 129 -1.72 7.39 -16.39
C ASP A 129 -2.38 6.02 -16.25
N CYS A 130 -2.71 5.62 -15.03
CA CYS A 130 -3.33 4.34 -14.75
C CYS A 130 -4.76 4.25 -15.31
N GLU A 131 -5.44 5.39 -15.47
CA GLU A 131 -6.77 5.50 -16.07
C GLU A 131 -6.68 5.24 -17.59
N ASP A 132 -5.69 5.85 -18.26
CA ASP A 132 -5.45 5.68 -19.70
C ASP A 132 -5.00 4.25 -20.02
N GLU A 133 -4.20 3.66 -19.13
CA GLU A 133 -3.73 2.29 -19.29
C GLU A 133 -4.79 1.28 -18.87
N ASN A 134 -5.88 1.70 -18.21
CA ASN A 134 -7.02 0.87 -17.79
C ASN A 134 -6.58 -0.23 -16.83
N ILE A 135 -5.74 0.13 -15.86
CA ILE A 135 -5.22 -0.82 -14.87
C ILE A 135 -6.28 -0.92 -13.76
N GLN A 136 -6.44 -2.12 -13.19
CA GLN A 136 -7.32 -2.37 -12.06
C GLN A 136 -6.53 -2.09 -10.77
N ARG A 137 -6.79 -0.93 -10.14
CA ARG A 137 -6.13 -0.55 -8.89
C ARG A 137 -7.08 -0.79 -7.72
N PHE A 138 -6.68 -1.63 -6.77
CA PHE A 138 -7.44 -1.91 -5.55
C PHE A 138 -6.73 -1.27 -4.36
N SER A 139 -7.51 -0.58 -3.53
CA SER A 139 -7.01 0.17 -2.39
C SER A 139 -7.39 -0.58 -1.10
N ILE A 140 -6.40 -1.00 -0.31
CA ILE A 140 -6.60 -1.79 0.90
C ILE A 140 -6.23 -0.92 2.09
N ALA A 141 -7.18 -0.58 2.96
CA ALA A 141 -6.93 0.31 4.08
C ALA A 141 -6.60 -0.43 5.36
N ILE A 142 -5.51 -0.01 5.98
CA ILE A 142 -5.03 -0.53 7.25
C ILE A 142 -5.12 0.60 8.26
N LEU A 143 -5.99 0.41 9.23
CA LEU A 143 -6.19 1.29 10.36
C LEU A 143 -6.70 0.47 11.54
N GLY A 144 -6.47 0.98 12.74
CA GLY A 144 -6.96 0.39 13.97
C GLY A 144 -7.85 1.38 14.69
N SER A 145 -8.57 0.89 15.69
CA SER A 145 -9.48 1.68 16.53
C SER A 145 -8.66 2.49 17.57
N TYR A 146 -7.38 2.15 17.76
CA TYR A 146 -6.47 2.79 18.70
C TYR A 146 -5.84 3.99 17.98
N ASN A 147 -6.27 5.19 18.38
CA ASN A 147 -5.78 6.47 17.88
C ASN A 147 -5.87 7.49 19.00
N ARG A 148 -4.78 8.24 19.25
CA ARG A 148 -4.72 9.24 20.29
C ARG A 148 -4.44 10.64 19.70
N GLY A 149 -3.84 10.71 18.51
CA GLY A 149 -3.53 11.95 17.82
C GLY A 149 -4.62 12.27 16.81
N ASN A 150 -5.00 13.55 16.68
CA ASN A 150 -6.00 13.99 15.71
C ASN A 150 -5.32 14.16 14.36
N LEU A 151 -4.99 13.02 13.75
CA LEU A 151 -4.47 12.93 12.40
C LEU A 151 -5.61 12.94 11.37
N SER A 152 -6.85 12.72 11.80
CA SER A 152 -8.09 12.70 11.02
C SER A 152 -8.01 11.58 9.99
N THR A 153 -8.28 10.34 10.43
CA THR A 153 -8.27 9.13 9.63
C THR A 153 -9.12 9.26 8.37
N GLU A 154 -10.28 9.91 8.46
CA GLU A 154 -11.18 10.17 7.33
C GLU A 154 -10.49 11.00 6.24
N LYS A 155 -9.66 11.97 6.63
CA LYS A 155 -8.92 12.83 5.71
C LYS A 155 -7.74 12.11 5.06
N PHE A 156 -7.25 11.07 5.72
CA PHE A 156 -6.19 10.23 5.24
C PHE A 156 -6.68 9.03 4.43
N VAL A 157 -7.95 8.67 4.56
CA VAL A 157 -8.56 7.66 3.71
C VAL A 157 -8.96 8.32 2.38
N GLU A 158 -9.54 9.54 2.41
CA GLU A 158 -10.07 10.21 1.21
C GLU A 158 -9.03 10.39 0.10
N GLU A 159 -7.79 10.73 0.45
CA GLU A 159 -6.70 10.99 -0.49
C GLU A 159 -6.41 9.78 -1.39
N ILE A 160 -6.37 8.57 -0.81
CA ILE A 160 -6.05 7.36 -1.54
C ILE A 160 -7.33 6.69 -2.06
N LYS A 161 -8.51 6.88 -1.43
CA LYS A 161 -9.75 6.32 -1.98
C LYS A 161 -10.15 7.05 -3.29
N SER A 162 -9.64 8.27 -3.49
CA SER A 162 -9.90 9.08 -4.69
C SER A 162 -9.25 8.48 -5.94
N ILE A 163 -8.33 7.51 -5.78
CA ILE A 163 -7.72 6.74 -6.86
C ILE A 163 -8.79 5.95 -7.65
N ALA A 164 -9.83 5.46 -6.97
CA ALA A 164 -10.92 4.74 -7.59
C ALA A 164 -12.02 5.72 -7.94
N SER A 165 -12.31 5.86 -9.23
CA SER A 165 -13.37 6.70 -9.78
C SER A 165 -14.74 5.99 -9.73
N GLU A 166 -14.73 4.66 -9.64
CA GLU A 166 -15.90 3.81 -9.51
C GLU A 166 -16.26 3.63 -8.02
N PRO A 167 -17.45 3.05 -7.70
CA PRO A 167 -17.89 2.76 -6.32
C PRO A 167 -16.79 2.15 -5.44
N THR A 168 -16.52 2.77 -4.30
CA THR A 168 -15.50 2.34 -3.36
C THR A 168 -15.79 0.96 -2.77
N GLU A 169 -17.06 0.58 -2.63
CA GLU A 169 -17.45 -0.71 -2.08
C GLU A 169 -17.06 -1.91 -2.96
N LYS A 170 -16.63 -1.69 -4.20
CA LYS A 170 -16.14 -2.73 -5.10
C LYS A 170 -14.68 -2.54 -5.49
N HIS A 171 -13.97 -1.57 -4.89
CA HIS A 171 -12.59 -1.22 -5.25
C HIS A 171 -11.73 -0.81 -4.05
N PHE A 172 -12.32 -0.79 -2.86
CA PHE A 172 -11.73 -0.32 -1.63
C PHE A 172 -12.26 -1.17 -0.48
N PHE A 173 -11.35 -1.70 0.33
CA PHE A 173 -11.66 -2.52 1.48
C PHE A 173 -10.56 -2.40 2.51
N ASN A 174 -10.72 -3.06 3.66
CA ASN A 174 -9.75 -3.04 4.73
C ASN A 174 -8.90 -4.31 4.71
N VAL A 175 -7.65 -4.20 5.19
CA VAL A 175 -6.68 -5.29 5.27
C VAL A 175 -7.16 -6.40 6.24
N SER A 176 -7.98 -6.04 7.23
CA SER A 176 -8.49 -6.96 8.23
C SER A 176 -9.74 -7.71 7.70
N ASP A 177 -10.16 -7.48 6.45
CA ASP A 177 -11.32 -8.13 5.84
C ASP A 177 -10.85 -9.13 4.79
N GLU A 178 -11.05 -10.42 5.08
CA GLU A 178 -10.74 -11.52 4.18
C GLU A 178 -11.95 -11.88 3.29
N LEU A 179 -13.14 -11.36 3.58
CA LEU A 179 -14.32 -11.61 2.76
C LEU A 179 -14.27 -10.73 1.51
N ALA A 180 -13.78 -9.49 1.64
CA ALA A 180 -13.59 -8.56 0.54
C ALA A 180 -12.56 -9.08 -0.46
N LEU A 181 -11.68 -10.01 -0.05
CA LEU A 181 -10.78 -10.72 -0.93
C LEU A 181 -11.54 -11.53 -1.97
N VAL A 182 -12.62 -12.21 -1.56
CA VAL A 182 -13.52 -12.94 -2.45
C VAL A 182 -14.24 -11.95 -3.38
N THR A 183 -14.69 -10.80 -2.85
CA THR A 183 -15.34 -9.75 -3.61
C THR A 183 -14.42 -9.20 -4.71
N ILE A 184 -13.12 -9.11 -4.43
CA ILE A 184 -12.09 -8.74 -5.39
C ILE A 184 -11.98 -9.79 -6.50
N VAL A 185 -11.98 -11.09 -6.15
CA VAL A 185 -11.92 -12.17 -7.14
C VAL A 185 -13.13 -12.11 -8.09
N LYS A 186 -14.30 -11.77 -7.54
CA LYS A 186 -15.54 -11.62 -8.31
C LYS A 186 -15.41 -10.47 -9.31
N THR A 187 -14.76 -9.38 -8.89
CA THR A 187 -14.51 -8.21 -9.73
C THR A 187 -13.39 -8.51 -10.75
N LEU A 188 -12.37 -9.30 -10.39
CA LEU A 188 -11.29 -9.71 -11.27
C LEU A 188 -11.74 -10.78 -12.28
N GLY A 189 -12.88 -11.41 -12.04
CA GLY A 189 -13.52 -12.37 -12.93
C GLY A 189 -14.23 -11.69 -14.12
N GLU A 190 -14.25 -10.36 -14.17
CA GLU A 190 -14.77 -9.58 -15.27
C GLU A 190 -13.70 -9.40 -16.35
N ARG A 191 -14.13 -8.89 -17.51
CA ARG A 191 -13.26 -8.67 -18.66
C ARG A 191 -12.46 -7.35 -18.52
N ILE A 192 -12.95 -6.40 -17.71
CA ILE A 192 -12.33 -5.12 -17.43
C ILE A 192 -12.91 -4.58 -16.11
N GLY B 2 11.74 -13.73 33.27
CA GLY B 2 11.26 -13.94 31.91
C GLY B 2 11.90 -12.99 30.90
N PRO B 3 11.90 -13.33 29.59
CA PRO B 3 12.52 -12.51 28.55
C PRO B 3 11.69 -11.22 28.32
N GLY B 5 9.58 -8.25 26.57
CA GLY B 5 8.65 -8.27 25.45
C GLY B 5 9.18 -7.57 24.19
N PRO B 6 8.47 -7.72 23.06
CA PRO B 6 8.86 -7.10 21.79
C PRO B 6 8.57 -5.60 21.79
N GLY B 8 7.01 -2.00 21.22
CA GLY B 8 5.63 -1.57 21.18
C GLY B 8 5.24 -0.89 19.88
N LEU B 9 3.95 -0.57 19.77
CA LEU B 9 3.40 0.07 18.59
C LEU B 9 4.01 1.47 18.39
N GLY B 11 4.32 5.52 17.25
CA GLY B 11 3.41 6.65 17.36
C GLY B 11 2.64 6.91 16.08
N GLU B 12 1.44 7.46 16.23
CA GLU B 12 0.55 7.80 15.13
C GLU B 12 1.08 9.04 14.39
N ASN B 13 0.48 9.36 13.24
CA ASN B 13 0.87 10.47 12.38
C ASN B 13 0.86 11.81 13.13
N GLY B 14 1.69 12.74 12.69
CA GLY B 14 1.83 14.04 13.32
C GLY B 14 0.62 14.94 13.10
N PRO B 15 0.42 15.93 13.98
CA PRO B 15 -0.69 16.87 13.88
C PRO B 15 -0.50 17.84 12.70
N GLY B 17 -0.14 21.21 10.45
CA GLY B 17 0.56 22.46 10.70
C GLY B 17 -0.36 23.68 10.87
N PRO B 18 0.17 24.82 11.37
CA PRO B 18 -0.63 26.02 11.63
C PRO B 18 -0.88 26.78 10.30
N GLY B 20 -0.97 29.68 7.37
CA GLY B 20 0.05 30.60 6.91
C GLY B 20 -0.20 32.06 7.30
N PRO B 21 0.78 32.96 7.07
CA PRO B 21 0.67 34.37 7.43
C PRO B 21 -0.20 35.16 6.44
N GLY C 2 6.91 -12.28 30.78
CA GLY C 2 8.03 -11.58 31.37
C GLY C 2 7.77 -10.07 31.43
N PRO C 3 8.84 -9.25 31.49
CA PRO C 3 8.75 -7.80 31.63
C PRO C 3 8.25 -7.17 30.30
N GLY C 5 8.00 -4.86 26.94
CA GLY C 5 9.00 -4.45 25.96
C GLY C 5 9.23 -2.94 25.93
N PRO C 6 10.12 -2.47 25.04
CA PRO C 6 10.46 -1.05 24.90
C PRO C 6 9.37 -0.29 24.12
N GLY C 8 7.40 2.27 21.44
CA GLY C 8 7.54 2.50 20.01
C GLY C 8 8.21 3.83 19.70
N LEU C 9 8.59 4.04 18.43
CA LEU C 9 9.24 5.27 17.99
C LEU C 9 8.20 6.33 17.59
N GLY C 11 5.90 9.05 15.71
CA GLY C 11 5.25 9.04 14.41
C GLY C 11 5.92 9.92 13.36
N GLU C 12 5.45 9.81 12.13
CA GLU C 12 5.99 10.58 11.01
C GLU C 12 5.45 12.01 11.03
N ASN C 13 6.04 12.84 10.18
CA ASN C 13 5.69 14.24 10.00
C ASN C 13 4.28 14.38 9.46
N GLY C 14 3.47 15.17 10.17
CA GLY C 14 2.10 15.47 9.84
C GLY C 14 1.93 16.27 8.54
N PRO C 15 0.69 16.59 8.17
CA PRO C 15 0.39 17.30 6.94
C PRO C 15 0.61 18.82 7.12
N GLY C 17 0.04 22.98 7.04
CA GLY C 17 -1.06 23.82 7.46
C GLY C 17 -1.81 24.49 6.30
N PRO C 18 -3.05 24.98 6.53
CA PRO C 18 -3.88 25.61 5.49
C PRO C 18 -3.29 26.97 5.07
N GLY C 20 -2.73 30.97 4.41
CA GLY C 20 -3.03 32.14 5.22
C GLY C 20 -4.19 32.97 4.68
N PRO C 21 -4.76 33.87 5.50
CA PRO C 21 -5.90 34.70 5.08
C PRO C 21 -5.43 35.81 4.11
N GLY D 2 7.93 -11.56 26.92
CA GLY D 2 6.95 -10.81 27.67
C GLY D 2 5.94 -10.07 26.77
N PRO D 3 5.13 -9.17 27.36
CA PRO D 3 4.10 -8.43 26.63
C PRO D 3 4.71 -7.31 25.79
N GLY D 5 5.73 -3.76 24.13
CA GLY D 5 5.98 -2.48 24.76
C GLY D 5 4.85 -1.46 24.56
N PRO D 6 4.83 -0.36 25.33
CA PRO D 6 3.77 0.65 25.23
C PRO D 6 3.90 1.42 23.89
N GLY D 8 4.52 4.35 21.17
CA GLY D 8 5.44 5.48 21.13
C GLY D 8 4.71 6.83 21.21
N LEU D 9 5.43 7.91 20.97
CA LEU D 9 4.85 9.25 21.05
C LEU D 9 4.31 9.69 19.69
N GLY D 11 3.43 11.79 16.14
CA GLY D 11 4.31 12.35 15.13
C GLY D 11 4.56 13.85 15.31
N GLU D 12 5.50 14.37 14.52
CA GLU D 12 5.91 15.76 14.58
C GLU D 12 4.93 16.61 13.77
N ASN D 13 4.74 17.86 14.21
CA ASN D 13 3.83 18.82 13.60
C ASN D 13 4.26 19.11 12.17
N GLY D 14 3.29 19.08 11.25
CA GLY D 14 3.54 19.38 9.85
C GLY D 14 3.92 20.85 9.62
N PRO D 15 4.57 21.17 8.49
CA PRO D 15 5.04 22.52 8.18
C PRO D 15 3.89 23.55 8.18
N GLY D 17 1.41 26.61 6.84
CA GLY D 17 0.76 26.88 5.57
C GLY D 17 1.42 28.03 4.79
N PRO D 18 1.15 28.12 3.48
CA PRO D 18 1.72 29.17 2.64
C PRO D 18 1.06 30.53 2.92
N GLY D 20 -0.98 33.98 2.65
CA GLY D 20 -2.23 34.30 1.99
C GLY D 20 -2.02 35.37 0.92
N PRO D 21 -2.53 35.20 -0.31
CA PRO D 21 -2.38 36.16 -1.42
C PRO D 21 -3.00 37.53 -1.13
N SER A 1 -6.63 -14.36 -24.11
CA SER A 1 -5.44 -14.43 -23.26
C SER A 1 -5.82 -14.07 -21.81
N THR A 2 -5.99 -15.07 -20.95
CA THR A 2 -6.39 -14.88 -19.57
C THR A 2 -5.14 -14.57 -18.73
N GLN A 3 -4.64 -13.34 -18.84
CA GLN A 3 -3.49 -12.87 -18.09
C GLN A 3 -3.55 -11.36 -17.95
N LEU A 4 -2.87 -10.85 -16.92
CA LEU A 4 -2.84 -9.44 -16.59
C LEU A 4 -1.68 -9.12 -15.66
N ASP A 5 -1.00 -8.01 -15.92
CA ASP A 5 0.14 -7.58 -15.14
C ASP A 5 -0.36 -6.75 -13.96
N ILE A 6 -0.22 -7.28 -12.74
CA ILE A 6 -0.69 -6.64 -11.51
C ILE A 6 0.52 -6.38 -10.62
N VAL A 7 0.65 -5.16 -10.11
CA VAL A 7 1.67 -4.81 -9.14
C VAL A 7 1.00 -4.37 -7.84
N ILE A 8 1.50 -4.90 -6.72
CA ILE A 8 1.02 -4.57 -5.39
C ILE A 8 2.14 -3.83 -4.67
N VAL A 9 1.85 -2.60 -4.24
CA VAL A 9 2.78 -1.74 -3.56
C VAL A 9 2.32 -1.53 -2.11
N LEU A 10 3.11 -2.02 -1.16
CA LEU A 10 2.81 -1.96 0.27
C LEU A 10 3.77 -1.03 0.99
N ASP A 11 3.33 -0.43 2.09
CA ASP A 11 4.16 0.41 2.95
C ASP A 11 4.33 -0.32 4.28
N GLY A 12 5.50 -0.12 4.90
CA GLY A 12 5.85 -0.65 6.19
C GLY A 12 6.44 0.41 7.10
N SER A 13 5.94 1.63 7.03
CA SER A 13 6.45 2.74 7.81
C SER A 13 5.93 2.72 9.24
N ASN A 14 6.46 3.63 10.07
CA ASN A 14 6.05 3.78 11.47
C ASN A 14 4.77 4.61 11.58
N SER A 15 3.74 4.22 10.83
CA SER A 15 2.43 4.85 10.83
C SER A 15 1.28 3.87 10.69
N ILE A 16 1.59 2.57 10.62
CA ILE A 16 0.62 1.52 10.39
C ILE A 16 0.72 0.47 11.49
N TYR A 17 0.37 -0.76 11.15
CA TYR A 17 0.48 -1.95 11.97
C TYR A 17 1.62 -2.84 11.50
N PRO A 18 1.98 -3.88 12.29
CA PRO A 18 3.05 -4.81 11.92
C PRO A 18 2.73 -5.53 10.60
N TRP A 19 3.71 -6.26 10.09
CA TRP A 19 3.58 -6.98 8.83
C TRP A 19 2.64 -8.19 8.91
N ASP A 20 2.19 -8.55 10.12
CA ASP A 20 1.22 -9.60 10.38
C ASP A 20 -0.13 -9.31 9.70
N SER A 21 -0.56 -8.05 9.76
CA SER A 21 -1.84 -7.61 9.23
C SER A 21 -1.70 -7.44 7.71
N VAL A 22 -0.51 -7.03 7.25
CA VAL A 22 -0.19 -6.87 5.83
C VAL A 22 -0.20 -8.24 5.14
N THR A 23 0.52 -9.22 5.72
CA THR A 23 0.57 -10.57 5.21
C THR A 23 -0.79 -11.25 5.22
N ALA A 24 -1.62 -10.94 6.22
CA ALA A 24 -2.98 -11.46 6.33
C ALA A 24 -3.83 -11.03 5.14
N PHE A 25 -3.77 -9.75 4.78
CA PHE A 25 -4.51 -9.22 3.64
C PHE A 25 -3.98 -9.77 2.31
N LEU A 26 -2.64 -9.85 2.17
CA LEU A 26 -1.99 -10.42 1.00
C LEU A 26 -2.34 -11.91 0.84
N ASN A 27 -2.41 -12.63 1.95
CA ASN A 27 -2.84 -14.02 2.01
C ASN A 27 -4.21 -14.20 1.37
N ASP A 28 -5.18 -13.41 1.81
CA ASP A 28 -6.55 -13.48 1.31
C ASP A 28 -6.64 -13.01 -0.15
N LEU A 29 -5.77 -12.09 -0.56
CA LEU A 29 -5.70 -11.59 -1.92
C LEU A 29 -5.25 -12.68 -2.88
N LEU A 30 -4.09 -13.27 -2.63
CA LEU A 30 -3.55 -14.32 -3.49
C LEU A 30 -4.41 -15.57 -3.49
N GLU A 31 -5.09 -15.86 -2.37
CA GLU A 31 -6.01 -16.98 -2.27
C GLU A 31 -7.20 -16.83 -3.22
N ARG A 32 -7.65 -15.59 -3.46
CA ARG A 32 -8.75 -15.32 -4.38
C ARG A 32 -8.26 -15.18 -5.81
N MET A 33 -6.99 -14.83 -6.03
CA MET A 33 -6.42 -14.70 -7.36
C MET A 33 -6.09 -16.08 -7.93
N ASP A 34 -6.44 -16.28 -9.21
CA ASP A 34 -6.21 -17.54 -9.90
C ASP A 34 -4.85 -17.47 -10.59
N ILE A 35 -3.85 -18.14 -10.00
CA ILE A 35 -2.50 -18.16 -10.50
C ILE A 35 -2.11 -19.63 -10.65
N GLY A 36 -2.34 -20.20 -11.82
CA GLY A 36 -2.03 -21.59 -12.10
C GLY A 36 -0.78 -21.72 -12.96
N PRO A 37 -0.93 -21.77 -14.30
CA PRO A 37 0.18 -22.05 -15.21
C PRO A 37 0.97 -20.77 -15.53
N LYS A 38 0.29 -19.67 -15.90
CA LYS A 38 0.90 -18.41 -16.30
C LYS A 38 -0.10 -17.26 -16.32
N GLN A 39 -1.14 -17.32 -15.49
CA GLN A 39 -2.16 -16.29 -15.45
C GLN A 39 -2.09 -15.53 -14.14
N THR A 40 -2.51 -14.27 -14.18
CA THR A 40 -2.54 -13.34 -13.06
C THR A 40 -1.13 -13.13 -12.52
N GLN A 41 -0.37 -12.26 -13.18
CA GLN A 41 1.01 -11.97 -12.82
C GLN A 41 0.95 -10.91 -11.73
N VAL A 42 1.47 -11.22 -10.54
CA VAL A 42 1.44 -10.32 -9.42
C VAL A 42 2.85 -10.05 -8.93
N GLY A 43 3.28 -8.80 -8.86
CA GLY A 43 4.56 -8.43 -8.29
C GLY A 43 4.36 -7.66 -6.99
N ILE A 44 5.27 -7.89 -6.05
CA ILE A 44 5.23 -7.26 -4.74
C ILE A 44 6.37 -6.26 -4.65
N VAL A 45 6.03 -5.02 -4.28
CA VAL A 45 6.95 -3.93 -4.08
C VAL A 45 6.64 -3.29 -2.73
N GLN A 46 7.67 -3.00 -1.96
CA GLN A 46 7.54 -2.30 -0.69
C GLN A 46 8.18 -0.91 -0.81
N TYR A 47 7.61 0.08 -0.13
CA TYR A 47 8.09 1.45 -0.15
C TYR A 47 7.98 2.14 1.21
N GLY A 48 8.57 3.32 1.30
CA GLY A 48 8.52 4.14 2.49
C GLY A 48 9.56 5.24 2.36
N GLU A 49 10.68 5.06 3.07
CA GLU A 49 11.82 5.99 3.01
C GLU A 49 12.59 5.81 1.69
N ASN A 50 12.37 4.69 1.03
CA ASN A 50 12.96 4.29 -0.23
C ASN A 50 12.03 3.26 -0.86
N VAL A 51 12.36 2.79 -2.04
CA VAL A 51 11.61 1.75 -2.73
C VAL A 51 12.47 0.49 -2.78
N THR A 52 11.92 -0.63 -2.34
CA THR A 52 12.60 -1.92 -2.34
C THR A 52 11.85 -2.89 -3.25
N HIS A 53 12.61 -3.63 -4.06
CA HIS A 53 12.12 -4.63 -4.99
C HIS A 53 12.88 -5.93 -4.80
N GLU A 54 12.27 -6.88 -4.09
CA GLU A 54 12.87 -8.17 -3.81
C GLU A 54 12.71 -9.13 -5.00
N PHE A 55 11.47 -9.30 -5.49
CA PHE A 55 11.16 -10.20 -6.59
C PHE A 55 10.59 -9.43 -7.77
N ASN A 56 10.62 -10.07 -8.94
CA ASN A 56 10.09 -9.55 -10.20
C ASN A 56 8.58 -9.75 -10.30
N LEU A 57 7.98 -9.22 -11.37
CA LEU A 57 6.55 -9.27 -11.58
C LEU A 57 6.13 -10.66 -12.06
N ASN A 58 6.68 -11.12 -13.20
CA ASN A 58 6.36 -12.44 -13.77
C ASN A 58 7.52 -13.38 -13.49
N LYS A 59 7.85 -13.54 -12.21
CA LYS A 59 8.88 -14.47 -11.78
C LYS A 59 8.27 -15.81 -11.38
N TYR A 60 7.03 -15.77 -10.91
CA TYR A 60 6.31 -16.93 -10.44
C TYR A 60 5.26 -17.30 -11.48
N SER A 61 4.70 -18.50 -11.31
CA SER A 61 3.71 -19.04 -12.22
C SER A 61 2.47 -19.46 -11.44
N SER A 62 2.63 -19.94 -10.21
CA SER A 62 1.55 -20.43 -9.37
C SER A 62 1.41 -19.61 -8.11
N THR A 63 0.21 -19.63 -7.52
CA THR A 63 -0.18 -18.87 -6.33
C THR A 63 0.77 -19.11 -5.16
N GLU A 64 1.24 -20.36 -4.99
CA GLU A 64 2.18 -20.74 -3.96
C GLU A 64 3.40 -19.82 -3.95
N GLU A 65 4.08 -19.74 -5.09
CA GLU A 65 5.27 -18.93 -5.25
C GLU A 65 4.99 -17.45 -4.98
N VAL A 66 3.89 -16.93 -5.53
CA VAL A 66 3.49 -15.54 -5.35
C VAL A 66 3.18 -15.24 -3.88
N LEU A 67 2.37 -16.09 -3.24
CA LEU A 67 1.97 -15.91 -1.85
C LEU A 67 3.16 -16.06 -0.92
N VAL A 68 3.99 -17.09 -1.12
CA VAL A 68 5.21 -17.30 -0.36
C VAL A 68 6.15 -16.10 -0.47
N ALA A 69 6.32 -15.56 -1.68
CA ALA A 69 7.17 -14.40 -1.90
C ALA A 69 6.55 -13.16 -1.24
N ALA A 70 5.23 -12.99 -1.35
CA ALA A 70 4.52 -11.86 -0.77
C ALA A 70 4.65 -11.81 0.76
N LYS A 71 4.58 -12.97 1.42
CA LYS A 71 4.76 -13.04 2.86
C LYS A 71 6.23 -13.10 3.28
N LYS A 72 7.14 -13.41 2.35
CA LYS A 72 8.56 -13.44 2.59
C LYS A 72 9.13 -12.01 2.57
N ILE A 73 8.60 -11.15 1.69
CA ILE A 73 9.06 -9.78 1.58
C ILE A 73 8.43 -9.00 2.74
N VAL A 74 9.20 -8.87 3.82
CA VAL A 74 8.81 -8.13 5.01
C VAL A 74 9.61 -6.85 5.07
N GLN A 75 8.91 -5.75 5.33
CA GLN A 75 9.56 -4.46 5.48
C GLN A 75 9.88 -4.28 6.96
N ARG A 76 11.16 -4.07 7.26
CA ARG A 76 11.64 -3.87 8.62
C ARG A 76 11.26 -2.49 9.18
N GLY A 77 10.88 -1.55 8.32
CA GLY A 77 10.43 -0.25 8.75
C GLY A 77 10.48 0.75 7.61
N GLY A 78 10.00 1.96 7.90
CA GLY A 78 9.98 3.05 6.93
C GLY A 78 9.86 4.36 7.68
N ARG A 79 10.69 5.34 7.30
CA ARG A 79 10.70 6.64 7.93
C ARG A 79 9.46 7.44 7.62
N GLN A 80 9.19 7.71 6.33
CA GLN A 80 8.02 8.44 5.89
C GLN A 80 7.27 7.61 4.85
N THR A 81 6.06 8.04 4.50
CA THR A 81 5.27 7.41 3.47
C THR A 81 4.92 8.46 2.42
N MET A 82 5.34 8.22 1.19
CA MET A 82 4.96 9.03 0.05
C MET A 82 4.28 8.09 -0.94
N THR A 83 2.94 8.09 -0.93
CA THR A 83 2.11 7.33 -1.85
C THR A 83 2.54 7.48 -3.30
N ALA A 84 2.82 8.72 -3.72
CA ALA A 84 3.26 9.07 -5.06
C ALA A 84 4.49 8.30 -5.52
N LEU A 85 5.46 8.09 -4.60
CA LEU A 85 6.66 7.32 -4.88
C LEU A 85 6.34 5.87 -5.25
N GLY A 86 5.33 5.28 -4.59
CA GLY A 86 4.89 3.92 -4.87
C GLY A 86 4.28 3.81 -6.26
N ILE A 87 3.40 4.75 -6.63
CA ILE A 87 2.72 4.76 -7.92
C ILE A 87 3.73 5.02 -9.03
N ASP A 88 4.55 6.07 -8.89
CA ASP A 88 5.54 6.48 -9.87
C ASP A 88 6.58 5.41 -10.16
N THR A 89 7.02 4.70 -9.11
CA THR A 89 8.04 3.67 -9.26
C THR A 89 7.41 2.37 -9.78
N ALA A 90 6.20 2.00 -9.35
CA ALA A 90 5.57 0.76 -9.79
C ALA A 90 5.28 0.76 -11.30
N ARG A 91 4.74 1.84 -11.84
CA ARG A 91 4.45 1.90 -13.27
C ARG A 91 5.70 1.90 -14.16
N LYS A 92 6.86 2.28 -13.62
CA LYS A 92 8.10 2.33 -14.38
C LYS A 92 9.03 1.16 -14.06
N GLU A 93 9.34 0.93 -12.78
CA GLU A 93 10.30 -0.09 -12.37
C GLU A 93 9.62 -1.43 -12.08
N ALA A 94 8.30 -1.56 -12.19
CA ALA A 94 7.64 -2.84 -12.04
C ALA A 94 6.93 -3.25 -13.33
N PHE A 95 6.36 -2.30 -14.06
CA PHE A 95 5.68 -2.55 -15.33
C PHE A 95 6.61 -2.40 -16.53
N THR A 96 7.81 -2.93 -16.39
CA THR A 96 8.80 -3.00 -17.46
C THR A 96 9.12 -4.46 -17.72
N GLU A 97 9.28 -4.81 -19.00
CA GLU A 97 9.66 -6.14 -19.45
C GLU A 97 10.96 -6.63 -18.82
N ALA A 98 11.85 -5.69 -18.48
CA ALA A 98 13.11 -5.97 -17.79
C ALA A 98 12.90 -6.51 -16.37
N ARG A 99 11.77 -6.18 -15.74
CA ARG A 99 11.38 -6.67 -14.42
C ARG A 99 10.31 -7.74 -14.50
N GLY A 100 10.10 -8.32 -15.68
CA GLY A 100 9.17 -9.41 -15.87
C GLY A 100 7.75 -8.94 -16.14
N ALA A 101 7.56 -7.86 -16.89
CA ALA A 101 6.23 -7.43 -17.27
C ALA A 101 5.98 -7.81 -18.73
N ARG A 102 4.71 -7.92 -19.12
CA ARG A 102 4.35 -8.26 -20.48
C ARG A 102 4.29 -7.00 -21.34
N ARG A 103 3.64 -7.10 -22.50
CA ARG A 103 3.53 -6.02 -23.47
C ARG A 103 2.34 -5.10 -23.14
N GLY A 104 1.99 -4.98 -21.86
CA GLY A 104 0.92 -4.13 -21.39
C GLY A 104 -0.42 -4.84 -21.45
N VAL A 105 -0.46 -6.16 -21.23
CA VAL A 105 -1.71 -6.91 -21.22
C VAL A 105 -2.41 -6.63 -19.89
N LYS A 106 -3.21 -5.56 -19.83
CA LYS A 106 -4.02 -5.18 -18.68
C LYS A 106 -3.15 -4.89 -17.46
N LYS A 107 -2.72 -3.64 -17.34
CA LYS A 107 -1.87 -3.22 -16.25
C LYS A 107 -2.75 -2.80 -15.07
N VAL A 108 -2.51 -3.42 -13.92
CA VAL A 108 -3.24 -3.19 -12.69
C VAL A 108 -2.29 -2.79 -11.57
N MET A 109 -2.59 -1.71 -10.86
CA MET A 109 -1.78 -1.23 -9.77
C MET A 109 -2.59 -1.18 -8.50
N VAL A 110 -2.18 -1.91 -7.47
CA VAL A 110 -2.83 -1.91 -6.17
C VAL A 110 -1.85 -1.35 -5.15
N ILE A 111 -2.18 -0.22 -4.52
CA ILE A 111 -1.34 0.44 -3.53
C ILE A 111 -2.12 0.64 -2.25
N VAL A 112 -1.46 0.49 -1.11
CA VAL A 112 -2.04 0.76 0.19
C VAL A 112 -1.60 2.14 0.71
N THR A 113 -2.47 2.75 1.51
CA THR A 113 -2.29 4.05 2.13
C THR A 113 -2.88 4.03 3.54
N ASP A 114 -2.33 4.86 4.42
CA ASP A 114 -2.78 5.04 5.79
C ASP A 114 -3.15 6.48 6.08
N GLY A 115 -3.24 7.32 5.05
CA GLY A 115 -3.57 8.73 5.20
C GLY A 115 -2.36 9.57 5.55
N GLU A 116 -1.40 9.60 4.64
CA GLU A 116 -0.12 10.28 4.76
C GLU A 116 -0.08 11.52 3.88
N SER A 117 -1.04 12.42 4.06
CA SER A 117 -1.14 13.68 3.33
C SER A 117 0.17 14.48 3.39
N HIS A 118 0.85 14.62 2.24
CA HIS A 118 2.14 15.28 2.13
C HIS A 118 2.21 16.06 0.83
N ASP A 119 2.80 15.43 -0.20
CA ASP A 119 3.01 16.06 -1.49
C ASP A 119 1.97 15.49 -2.46
N ASN A 120 0.88 16.23 -2.60
CA ASN A 120 -0.19 15.90 -3.53
C ASN A 120 0.20 16.21 -5.00
N HIS A 121 1.26 17.02 -5.17
CA HIS A 121 1.75 17.46 -6.47
C HIS A 121 2.24 16.27 -7.28
N ARG A 122 3.08 15.42 -6.67
CA ARG A 122 3.56 14.21 -7.31
C ARG A 122 2.43 13.21 -7.48
N LEU A 123 1.52 13.11 -6.51
CA LEU A 123 0.35 12.23 -6.59
C LEU A 123 -0.48 12.54 -7.82
N LYS A 124 -0.85 13.81 -8.00
CA LYS A 124 -1.60 14.26 -9.15
C LYS A 124 -0.86 14.06 -10.46
N LYS A 125 0.47 14.18 -10.46
CA LYS A 125 1.31 13.96 -11.61
C LYS A 125 1.19 12.50 -12.08
N VAL A 126 1.35 11.53 -11.18
CA VAL A 126 1.24 10.13 -11.57
C VAL A 126 -0.21 9.80 -11.94
N ILE A 127 -1.18 10.45 -11.29
CA ILE A 127 -2.58 10.28 -11.60
C ILE A 127 -2.92 10.68 -13.02
N GLN A 128 -2.56 11.90 -13.44
CA GLN A 128 -2.84 12.36 -14.79
C GLN A 128 -2.12 11.48 -15.83
N ASP A 129 -0.94 11.00 -15.49
CA ASP A 129 -0.15 10.13 -16.34
C ASP A 129 -0.83 8.77 -16.46
N CYS A 130 -1.30 8.18 -15.36
CA CYS A 130 -2.01 6.91 -15.37
C CYS A 130 -3.42 7.04 -15.94
N GLU A 131 -3.98 8.24 -15.94
CA GLU A 131 -5.31 8.55 -16.46
C GLU A 131 -5.26 8.40 -17.98
N ASP A 132 -4.24 9.00 -18.61
CA ASP A 132 -4.03 8.92 -20.05
C ASP A 132 -3.49 7.54 -20.44
N GLU A 133 -2.81 6.87 -19.52
CA GLU A 133 -2.28 5.52 -19.74
C GLU A 133 -3.35 4.46 -19.47
N ASN A 134 -4.56 4.85 -19.01
CA ASN A 134 -5.72 4.00 -18.73
C ASN A 134 -5.36 2.73 -17.97
N ILE A 135 -4.57 2.90 -16.90
CA ILE A 135 -4.13 1.79 -16.07
C ILE A 135 -5.20 1.58 -15.00
N GLN A 136 -5.50 0.32 -14.68
CA GLN A 136 -6.45 -0.02 -13.64
C GLN A 136 -5.76 0.16 -12.28
N ARG A 137 -6.02 1.28 -11.61
CA ARG A 137 -5.42 1.57 -10.31
C ARG A 137 -6.44 1.34 -9.20
N PHE A 138 -5.97 0.78 -8.09
CA PHE A 138 -6.76 0.49 -6.92
C PHE A 138 -6.01 0.98 -5.70
N SER A 139 -6.72 1.58 -4.76
CA SER A 139 -6.15 2.11 -3.53
C SER A 139 -6.88 1.51 -2.34
N ILE A 140 -6.15 0.89 -1.42
CA ILE A 140 -6.71 0.29 -0.23
C ILE A 140 -6.26 1.07 1.00
N ALA A 141 -7.19 1.29 1.93
CA ALA A 141 -6.91 2.00 3.16
C ALA A 141 -6.75 1.01 4.31
N ILE A 142 -5.66 1.15 5.06
CA ILE A 142 -5.37 0.35 6.22
C ILE A 142 -5.72 1.15 7.48
N LEU A 143 -6.27 0.47 8.47
CA LEU A 143 -6.60 1.02 9.77
C LEU A 143 -5.73 0.38 10.85
N GLY A 144 -5.81 0.91 12.06
CA GLY A 144 -5.08 0.41 13.21
C GLY A 144 -4.26 1.49 13.91
N SER A 145 -4.16 2.68 13.31
CA SER A 145 -3.45 3.84 13.83
C SER A 145 -4.25 4.51 14.96
N TYR A 146 -4.60 3.74 15.99
CA TYR A 146 -5.30 4.18 17.20
C TYR A 146 -6.69 4.69 16.82
N ASN A 147 -6.84 6.02 16.69
CA ASN A 147 -8.05 6.72 16.28
C ASN A 147 -9.21 6.42 17.24
N ARG A 148 -9.29 7.20 18.30
CA ARG A 148 -10.30 7.05 19.34
C ARG A 148 -10.93 8.38 19.70
N GLY A 149 -10.88 9.34 18.79
CA GLY A 149 -11.43 10.66 18.98
C GLY A 149 -12.00 11.20 17.69
N ASN A 150 -12.28 12.50 17.66
CA ASN A 150 -12.85 13.18 16.49
C ASN A 150 -11.72 13.46 15.47
N LEU A 151 -11.23 12.39 14.87
CA LEU A 151 -10.20 12.47 13.85
C LEU A 151 -10.78 12.03 12.52
N SER A 152 -11.42 10.85 12.49
CA SER A 152 -12.03 10.24 11.33
C SER A 152 -10.93 9.77 10.36
N THR A 153 -10.81 8.45 10.20
CA THR A 153 -9.88 7.84 9.27
C THR A 153 -10.22 8.22 7.82
N GLU A 154 -11.50 8.50 7.56
CA GLU A 154 -12.01 8.93 6.27
C GLU A 154 -11.44 10.30 5.87
N LYS A 155 -11.14 11.16 6.84
CA LYS A 155 -10.55 12.47 6.56
C LYS A 155 -9.06 12.41 6.31
N PHE A 156 -8.41 11.31 6.70
CA PHE A 156 -7.02 11.11 6.41
C PHE A 156 -6.84 10.51 5.03
N VAL A 157 -7.72 9.59 4.65
CA VAL A 157 -7.69 8.95 3.35
C VAL A 157 -8.36 9.81 2.28
N GLU A 158 -9.14 10.83 2.68
CA GLU A 158 -9.86 11.77 1.82
C GLU A 158 -9.10 12.20 0.59
N GLU A 159 -7.92 12.78 0.79
CA GLU A 159 -7.03 13.24 -0.26
C GLU A 159 -6.67 12.12 -1.25
N ILE A 160 -6.39 10.92 -0.73
CA ILE A 160 -6.09 9.76 -1.54
C ILE A 160 -7.31 9.33 -2.36
N LYS A 161 -8.49 9.22 -1.74
CA LYS A 161 -9.69 8.84 -2.47
C LYS A 161 -10.20 9.95 -3.38
N SER A 162 -9.75 11.19 -3.16
CA SER A 162 -10.05 12.33 -4.02
C SER A 162 -9.13 12.32 -5.25
N ILE A 163 -8.02 11.57 -5.21
CA ILE A 163 -7.11 11.43 -6.33
C ILE A 163 -7.73 10.55 -7.42
N ALA A 164 -8.66 9.66 -7.05
CA ALA A 164 -9.31 8.78 -7.98
C ALA A 164 -10.50 9.51 -8.59
N SER A 165 -10.34 9.97 -9.82
CA SER A 165 -11.31 10.73 -10.60
C SER A 165 -12.59 9.91 -10.80
N GLU A 166 -12.43 8.63 -11.19
CA GLU A 166 -13.54 7.72 -11.38
C GLU A 166 -14.08 7.28 -10.01
N PRO A 167 -15.37 6.87 -9.92
CA PRO A 167 -16.04 6.40 -8.71
C PRO A 167 -15.17 5.51 -7.83
N THR A 168 -15.13 5.81 -6.53
CA THR A 168 -14.34 5.06 -5.56
C THR A 168 -14.85 3.64 -5.36
N GLU A 169 -16.09 3.35 -5.74
CA GLU A 169 -16.71 2.03 -5.66
C GLU A 169 -15.89 0.95 -6.37
N LYS A 170 -15.14 1.34 -7.40
CA LYS A 170 -14.27 0.44 -8.14
C LYS A 170 -12.82 0.91 -8.11
N HIS A 171 -12.42 1.66 -7.07
CA HIS A 171 -11.07 2.19 -6.95
C HIS A 171 -10.55 2.18 -5.54
N PHE A 172 -11.32 2.72 -4.61
CA PHE A 172 -10.92 2.80 -3.22
C PHE A 172 -11.62 1.69 -2.44
N PHE A 173 -10.82 0.92 -1.71
CA PHE A 173 -11.30 -0.19 -0.92
C PHE A 173 -10.73 -0.16 0.48
N ASN A 174 -11.27 -1.01 1.35
CA ASN A 174 -10.86 -1.11 2.73
C ASN A 174 -10.20 -2.47 2.97
N VAL A 175 -9.17 -2.51 3.82
CA VAL A 175 -8.46 -3.73 4.18
C VAL A 175 -9.34 -4.65 5.04
N SER A 176 -10.25 -4.09 5.83
CA SER A 176 -11.15 -4.86 6.68
C SER A 176 -12.30 -5.51 5.90
N ASP A 177 -12.41 -5.23 4.60
CA ASP A 177 -13.43 -5.82 3.74
C ASP A 177 -12.80 -6.83 2.79
N GLU A 178 -13.26 -8.08 2.84
CA GLU A 178 -12.83 -9.13 1.93
C GLU A 178 -13.56 -9.03 0.60
N LEU A 179 -14.75 -8.39 0.56
CA LEU A 179 -15.52 -8.19 -0.66
C LEU A 179 -14.85 -7.16 -1.56
N ALA A 180 -13.98 -6.34 -0.97
CA ALA A 180 -13.18 -5.37 -1.69
C ALA A 180 -12.33 -6.06 -2.76
N LEU A 181 -11.69 -7.17 -2.39
CA LEU A 181 -10.86 -7.95 -3.28
C LEU A 181 -11.70 -8.61 -4.38
N VAL A 182 -12.93 -9.02 -4.04
CA VAL A 182 -13.86 -9.61 -4.99
C VAL A 182 -14.24 -8.61 -6.08
N THR A 183 -14.56 -7.37 -5.68
CA THR A 183 -14.91 -6.30 -6.60
C THR A 183 -13.73 -5.96 -7.50
N ILE A 184 -12.50 -6.01 -6.96
CA ILE A 184 -11.28 -5.82 -7.73
C ILE A 184 -11.22 -6.85 -8.84
N VAL A 185 -11.22 -8.14 -8.50
CA VAL A 185 -11.12 -9.25 -9.47
C VAL A 185 -12.22 -9.17 -10.53
N LYS A 186 -13.44 -8.85 -10.11
CA LYS A 186 -14.58 -8.70 -11.01
C LYS A 186 -14.32 -7.59 -12.04
N THR A 187 -13.63 -6.52 -11.63
CA THR A 187 -13.26 -5.43 -12.52
C THR A 187 -12.01 -5.80 -13.33
N LEU A 188 -11.12 -6.64 -12.79
CA LEU A 188 -9.91 -7.10 -13.46
C LEU A 188 -10.23 -8.00 -14.64
N GLY A 189 -11.38 -8.67 -14.61
CA GLY A 189 -11.86 -9.49 -15.70
C GLY A 189 -12.31 -8.67 -16.91
N GLU A 190 -12.50 -7.36 -16.73
CA GLU A 190 -12.87 -6.44 -17.80
C GLU A 190 -11.69 -5.57 -18.21
N ARG A 191 -11.86 -4.89 -19.35
CA ARG A 191 -10.87 -4.01 -19.95
C ARG A 191 -10.44 -2.85 -19.03
N ILE A 192 -11.35 -2.36 -18.19
CA ILE A 192 -11.11 -1.28 -17.24
C ILE A 192 -12.18 -1.30 -16.15
N GLY B 2 11.76 -13.93 33.14
CA GLY B 2 12.03 -14.29 31.76
C GLY B 2 12.56 -13.11 30.93
N PRO B 3 12.64 -13.28 29.60
CA PRO B 3 13.13 -12.24 28.70
C PRO B 3 12.11 -11.11 28.52
N GLY B 5 9.63 -8.22 26.81
CA GLY B 5 8.68 -8.29 25.72
C GLY B 5 9.15 -7.59 24.46
N PRO B 6 8.34 -7.66 23.38
CA PRO B 6 8.65 -7.04 22.10
C PRO B 6 8.52 -5.51 22.16
N GLY B 8 7.42 -1.61 21.57
CA GLY B 8 6.12 -0.98 21.64
C GLY B 8 5.55 -0.68 20.27
N LEU B 9 4.24 -0.39 20.24
CA LEU B 9 3.52 -0.10 19.01
C LEU B 9 4.11 1.12 18.31
N GLY B 11 4.46 4.71 16.20
CA GLY B 11 3.88 6.02 16.40
C GLY B 11 2.82 6.33 15.35
N GLU B 12 2.16 7.47 15.51
CA GLU B 12 1.12 7.93 14.60
C GLU B 12 1.66 9.09 13.76
N ASN B 13 0.97 9.38 12.66
CA ASN B 13 1.30 10.47 11.75
C ASN B 13 1.36 11.80 12.50
N GLY B 14 2.25 12.69 12.09
CA GLY B 14 2.43 13.97 12.74
C GLY B 14 1.20 14.88 12.59
N PRO B 15 1.06 15.88 13.48
CA PRO B 15 -0.06 16.82 13.43
C PRO B 15 0.10 17.83 12.28
N GLY B 17 0.51 21.15 10.09
CA GLY B 17 1.35 22.32 10.27
C GLY B 17 0.54 23.58 10.64
N PRO B 18 1.22 24.64 11.08
CA PRO B 18 0.57 25.88 11.48
C PRO B 18 0.06 26.68 10.28
N GLY B 20 -0.60 29.61 7.55
CA GLY B 20 0.31 30.54 6.91
C GLY B 20 0.12 31.99 7.35
N PRO B 21 1.14 32.83 7.13
CA PRO B 21 1.11 34.24 7.53
C PRO B 21 0.23 35.11 6.60
N GLY C 2 8.27 -11.95 31.50
CA GLY C 2 9.42 -11.12 31.81
C GLY C 2 9.05 -9.65 31.84
N PRO C 3 10.07 -8.76 31.86
CA PRO C 3 9.87 -7.31 31.93
C PRO C 3 9.19 -6.78 30.66
N GLY C 5 8.38 -4.67 27.24
CA GLY C 5 9.23 -4.30 26.13
C GLY C 5 9.57 -2.80 26.11
N PRO C 6 10.47 -2.39 25.20
CA PRO C 6 10.88 -1.00 25.07
C PRO C 6 9.78 -0.12 24.46
N GLY C 8 7.68 2.41 22.01
CA GLY C 8 7.56 2.48 20.56
C GLY C 8 8.26 3.69 19.97
N LEU C 9 8.48 3.64 18.66
CA LEU C 9 9.15 4.70 17.94
C LEU C 9 8.17 5.78 17.49
N GLY C 11 6.17 8.52 15.13
CA GLY C 11 5.67 8.45 13.77
C GLY C 11 6.40 9.39 12.82
N GLU C 12 5.96 9.40 11.57
CA GLU C 12 6.54 10.23 10.52
C GLU C 12 5.99 11.65 10.58
N ASN C 13 6.63 12.55 9.83
CA ASN C 13 6.23 13.95 9.71
C ASN C 13 4.78 14.08 9.26
N GLY C 14 4.06 15.04 9.83
CA GLY C 14 2.67 15.26 9.51
C GLY C 14 2.44 16.03 8.22
N PRO C 15 1.19 16.45 7.98
CA PRO C 15 0.83 17.17 6.77
C PRO C 15 1.09 18.67 6.89
N GLY C 17 0.59 22.86 6.71
CA GLY C 17 -0.45 23.72 7.25
C GLY C 17 -1.33 24.36 6.16
N PRO C 18 -2.44 24.99 6.56
CA PRO C 18 -3.37 25.63 5.65
C PRO C 18 -2.89 27.02 5.21
N GLY C 20 -2.63 31.00 4.60
CA GLY C 20 -2.99 32.15 5.42
C GLY C 20 -4.10 33.00 4.79
N PRO C 21 -4.72 33.91 5.57
CA PRO C 21 -5.78 34.77 5.08
C PRO C 21 -5.23 35.96 4.27
N GLY D 2 8.06 -11.24 28.01
CA GLY D 2 7.23 -10.29 28.72
C GLY D 2 6.17 -9.65 27.83
N PRO D 3 5.43 -8.68 28.38
CA PRO D 3 4.38 -7.98 27.65
C PRO D 3 4.95 -6.96 26.66
N GLY D 5 5.82 -3.53 24.61
CA GLY D 5 6.11 -2.19 25.09
C GLY D 5 4.96 -1.21 24.86
N PRO D 6 5.04 -0.02 25.49
CA PRO D 6 4.02 1.01 25.34
C PRO D 6 4.08 1.65 23.94
N GLY D 8 4.28 4.27 20.74
CA GLY D 8 5.25 5.29 20.41
C GLY D 8 4.68 6.70 20.59
N LEU D 9 5.40 7.67 20.05
CA LEU D 9 5.01 9.06 20.17
C LEU D 9 4.48 9.59 18.84
N GLY D 11 4.14 11.79 15.48
CA GLY D 11 5.14 12.30 14.57
C GLY D 11 5.34 13.80 14.71
N GLU D 12 6.39 14.30 14.06
CA GLU D 12 6.72 15.72 14.11
C GLU D 12 5.72 16.54 13.29
N ASN D 13 5.53 17.79 13.72
CA ASN D 13 4.61 18.73 13.10
C ASN D 13 4.99 18.97 11.64
N GLY D 14 3.97 19.02 10.79
CA GLY D 14 4.18 19.25 9.37
C GLY D 14 4.62 20.68 9.06
N PRO D 15 5.12 20.93 7.83
CA PRO D 15 5.64 22.24 7.43
C PRO D 15 4.55 23.33 7.51
N GLY D 17 2.02 26.48 6.69
CA GLY D 17 1.18 26.78 5.54
C GLY D 17 1.70 27.95 4.71
N PRO D 18 1.27 28.06 3.44
CA PRO D 18 1.69 29.13 2.55
C PRO D 18 1.08 30.49 2.93
N GLY D 20 -0.80 34.14 2.87
CA GLY D 20 -2.07 34.56 2.34
C GLY D 20 -1.94 35.54 1.18
N PRO D 21 -2.80 35.44 0.14
CA PRO D 21 -2.76 36.27 -1.06
C PRO D 21 -2.92 37.78 -0.72
N SER A 1 -4.72 -21.60 -17.13
CA SER A 1 -3.53 -21.00 -16.54
C SER A 1 -3.69 -19.47 -16.48
N THR A 2 -3.88 -18.90 -15.29
CA THR A 2 -4.10 -17.47 -15.10
C THR A 2 -2.76 -16.73 -15.11
N GLN A 3 -2.21 -16.49 -16.30
CA GLN A 3 -0.94 -15.81 -16.46
C GLN A 3 -1.18 -14.30 -16.46
N LEU A 4 -0.71 -13.65 -15.40
CA LEU A 4 -0.88 -12.24 -15.12
C LEU A 4 0.19 -11.75 -14.15
N ASP A 5 0.63 -10.50 -14.33
CA ASP A 5 1.59 -9.88 -13.44
C ASP A 5 0.88 -8.99 -12.44
N ILE A 6 1.00 -9.32 -11.15
CA ILE A 6 0.41 -8.59 -10.06
C ILE A 6 1.52 -8.10 -9.13
N VAL A 7 1.54 -6.82 -8.79
CA VAL A 7 2.48 -6.27 -7.82
C VAL A 7 1.70 -5.80 -6.60
N ILE A 8 2.22 -6.14 -5.42
CA ILE A 8 1.66 -5.75 -4.14
C ILE A 8 2.61 -4.74 -3.52
N VAL A 9 2.12 -3.52 -3.33
CA VAL A 9 2.89 -2.45 -2.75
C VAL A 9 2.38 -2.19 -1.33
N LEU A 10 3.25 -2.46 -0.35
CA LEU A 10 2.96 -2.33 1.07
C LEU A 10 3.60 -1.06 1.63
N ASP A 11 2.87 -0.37 2.50
CA ASP A 11 3.39 0.81 3.18
C ASP A 11 4.10 0.34 4.45
N GLY A 12 5.36 0.71 4.58
CA GLY A 12 6.16 0.40 5.72
C GLY A 12 6.36 1.59 6.63
N SER A 13 5.30 2.34 6.88
CA SER A 13 5.36 3.54 7.68
C SER A 13 5.43 3.26 9.18
N ASN A 14 5.47 4.34 9.95
CA ASN A 14 5.44 4.33 11.40
C ASN A 14 4.00 4.65 11.82
N SER A 15 3.23 5.24 10.90
CA SER A 15 1.82 5.54 11.06
C SER A 15 0.94 4.30 10.93
N ILE A 16 1.52 3.16 10.52
CA ILE A 16 0.81 1.90 10.39
C ILE A 16 0.95 1.09 11.67
N TYR A 17 0.08 0.10 11.82
CA TYR A 17 0.05 -0.84 12.93
C TYR A 17 0.94 -2.06 12.63
N PRO A 18 1.11 -2.97 13.61
CA PRO A 18 1.86 -4.23 13.47
C PRO A 18 1.81 -4.91 12.10
N TRP A 19 2.96 -5.43 11.68
CA TRP A 19 3.12 -6.09 10.39
C TRP A 19 2.38 -7.44 10.34
N ASP A 20 1.90 -7.91 11.50
CA ASP A 20 1.09 -9.12 11.65
C ASP A 20 -0.11 -9.14 10.71
N SER A 21 -0.84 -8.02 10.64
CA SER A 21 -2.01 -7.88 9.78
C SER A 21 -1.61 -7.98 8.30
N VAL A 22 -0.46 -7.41 7.92
CA VAL A 22 0.08 -7.46 6.57
C VAL A 22 0.47 -8.89 6.21
N THR A 23 1.22 -9.57 7.09
CA THR A 23 1.64 -10.95 6.85
C THR A 23 0.46 -11.90 6.71
N ALA A 24 -0.59 -11.68 7.51
CA ALA A 24 -1.79 -12.49 7.47
C ALA A 24 -2.57 -12.24 6.17
N PHE A 25 -2.73 -10.97 5.79
CA PHE A 25 -3.41 -10.57 4.56
C PHE A 25 -2.74 -11.18 3.33
N LEU A 26 -1.42 -11.03 3.22
CA LEU A 26 -0.65 -11.56 2.11
C LEU A 26 -0.67 -13.08 2.09
N ASN A 27 -0.50 -13.73 3.25
CA ASN A 27 -0.58 -15.18 3.40
C ASN A 27 -1.93 -15.71 2.90
N ASP A 28 -3.02 -15.09 3.35
CA ASP A 28 -4.37 -15.49 2.99
C ASP A 28 -4.67 -15.19 1.52
N LEU A 29 -4.00 -14.20 0.94
CA LEU A 29 -4.13 -13.85 -0.47
C LEU A 29 -3.41 -14.91 -1.31
N LEU A 30 -2.15 -15.20 -1.00
CA LEU A 30 -1.38 -16.18 -1.74
C LEU A 30 -1.93 -17.59 -1.59
N GLU A 31 -2.53 -17.92 -0.45
CA GLU A 31 -3.16 -19.20 -0.23
C GLU A 31 -4.35 -19.41 -1.17
N ARG A 32 -5.05 -18.33 -1.53
CA ARG A 32 -6.16 -18.39 -2.46
C ARG A 32 -5.69 -18.29 -3.91
N MET A 33 -4.54 -17.66 -4.17
CA MET A 33 -4.00 -17.51 -5.51
C MET A 33 -3.33 -18.82 -5.95
N ASP A 34 -3.85 -19.39 -7.04
CA ASP A 34 -3.36 -20.62 -7.63
C ASP A 34 -2.04 -20.34 -8.35
N ILE A 35 -0.92 -20.74 -7.77
CA ILE A 35 0.39 -20.54 -8.35
C ILE A 35 0.95 -21.92 -8.67
N GLY A 36 0.85 -22.26 -9.94
CA GLY A 36 1.34 -23.52 -10.45
C GLY A 36 2.75 -23.37 -11.03
N PRO A 37 2.96 -23.76 -12.30
CA PRO A 37 4.28 -23.77 -12.92
C PRO A 37 4.71 -22.35 -13.32
N LYS A 38 3.81 -21.57 -13.93
CA LYS A 38 4.09 -20.24 -14.44
C LYS A 38 2.83 -19.39 -14.57
N GLN A 39 2.01 -19.34 -13.52
CA GLN A 39 0.82 -18.52 -13.50
C GLN A 39 0.76 -17.74 -12.19
N THR A 40 0.00 -16.65 -12.21
CA THR A 40 -0.24 -15.77 -11.06
C THR A 40 1.09 -15.25 -10.50
N GLN A 41 1.71 -14.32 -11.22
CA GLN A 41 3.00 -13.78 -10.82
C GLN A 41 2.72 -12.64 -9.84
N VAL A 42 3.24 -12.77 -8.62
CA VAL A 42 3.06 -11.81 -7.54
C VAL A 42 4.41 -11.34 -7.03
N GLY A 43 4.59 -10.03 -6.93
CA GLY A 43 5.79 -9.41 -6.38
C GLY A 43 5.44 -8.53 -5.19
N ILE A 44 6.33 -8.51 -4.19
CA ILE A 44 6.14 -7.72 -2.97
C ILE A 44 7.16 -6.58 -2.96
N VAL A 45 6.64 -5.35 -2.86
CA VAL A 45 7.42 -4.14 -2.78
C VAL A 45 6.95 -3.33 -1.58
N GLN A 46 7.88 -2.72 -0.86
CA GLN A 46 7.60 -1.83 0.24
C GLN A 46 8.01 -0.41 -0.14
N TYR A 47 7.17 0.57 0.23
CA TYR A 47 7.47 1.99 0.02
C TYR A 47 7.57 2.74 1.34
N GLY A 48 8.38 3.78 1.31
CA GLY A 48 8.63 4.68 2.42
C GLY A 48 9.63 5.74 1.98
N GLU A 49 10.62 6.01 2.83
CA GLU A 49 11.74 6.89 2.49
C GLU A 49 12.60 6.30 1.37
N ASN A 50 12.45 4.99 1.14
CA ASN A 50 13.11 4.21 0.12
C ASN A 50 12.09 3.26 -0.50
N VAL A 51 12.49 2.56 -1.56
CA VAL A 51 11.68 1.57 -2.23
C VAL A 51 12.41 0.23 -2.16
N THR A 52 12.00 -0.62 -1.21
CA THR A 52 12.64 -1.90 -1.00
C THR A 52 11.81 -2.99 -1.67
N HIS A 53 12.49 -3.84 -2.45
CA HIS A 53 11.93 -4.99 -3.14
C HIS A 53 12.82 -6.21 -2.95
N GLU A 54 12.54 -6.99 -1.91
CA GLU A 54 13.34 -8.15 -1.56
C GLU A 54 13.06 -9.31 -2.51
N PHE A 55 11.78 -9.62 -2.73
CA PHE A 55 11.39 -10.71 -3.60
C PHE A 55 11.14 -10.17 -5.00
N ASN A 56 11.93 -10.66 -5.96
CA ASN A 56 11.79 -10.30 -7.36
C ASN A 56 10.50 -10.91 -7.93
N LEU A 57 9.93 -10.25 -8.93
CA LEU A 57 8.67 -10.66 -9.54
C LEU A 57 8.74 -12.08 -10.13
N ASN A 58 9.86 -12.43 -10.76
CA ASN A 58 10.05 -13.78 -11.31
C ASN A 58 10.83 -14.68 -10.36
N LYS A 59 10.96 -14.29 -9.10
CA LYS A 59 11.60 -15.13 -8.09
C LYS A 59 10.62 -16.16 -7.53
N TYR A 60 9.35 -16.10 -7.95
CA TYR A 60 8.34 -17.05 -7.53
C TYR A 60 8.58 -18.41 -8.21
N SER A 61 8.26 -19.47 -7.50
CA SER A 61 8.39 -20.84 -8.02
C SER A 61 7.15 -21.68 -7.69
N SER A 62 6.36 -21.28 -6.70
CA SER A 62 5.18 -21.97 -6.24
C SER A 62 4.44 -21.07 -5.26
N THR A 63 3.23 -21.47 -4.86
CA THR A 63 2.45 -20.76 -3.85
C THR A 63 3.21 -20.59 -2.55
N GLU A 64 3.88 -21.67 -2.11
CA GLU A 64 4.66 -21.70 -0.89
C GLU A 64 5.74 -20.61 -0.89
N GLU A 65 6.48 -20.50 -2.00
CA GLU A 65 7.55 -19.53 -2.14
C GLU A 65 7.04 -18.09 -2.05
N VAL A 66 5.97 -17.75 -2.76
CA VAL A 66 5.44 -16.39 -2.72
C VAL A 66 4.78 -16.09 -1.38
N LEU A 67 4.07 -17.07 -0.82
CA LEU A 67 3.41 -16.97 0.47
C LEU A 67 4.44 -16.73 1.55
N VAL A 68 5.48 -17.58 1.63
CA VAL A 68 6.52 -17.46 2.62
C VAL A 68 7.34 -16.18 2.41
N ALA A 69 7.52 -15.75 1.16
CA ALA A 69 8.25 -14.53 0.86
C ALA A 69 7.50 -13.31 1.38
N ALA A 70 6.17 -13.31 1.25
CA ALA A 70 5.33 -12.24 1.75
C ALA A 70 5.42 -12.13 3.27
N LYS A 71 5.44 -13.26 3.99
CA LYS A 71 5.63 -13.27 5.43
C LYS A 71 7.09 -13.10 5.87
N LYS A 72 8.04 -13.24 4.95
CA LYS A 72 9.45 -13.06 5.23
C LYS A 72 9.83 -11.57 5.12
N ILE A 73 9.19 -10.82 4.22
CA ILE A 73 9.47 -9.40 4.04
C ILE A 73 8.69 -8.64 5.11
N VAL A 74 9.39 -8.35 6.21
CA VAL A 74 8.88 -7.57 7.31
C VAL A 74 9.54 -6.19 7.30
N GLN A 75 8.80 -5.19 7.75
CA GLN A 75 9.31 -3.84 7.85
C GLN A 75 9.69 -3.53 9.29
N ARG A 76 10.90 -2.99 9.47
CA ARG A 76 11.41 -2.61 10.78
C ARG A 76 11.08 -1.15 11.12
N GLY A 77 10.89 -0.27 10.14
CA GLY A 77 10.54 1.11 10.41
C GLY A 77 10.60 1.97 9.16
N GLY A 78 9.72 2.96 9.08
CA GLY A 78 9.64 3.91 8.00
C GLY A 78 8.85 5.12 8.46
N ARG A 79 9.08 6.30 7.92
CA ARG A 79 8.42 7.55 8.32
C ARG A 79 7.80 8.28 7.13
N GLN A 80 7.41 7.58 6.08
CA GLN A 80 6.74 8.21 4.97
C GLN A 80 5.73 7.27 4.33
N THR A 81 4.49 7.70 4.18
CA THR A 81 3.50 6.96 3.41
C THR A 81 3.41 7.68 2.06
N MET A 82 4.01 7.10 1.03
CA MET A 82 3.96 7.65 -0.32
C MET A 82 3.31 6.68 -1.29
N THR A 83 1.98 6.71 -1.38
CA THR A 83 1.23 5.85 -2.29
C THR A 83 1.62 6.16 -3.75
N ALA A 84 1.74 7.44 -4.10
CA ALA A 84 2.10 7.87 -5.45
C ALA A 84 3.47 7.35 -5.86
N LEU A 85 4.49 7.56 -5.00
CA LEU A 85 5.84 7.07 -5.23
C LEU A 85 5.86 5.53 -5.28
N GLY A 86 5.07 4.88 -4.42
CA GLY A 86 4.95 3.44 -4.37
C GLY A 86 4.47 2.87 -5.70
N ILE A 87 3.37 3.40 -6.25
CA ILE A 87 2.82 2.96 -7.53
C ILE A 87 3.80 3.29 -8.66
N ASP A 88 4.34 4.52 -8.68
CA ASP A 88 5.24 4.98 -9.72
C ASP A 88 6.53 4.17 -9.77
N THR A 89 7.11 3.89 -8.62
CA THR A 89 8.34 3.13 -8.58
C THR A 89 8.03 1.65 -8.80
N ALA A 90 6.89 1.12 -8.35
CA ALA A 90 6.54 -0.29 -8.55
C ALA A 90 6.41 -0.63 -10.03
N ARG A 91 5.83 0.28 -10.82
CA ARG A 91 5.67 0.07 -12.25
C ARG A 91 7.01 0.23 -13.02
N LYS A 92 7.94 1.01 -12.46
CA LYS A 92 9.23 1.28 -13.10
C LYS A 92 10.36 0.41 -12.52
N GLU A 93 10.08 -0.38 -11.48
CA GLU A 93 11.06 -1.25 -10.83
C GLU A 93 10.58 -2.68 -10.87
N ALA A 94 9.46 -3.00 -10.23
CA ALA A 94 8.97 -4.37 -10.18
C ALA A 94 8.36 -4.80 -11.52
N PHE A 95 7.62 -3.91 -12.17
CA PHE A 95 7.04 -4.16 -13.51
C PHE A 95 8.03 -3.96 -14.64
N THR A 96 9.23 -4.49 -14.47
CA THR A 96 10.24 -4.50 -15.49
C THR A 96 10.55 -5.94 -15.88
N GLU A 97 10.94 -6.12 -17.14
CA GLU A 97 11.32 -7.40 -17.71
C GLU A 97 12.50 -8.04 -16.98
N ALA A 98 13.43 -7.20 -16.48
CA ALA A 98 14.59 -7.65 -15.75
C ALA A 98 14.24 -8.14 -14.35
N ARG A 99 13.11 -7.71 -13.79
CA ARG A 99 12.65 -8.16 -12.48
C ARG A 99 11.69 -9.33 -12.60
N GLY A 100 11.13 -9.58 -13.78
CA GLY A 100 10.27 -10.70 -14.01
C GLY A 100 8.96 -10.44 -14.69
N ALA A 101 8.62 -9.17 -14.87
CA ALA A 101 7.37 -8.79 -15.51
C ALA A 101 7.37 -9.18 -16.98
N ARG A 102 6.23 -9.62 -17.46
CA ARG A 102 6.03 -10.01 -18.84
C ARG A 102 5.41 -8.86 -19.62
N ARG A 103 5.74 -8.80 -20.91
CA ARG A 103 5.24 -7.77 -21.79
C ARG A 103 3.96 -8.28 -22.45
N GLY A 104 2.86 -7.57 -22.24
CA GLY A 104 1.57 -7.90 -22.83
C GLY A 104 0.81 -8.91 -21.99
N VAL A 105 0.77 -8.72 -20.67
CA VAL A 105 0.05 -9.56 -19.75
C VAL A 105 -0.89 -8.67 -18.92
N LYS A 106 -1.88 -9.26 -18.25
CA LYS A 106 -2.78 -8.54 -17.36
C LYS A 106 -2.00 -8.03 -16.14
N LYS A 107 -1.78 -6.73 -16.11
CA LYS A 107 -1.02 -6.04 -15.09
C LYS A 107 -2.01 -5.52 -14.05
N VAL A 108 -1.87 -6.00 -12.81
CA VAL A 108 -2.70 -5.61 -11.69
C VAL A 108 -1.79 -5.00 -10.62
N MET A 109 -2.19 -3.85 -10.09
CA MET A 109 -1.44 -3.17 -9.03
C MET A 109 -2.31 -3.08 -7.79
N VAL A 110 -1.87 -3.76 -6.73
CA VAL A 110 -2.53 -3.74 -5.44
C VAL A 110 -1.69 -2.88 -4.49
N ILE A 111 -2.27 -1.80 -3.96
CA ILE A 111 -1.56 -0.89 -3.09
C ILE A 111 -2.35 -0.72 -1.80
N VAL A 112 -1.67 -0.86 -0.67
CA VAL A 112 -2.26 -0.62 0.64
C VAL A 112 -1.79 0.73 1.17
N THR A 113 -2.65 1.42 1.91
CA THR A 113 -2.34 2.69 2.54
C THR A 113 -3.07 2.81 3.87
N ASP A 114 -2.46 3.48 4.83
CA ASP A 114 -3.04 3.75 6.14
C ASP A 114 -3.83 5.07 6.09
N GLY A 115 -3.23 6.16 5.61
CA GLY A 115 -3.90 7.45 5.57
C GLY A 115 -2.92 8.60 5.67
N GLU A 116 -2.14 8.81 4.60
CA GLU A 116 -1.21 9.92 4.50
C GLU A 116 -0.82 10.15 3.04
N SER A 117 -0.64 11.42 2.66
CA SER A 117 -0.24 11.83 1.32
C SER A 117 0.39 13.21 1.40
N HIS A 118 1.72 13.27 1.49
CA HIS A 118 2.45 14.54 1.50
C HIS A 118 2.54 15.17 0.11
N ASP A 119 2.45 14.35 -0.94
CA ASP A 119 2.46 14.81 -2.33
C ASP A 119 1.28 14.21 -3.08
N ASN A 120 0.27 15.04 -3.35
CA ASN A 120 -0.92 14.63 -4.09
C ASN A 120 -0.77 14.92 -5.59
N HIS A 121 0.19 15.76 -5.97
CA HIS A 121 0.43 16.17 -7.36
C HIS A 121 0.94 14.96 -8.15
N ARG A 122 1.85 14.20 -7.53
CA ARG A 122 2.40 12.99 -8.11
C ARG A 122 1.33 11.93 -8.21
N LEU A 123 0.44 11.82 -7.21
CA LEU A 123 -0.65 10.86 -7.19
C LEU A 123 -1.52 10.99 -8.43
N LYS A 124 -1.91 12.24 -8.75
CA LYS A 124 -2.73 12.53 -9.91
C LYS A 124 -2.01 12.22 -11.23
N LYS A 125 -0.70 12.46 -11.29
CA LYS A 125 0.07 12.17 -12.48
C LYS A 125 0.29 10.66 -12.66
N VAL A 126 0.69 9.96 -11.59
CA VAL A 126 0.91 8.52 -11.63
C VAL A 126 -0.37 7.78 -11.97
N ILE A 127 -1.50 8.19 -11.37
CA ILE A 127 -2.76 7.53 -11.65
C ILE A 127 -3.24 7.78 -13.08
N GLN A 128 -2.98 8.97 -13.62
CA GLN A 128 -3.32 9.31 -14.99
C GLN A 128 -2.53 8.42 -15.96
N ASP A 129 -1.26 8.18 -15.64
CA ASP A 129 -0.38 7.32 -16.40
C ASP A 129 -0.87 5.88 -16.41
N CYS A 130 -1.21 5.34 -15.23
CA CYS A 130 -1.71 3.99 -15.08
C CYS A 130 -3.11 3.82 -15.70
N GLU A 131 -3.89 4.90 -15.75
CA GLU A 131 -5.20 4.94 -16.38
C GLU A 131 -5.07 4.87 -17.91
N ASP A 132 -4.05 5.55 -18.46
CA ASP A 132 -3.77 5.55 -19.90
C ASP A 132 -3.25 4.19 -20.36
N GLU A 133 -2.50 3.52 -19.48
CA GLU A 133 -1.98 2.18 -19.73
C GLU A 133 -3.06 1.12 -19.50
N ASN A 134 -4.21 1.50 -18.94
CA ASN A 134 -5.37 0.64 -18.70
C ASN A 134 -5.01 -0.49 -17.72
N ILE A 135 -4.25 -0.14 -16.68
CA ILE A 135 -3.83 -1.09 -15.66
C ILE A 135 -4.94 -1.15 -14.61
N GLN A 136 -5.16 -2.33 -14.03
CA GLN A 136 -6.13 -2.50 -12.96
C GLN A 136 -5.46 -2.17 -11.62
N ARG A 137 -6.08 -1.25 -10.87
CA ARG A 137 -5.60 -0.81 -9.57
C ARG A 137 -6.65 -1.11 -8.51
N PHE A 138 -6.19 -1.66 -7.39
CA PHE A 138 -7.01 -1.94 -6.22
C PHE A 138 -6.44 -1.21 -5.02
N SER A 139 -7.34 -0.66 -4.20
CA SER A 139 -6.96 0.12 -3.03
C SER A 139 -7.30 -0.67 -1.76
N ILE A 140 -6.32 -0.83 -0.89
CA ILE A 140 -6.49 -1.57 0.36
C ILE A 140 -6.25 -0.58 1.50
N ALA A 141 -7.16 -0.52 2.46
CA ALA A 141 -6.98 0.34 3.63
C ALA A 141 -6.62 -0.50 4.84
N ILE A 142 -5.64 -0.02 5.60
CA ILE A 142 -5.20 -0.65 6.83
C ILE A 142 -5.49 0.31 7.98
N LEU A 143 -6.37 -0.12 8.86
CA LEU A 143 -6.73 0.58 10.07
C LEU A 143 -6.94 -0.43 11.18
N GLY A 144 -6.97 0.06 12.42
CA GLY A 144 -7.27 -0.77 13.56
C GLY A 144 -8.40 -0.17 14.37
N SER A 145 -9.09 -1.04 15.09
CA SER A 145 -10.23 -0.70 15.95
C SER A 145 -9.77 0.19 17.12
N TYR A 146 -8.53 -0.01 17.59
CA TYR A 146 -7.93 0.74 18.68
C TYR A 146 -7.28 2.00 18.09
N ASN A 147 -8.09 2.99 17.77
CA ASN A 147 -7.59 4.25 17.22
C ASN A 147 -7.36 5.21 18.38
N ARG A 148 -6.11 5.69 18.47
CA ARG A 148 -5.67 6.66 19.47
C ARG A 148 -5.33 8.02 18.85
N GLY A 149 -5.60 8.22 17.56
CA GLY A 149 -5.32 9.47 16.89
C GLY A 149 -6.41 9.80 15.89
N ASN A 150 -7.14 10.90 16.10
CA ASN A 150 -8.19 11.34 15.18
C ASN A 150 -7.54 12.08 14.01
N LEU A 151 -6.93 11.30 13.11
CA LEU A 151 -6.36 11.80 11.88
C LEU A 151 -7.39 11.73 10.75
N SER A 152 -8.57 11.17 11.01
CA SER A 152 -9.68 11.02 10.08
C SER A 152 -9.24 10.14 8.90
N THR A 153 -9.07 8.85 9.17
CA THR A 153 -8.72 7.82 8.20
C THR A 153 -9.57 7.91 6.93
N GLU A 154 -10.87 8.05 7.09
CA GLU A 154 -11.86 8.16 6.03
C GLU A 154 -11.58 9.36 5.13
N LYS A 155 -11.13 10.49 5.72
CA LYS A 155 -10.79 11.69 4.98
C LYS A 155 -9.46 11.58 4.24
N PHE A 156 -8.56 10.71 4.68
CA PHE A 156 -7.31 10.48 4.00
C PHE A 156 -7.45 9.39 2.93
N VAL A 157 -8.24 8.36 3.20
CA VAL A 157 -8.47 7.27 2.27
C VAL A 157 -9.32 7.73 1.08
N GLU A 158 -10.26 8.67 1.28
CA GLU A 158 -11.11 9.17 0.21
C GLU A 158 -10.33 9.72 -0.99
N GLU A 159 -9.17 10.33 -0.73
CA GLU A 159 -8.30 10.89 -1.75
C GLU A 159 -7.79 9.80 -2.69
N ILE A 160 -7.57 8.60 -2.15
CA ILE A 160 -7.08 7.44 -2.86
C ILE A 160 -8.27 6.65 -3.43
N LYS A 161 -9.41 6.62 -2.74
CA LYS A 161 -10.60 5.90 -3.19
C LYS A 161 -11.19 6.53 -4.45
N SER A 162 -10.95 7.82 -4.66
CA SER A 162 -11.42 8.56 -5.84
C SER A 162 -10.81 8.03 -7.14
N ILE A 163 -9.74 7.23 -7.05
CA ILE A 163 -9.14 6.52 -8.17
C ILE A 163 -10.15 5.60 -8.86
N ALA A 164 -11.07 5.00 -8.09
CA ALA A 164 -12.07 4.11 -8.64
C ALA A 164 -13.32 4.92 -8.96
N SER A 165 -13.55 5.13 -10.26
CA SER A 165 -14.70 5.88 -10.77
C SER A 165 -15.99 5.08 -10.56
N GLU A 166 -15.94 3.77 -10.82
CA GLU A 166 -17.05 2.85 -10.57
C GLU A 166 -17.15 2.56 -9.05
N PRO A 167 -18.24 1.92 -8.58
CA PRO A 167 -18.42 1.48 -7.19
C PRO A 167 -17.15 0.98 -6.49
N THR A 168 -16.83 1.60 -5.37
CA THR A 168 -15.63 1.28 -4.59
C THR A 168 -15.77 -0.08 -3.92
N GLU A 169 -17.01 -0.58 -3.78
CA GLU A 169 -17.34 -1.88 -3.21
C GLU A 169 -16.74 -3.06 -3.99
N LYS A 170 -16.26 -2.80 -5.22
CA LYS A 170 -15.61 -3.79 -6.06
C LYS A 170 -14.18 -3.37 -6.44
N HIS A 171 -13.60 -2.40 -5.72
CA HIS A 171 -12.25 -1.89 -5.99
C HIS A 171 -11.44 -1.59 -4.74
N PHE A 172 -12.12 -1.35 -3.62
CA PHE A 172 -11.52 -0.96 -2.38
C PHE A 172 -12.04 -1.84 -1.25
N PHE A 173 -11.16 -2.21 -0.32
CA PHE A 173 -11.50 -2.98 0.85
C PHE A 173 -10.46 -2.82 1.95
N ASN A 174 -10.75 -3.38 3.11
CA ASN A 174 -9.85 -3.33 4.25
C ASN A 174 -8.99 -4.57 4.30
N VAL A 175 -7.77 -4.43 4.84
CA VAL A 175 -6.79 -5.50 5.00
C VAL A 175 -7.33 -6.62 5.90
N SER A 176 -8.18 -6.27 6.86
CA SER A 176 -8.72 -7.19 7.84
C SER A 176 -9.87 -8.03 7.24
N ASP A 177 -10.21 -7.85 5.96
CA ASP A 177 -11.24 -8.60 5.27
C ASP A 177 -10.61 -9.57 4.27
N GLU A 178 -10.54 -10.84 4.65
CA GLU A 178 -10.03 -11.90 3.77
C GLU A 178 -11.08 -12.35 2.76
N LEU A 179 -12.38 -12.14 3.05
CA LEU A 179 -13.46 -12.46 2.12
C LEU A 179 -13.47 -11.45 0.97
N ALA A 180 -12.99 -10.23 1.20
CA ALA A 180 -12.89 -9.20 0.19
C ALA A 180 -11.95 -9.62 -0.95
N LEU A 181 -10.98 -10.48 -0.65
CA LEU A 181 -10.09 -11.08 -1.63
C LEU A 181 -10.88 -11.96 -2.58
N VAL A 182 -11.84 -12.74 -2.07
CA VAL A 182 -12.72 -13.58 -2.88
C VAL A 182 -13.61 -12.70 -3.78
N THR A 183 -14.11 -11.60 -3.25
CA THR A 183 -14.93 -10.66 -4.00
C THR A 183 -14.11 -10.05 -5.16
N ILE A 184 -12.82 -9.78 -4.91
CA ILE A 184 -11.91 -9.31 -5.94
C ILE A 184 -11.68 -10.38 -7.00
N VAL A 185 -11.64 -11.65 -6.62
CA VAL A 185 -11.48 -12.75 -7.57
C VAL A 185 -12.71 -12.82 -8.48
N LYS A 186 -13.90 -12.65 -7.90
CA LYS A 186 -15.16 -12.62 -8.65
C LYS A 186 -15.17 -11.45 -9.66
N THR A 187 -14.52 -10.35 -9.28
CA THR A 187 -14.40 -9.18 -10.13
C THR A 187 -13.32 -9.41 -11.20
N LEU A 188 -12.21 -10.09 -10.85
CA LEU A 188 -11.14 -10.40 -11.79
C LEU A 188 -11.50 -11.54 -12.75
N GLY A 189 -12.58 -12.27 -12.45
CA GLY A 189 -13.11 -13.32 -13.29
C GLY A 189 -13.90 -12.78 -14.48
N GLU A 190 -14.09 -11.45 -14.55
CA GLU A 190 -14.76 -10.79 -15.64
C GLU A 190 -13.83 -10.72 -16.87
N ARG A 191 -14.36 -10.18 -17.97
CA ARG A 191 -13.62 -10.00 -19.20
C ARG A 191 -12.80 -8.70 -19.16
N ILE A 192 -13.25 -7.72 -18.37
CA ILE A 192 -12.61 -6.43 -18.19
C ILE A 192 -12.97 -5.87 -16.81
N GLY B 2 13.00 -13.67 33.15
CA GLY B 2 11.94 -13.61 32.16
C GLY B 2 12.37 -12.79 30.94
N PRO B 3 12.17 -13.29 29.70
CA PRO B 3 12.57 -12.61 28.48
C PRO B 3 11.82 -11.27 28.31
N GLY B 5 9.85 -8.07 26.57
CA GLY B 5 8.85 -7.95 25.52
C GLY B 5 9.36 -7.19 24.31
N PRO B 6 8.66 -7.28 23.17
CA PRO B 6 9.05 -6.61 21.93
C PRO B 6 8.66 -5.12 21.95
N GLY B 8 6.96 -1.51 21.47
CA GLY B 8 5.57 -1.13 21.49
C GLY B 8 5.10 -0.53 20.19
N LEU B 9 3.83 -0.13 20.17
CA LEU B 9 3.18 0.46 19.01
C LEU B 9 3.90 1.75 18.59
N GLY B 11 4.43 5.56 17.05
CA GLY B 11 3.67 6.79 17.13
C GLY B 11 2.95 7.10 15.83
N GLU B 12 1.78 7.72 15.94
CA GLU B 12 0.96 8.08 14.80
C GLU B 12 1.52 9.32 14.10
N ASN B 13 0.88 9.71 13.00
CA ASN B 13 1.26 10.86 12.21
C ASN B 13 1.26 12.16 13.01
N GLY B 14 2.09 13.10 12.59
CA GLY B 14 2.24 14.36 13.28
C GLY B 14 1.08 15.32 13.04
N PRO B 15 0.96 16.36 13.88
CA PRO B 15 -0.14 17.31 13.80
C PRO B 15 0.15 18.34 12.67
N GLY B 17 0.77 21.84 10.64
CA GLY B 17 1.52 23.05 10.96
C GLY B 17 0.63 24.27 11.20
N PRO B 18 1.23 25.39 11.65
CA PRO B 18 0.49 26.60 11.97
C PRO B 18 0.13 27.36 10.67
N GLY B 20 -0.27 30.26 7.76
CA GLY B 20 0.70 31.17 7.19
C GLY B 20 0.51 32.62 7.63
N PRO B 21 1.46 33.50 7.28
CA PRO B 21 1.39 34.91 7.63
C PRO B 21 0.46 35.70 6.68
N GLY C 2 7.53 -11.59 31.63
CA GLY C 2 8.74 -10.86 31.94
C GLY C 2 8.57 -9.35 31.73
N PRO C 3 9.69 -8.60 31.72
CA PRO C 3 9.69 -7.14 31.58
C PRO C 3 9.07 -6.71 30.25
N GLY C 5 8.29 -4.50 26.76
CA GLY C 5 9.18 -3.94 25.75
C GLY C 5 9.33 -2.42 25.84
N PRO C 6 10.22 -1.86 25.01
CA PRO C 6 10.48 -0.43 24.99
C PRO C 6 9.39 0.33 24.21
N GLY C 8 7.40 2.59 21.44
CA GLY C 8 7.47 2.58 19.99
C GLY C 8 8.22 3.77 19.43
N LEU C 9 8.58 3.68 18.14
CA LEU C 9 9.32 4.73 17.47
C LEU C 9 8.42 5.94 17.18
N GLY C 11 6.41 8.95 15.46
CA GLY C 11 5.66 9.01 14.22
C GLY C 11 6.32 9.85 13.14
N GLU C 12 5.70 9.85 11.97
CA GLU C 12 6.17 10.57 10.80
C GLU C 12 5.67 12.01 10.81
N ASN C 13 6.31 12.87 10.01
CA ASN C 13 6.01 14.29 9.93
C ASN C 13 4.55 14.51 9.51
N GLY C 14 3.89 15.45 10.16
CA GLY C 14 2.50 15.77 9.89
C GLY C 14 2.30 16.65 8.66
N PRO C 15 1.04 17.05 8.39
CA PRO C 15 0.67 17.81 7.20
C PRO C 15 0.99 19.31 7.39
N GLY C 17 0.45 23.57 7.38
CA GLY C 17 -0.56 24.47 7.92
C GLY C 17 -1.37 25.17 6.83
N PRO C 18 -2.56 25.68 7.18
CA PRO C 18 -3.45 26.36 6.22
C PRO C 18 -2.83 27.68 5.72
N GLY C 20 -2.16 31.63 4.91
CA GLY C 20 -2.36 32.81 5.73
C GLY C 20 -3.52 33.67 5.25
N PRO C 21 -4.06 34.52 6.15
CA PRO C 21 -5.15 35.44 5.81
C PRO C 21 -4.75 36.46 4.76
N GLY D 2 7.95 -11.24 27.77
CA GLY D 2 7.11 -10.19 28.32
C GLY D 2 6.19 -9.57 27.27
N PRO D 3 5.26 -8.70 27.71
CA PRO D 3 4.31 -8.05 26.82
C PRO D 3 4.95 -6.92 26.01
N GLY D 5 5.80 -3.24 24.41
CA GLY D 5 5.91 -1.93 25.04
C GLY D 5 4.72 -1.01 24.75
N PRO D 6 4.76 0.21 25.29
CA PRO D 6 3.68 1.19 25.10
C PRO D 6 3.87 1.96 23.79
N GLY D 8 4.63 4.81 21.10
CA GLY D 8 5.66 5.85 21.03
C GLY D 8 5.06 7.24 20.92
N LEU D 9 5.93 8.23 20.73
CA LEU D 9 5.52 9.61 20.63
C LEU D 9 4.99 9.93 19.23
N GLY D 11 4.14 11.99 15.62
CA GLY D 11 5.01 12.59 14.65
C GLY D 11 5.23 14.09 14.87
N GLU D 12 6.20 14.65 14.15
CA GLU D 12 6.55 16.05 14.30
C GLU D 12 5.55 16.93 13.57
N ASN D 13 5.50 18.19 13.97
CA ASN D 13 4.61 19.18 13.40
C ASN D 13 4.99 19.43 11.94
N GLY D 14 3.99 19.45 11.07
CA GLY D 14 4.21 19.69 9.66
C GLY D 14 4.62 21.12 9.35
N PRO D 15 5.07 21.39 8.11
CA PRO D 15 5.56 22.70 7.69
C PRO D 15 4.50 23.80 7.84
N GLY D 17 2.07 27.10 7.08
CA GLY D 17 1.31 27.47 5.91
C GLY D 17 1.97 28.59 5.08
N PRO D 18 1.63 28.68 3.79
CA PRO D 18 2.18 29.69 2.90
C PRO D 18 1.60 31.08 3.17
N GLY D 20 -0.34 34.50 2.94
CA GLY D 20 -1.63 34.83 2.35
C GLY D 20 -1.49 35.85 1.21
N PRO D 21 -2.24 35.69 0.09
CA PRO D 21 -2.19 36.58 -1.07
C PRO D 21 -2.50 38.03 -0.69
#